data_1JQJ
#
_entry.id   1JQJ
#
_cell.length_a   198.836
_cell.length_b   99.293
_cell.length_c   113.023
_cell.angle_alpha   90.0
_cell.angle_beta   119.165
_cell.angle_gamma   90
#
_symmetry.space_group_name_H-M   'C 1 2 1'
#
loop_
_entity.id
_entity.type
_entity.pdbx_description
1 polymer 'DNA polymerase III, beta chain'
2 polymer 'DNA polymerase III, delta subunit'
#
loop_
_entity_poly.entity_id
_entity_poly.type
_entity_poly.pdbx_seq_one_letter_code
_entity_poly.pdbx_strand_id
1 'polypeptide(L)'
;MKFTVEREHLLKPLQQVSGPLGGRPTLPILGNLLLQVADGTLSLTGTDLEMEMVARVALVQPHEPGATTVPARKFFDICR
GLPEGAEIAVQLEGERMLVRSGRSRFSLSTLPAADFPNLDDWQSEVEFTLPQATMKRLIEATQFSMAHQDVRYYLNGMLF
ETEGEELRTVATDGHRLAVCSMPIGQSLPSHSVIVPRKGVIELMRMLDGGDNPLRVQIGSNNIRAHVGDFIFTSKLVDGR
FPDYRRVLPKNPDKHLEAGCDLLKQAFARAAAASNEKFRGVRLYVSENQLKITANNPEQEEAEEILDVTYSGAEMEIGFN
VSYVLDVLNALKCENVRMMLTDSVSSVQIEDAASQSAAYVVMPMRL
;
A,B
2 'polypeptide(L)'
;MIRLYPEQLRAQLNEGLRAAYLLLGNDPLLLQESQDAVRQVAAAQGFEEHHTFSIDPNTDWNAIFSLCQAMSLFASRQTL
LLLLPENGPNAAINEQLLTLTGLLHDDLLLIVRGNKLSKAQENAAWFTALANRSVQVTCQTPEQAQLPRWVAARAKQLNL
ELDDAANQVLCYCYEGNLLALAQALERLSLLWPDGKLTLPRVEQAVNDAAHFTPFHWVDALLMGKSKRALHILQQLRLEG
SEPVILLRTLQRELLLLVNLKRQSAHTPLRALFDKHRVWQNRRGMMGEALNRLSQTQLRQAVQLLTRTELTLKQDYGQSV
WAELEGLSLLLCHKPLADVFIDG
;
C,D
#
# COMPACT_ATOMS: atom_id res chain seq x y z
N MET A 1 25.02 -8.79 47.69
CA MET A 1 25.36 -8.08 46.43
C MET A 1 26.17 -6.81 46.68
N LYS A 2 26.92 -6.39 45.65
CA LYS A 2 27.74 -5.20 45.75
C LYS A 2 28.13 -4.70 44.38
N PHE A 3 28.12 -3.38 44.22
CA PHE A 3 28.47 -2.76 42.96
C PHE A 3 28.85 -1.32 43.23
N THR A 4 29.58 -0.70 42.30
CA THR A 4 29.97 0.70 42.44
C THR A 4 30.07 1.36 41.09
N VAL A 5 29.49 2.56 41.00
CA VAL A 5 29.51 3.33 39.76
C VAL A 5 29.19 4.79 40.04
N GLU A 6 29.58 5.66 39.12
CA GLU A 6 29.36 7.10 39.22
C GLU A 6 27.95 7.50 39.68
N ARG A 7 27.73 8.80 39.83
CA ARG A 7 26.44 9.33 40.24
C ARG A 7 25.70 9.79 38.99
N GLU A 8 26.28 9.51 37.83
CA GLU A 8 25.67 9.92 36.57
C GLU A 8 25.00 8.70 35.92
N HIS A 9 25.74 7.62 35.78
CA HIS A 9 25.20 6.41 35.18
C HIS A 9 24.15 5.81 36.10
N LEU A 10 23.84 6.52 37.18
CA LEU A 10 22.85 6.03 38.13
C LEU A 10 21.64 6.95 38.28
N LEU A 11 21.86 8.25 38.49
CA LEU A 11 20.73 9.15 38.67
C LEU A 11 19.77 9.11 37.49
N LYS A 12 20.28 9.20 36.27
CA LYS A 12 19.41 9.14 35.10
C LYS A 12 18.60 7.85 35.14
N PRO A 13 19.27 6.69 35.23
CA PRO A 13 18.52 5.44 35.27
C PRO A 13 17.57 5.41 36.45
N LEU A 14 18.10 5.71 37.64
CA LEU A 14 17.31 5.73 38.86
C LEU A 14 16.17 6.74 38.83
N GLN A 15 16.19 7.64 37.85
CA GLN A 15 15.16 8.65 37.74
C GLN A 15 14.03 8.14 36.82
N GLN A 16 14.39 7.44 35.76
CA GLN A 16 13.42 6.89 34.81
C GLN A 16 12.65 5.69 35.35
N VAL A 17 13.31 4.86 36.16
CA VAL A 17 12.70 3.67 36.73
C VAL A 17 11.70 3.98 37.84
N SER A 18 11.91 5.07 38.54
CA SER A 18 11.01 5.45 39.61
C SER A 18 10.26 6.72 39.24
N GLY A 19 10.51 7.21 38.03
CA GLY A 19 9.85 8.42 37.56
C GLY A 19 8.34 8.41 37.73
N PRO A 20 7.64 7.50 37.03
CA PRO A 20 6.18 7.43 37.13
C PRO A 20 5.68 7.14 38.54
N LEU A 21 6.32 6.21 39.22
CA LEU A 21 5.94 5.90 40.59
C LEU A 21 6.40 7.02 41.52
N GLY A 22 5.99 6.97 42.78
CA GLY A 22 6.38 8.00 43.73
C GLY A 22 5.18 8.57 44.45
N GLY A 23 5.05 8.21 45.72
CA GLY A 23 3.93 8.68 46.51
C GLY A 23 3.85 7.95 47.83
N ARG A 24 2.63 7.59 48.22
CA ARG A 24 2.38 6.87 49.46
C ARG A 24 1.93 5.46 49.07
N PRO A 25 2.80 4.70 48.38
CA PRO A 25 2.47 3.34 47.95
C PRO A 25 1.70 2.53 48.98
N THR A 26 1.06 1.46 48.53
CA THR A 26 0.30 0.60 49.41
C THR A 26 1.28 -0.06 50.34
N LEU A 27 1.60 -1.29 49.98
CA LEU A 27 2.54 -2.11 50.72
C LEU A 27 3.91 -1.50 50.48
N PRO A 28 4.83 -1.67 51.42
CA PRO A 28 6.17 -1.12 51.28
C PRO A 28 6.92 -1.69 50.09
N ILE A 29 6.46 -2.82 49.58
CA ILE A 29 7.10 -3.47 48.46
C ILE A 29 6.84 -2.76 47.13
N LEU A 30 5.69 -2.11 47.04
CA LEU A 30 5.29 -1.38 45.83
C LEU A 30 6.03 -0.07 45.63
N GLY A 31 6.54 0.47 46.73
CA GLY A 31 7.27 1.73 46.66
C GLY A 31 8.77 1.48 46.67
N ASN A 32 9.16 0.22 46.50
CA ASN A 32 10.57 -0.17 46.50
C ASN A 32 11.05 -0.58 45.11
N LEU A 33 12.35 -0.40 44.86
CA LEU A 33 12.98 -0.77 43.61
C LEU A 33 13.57 -2.16 43.73
N LEU A 34 13.97 -2.72 42.61
CA LEU A 34 14.56 -4.04 42.63
C LEU A 34 15.97 -3.90 42.09
N LEU A 35 16.96 -4.14 42.95
CA LEU A 35 18.34 -4.06 42.52
C LEU A 35 18.87 -5.48 42.34
N GLN A 36 19.50 -5.72 41.19
CA GLN A 36 20.08 -7.02 40.86
C GLN A 36 21.41 -6.80 40.19
N VAL A 37 22.29 -7.79 40.31
CA VAL A 37 23.61 -7.72 39.70
C VAL A 37 23.94 -9.13 39.21
N ALA A 38 24.36 -9.23 37.96
CA ALA A 38 24.72 -10.51 37.35
C ALA A 38 25.32 -10.28 35.98
N ASP A 39 26.20 -11.18 35.54
CA ASP A 39 26.84 -11.09 34.23
C ASP A 39 27.47 -9.72 33.98
N GLY A 40 27.74 -8.98 35.04
CA GLY A 40 28.35 -7.67 34.88
C GLY A 40 27.34 -6.60 34.53
N THR A 41 26.12 -6.74 35.04
CA THR A 41 25.07 -5.77 34.78
C THR A 41 24.12 -5.60 35.96
N LEU A 42 23.90 -4.34 36.33
CA LEU A 42 22.99 -3.98 37.41
C LEU A 42 21.65 -3.63 36.76
N SER A 43 20.58 -4.23 37.25
CA SER A 43 19.27 -3.95 36.67
C SER A 43 18.28 -3.39 37.66
N LEU A 44 17.87 -2.14 37.46
CA LEU A 44 16.90 -1.49 38.33
C LEU A 44 15.50 -1.77 37.81
N THR A 45 14.55 -1.94 38.71
CA THR A 45 13.19 -2.25 38.31
C THR A 45 12.17 -1.62 39.24
N GLY A 46 11.25 -0.86 38.66
CA GLY A 46 10.22 -0.23 39.44
C GLY A 46 8.89 -0.70 38.90
N THR A 47 7.86 -0.75 39.73
CA THR A 47 6.55 -1.19 39.27
C THR A 47 5.43 -0.76 40.17
N ASP A 48 4.24 -0.61 39.58
CA ASP A 48 3.05 -0.23 40.32
C ASP A 48 1.94 -1.20 39.97
N LEU A 49 2.35 -2.39 39.54
CA LEU A 49 1.47 -3.49 39.15
C LEU A 49 0.40 -3.10 38.13
N GLU A 50 0.78 -2.26 37.18
CA GLU A 50 -0.03 -1.78 36.07
C GLU A 50 1.03 -1.70 35.00
N MET A 51 2.17 -1.08 35.34
CA MET A 51 3.27 -1.00 34.40
C MET A 51 4.57 -1.05 35.20
N GLU A 52 5.69 -1.30 34.51
CA GLU A 52 6.98 -1.35 35.20
C GLU A 52 8.14 -1.01 34.30
N MET A 53 8.97 -0.08 34.77
CA MET A 53 10.15 0.35 34.03
C MET A 53 11.36 -0.44 34.56
N VAL A 54 12.31 -0.74 33.68
CA VAL A 54 13.49 -1.49 34.05
C VAL A 54 14.72 -0.96 33.33
N ALA A 55 15.66 -0.39 34.08
CA ALA A 55 16.88 0.15 33.50
C ALA A 55 18.00 -0.89 33.58
N ARG A 56 18.82 -0.93 32.53
CA ARG A 56 19.93 -1.85 32.48
C ARG A 56 21.21 -1.04 32.49
N VAL A 57 22.11 -1.33 33.43
CA VAL A 57 23.38 -0.61 33.52
C VAL A 57 24.53 -1.60 33.69
N ALA A 58 25.46 -1.59 32.75
CA ALA A 58 26.62 -2.48 32.81
C ALA A 58 27.59 -1.91 33.83
N LEU A 59 27.88 -2.70 34.86
CA LEU A 59 28.78 -2.27 35.91
C LEU A 59 30.24 -2.33 35.48
N VAL A 60 30.80 -1.16 35.22
CA VAL A 60 32.18 -1.04 34.79
C VAL A 60 33.14 -1.41 35.91
N GLN A 61 33.00 -0.72 37.04
CA GLN A 61 33.81 -0.93 38.23
C GLN A 61 33.37 -2.25 38.91
N PRO A 62 34.10 -2.69 39.96
CA PRO A 62 33.80 -3.93 40.70
C PRO A 62 32.31 -4.22 40.95
N HIS A 63 31.89 -5.43 40.61
CA HIS A 63 30.50 -5.86 40.81
C HIS A 63 30.41 -7.22 41.47
N GLU A 64 29.20 -7.59 41.90
CA GLU A 64 28.97 -8.88 42.55
C GLU A 64 27.49 -9.22 42.67
N PRO A 65 27.14 -10.49 42.39
CA PRO A 65 25.79 -11.05 42.43
C PRO A 65 24.96 -10.68 43.67
N GLY A 66 23.64 -10.74 43.53
CA GLY A 66 22.75 -10.41 44.62
C GLY A 66 21.46 -9.73 44.19
N ALA A 67 20.41 -9.89 44.99
CA ALA A 67 19.11 -9.31 44.69
C ALA A 67 18.46 -8.69 45.94
N THR A 68 18.25 -7.39 45.92
CA THR A 68 17.67 -6.70 47.05
C THR A 68 16.57 -5.71 46.65
N THR A 69 15.71 -5.35 47.60
CA THR A 69 14.60 -4.44 47.37
C THR A 69 14.67 -3.23 48.30
N VAL A 70 15.40 -2.20 47.90
CA VAL A 70 15.52 -0.99 48.71
C VAL A 70 14.45 0.01 48.32
N PRO A 71 14.10 0.92 49.23
CA PRO A 71 13.08 1.93 48.94
C PRO A 71 13.47 2.78 47.74
N ALA A 72 12.47 3.40 47.10
CA ALA A 72 12.70 4.23 45.92
C ALA A 72 12.94 5.71 46.23
N ARG A 73 11.95 6.36 46.82
CA ARG A 73 12.06 7.76 47.18
C ARG A 73 13.41 8.00 47.85
N LYS A 74 13.63 7.32 48.96
CA LYS A 74 14.87 7.44 49.73
C LYS A 74 16.09 7.22 48.82
N PHE A 75 16.31 5.98 48.40
CA PHE A 75 17.46 5.62 47.56
C PHE A 75 17.78 6.59 46.42
N PHE A 76 16.79 7.34 45.94
CA PHE A 76 17.02 8.28 44.86
C PHE A 76 17.50 9.65 45.32
N ASP A 77 16.82 10.21 46.33
CA ASP A 77 17.21 11.50 46.87
C ASP A 77 18.67 11.47 47.27
N ILE A 78 19.05 10.46 48.04
CA ILE A 78 20.43 10.28 48.52
C ILE A 78 21.44 10.45 47.39
N CYS A 79 21.41 9.55 46.42
CA CYS A 79 22.33 9.61 45.29
C CYS A 79 22.16 10.93 44.52
N ARG A 80 20.95 11.47 44.52
CA ARG A 80 20.68 12.73 43.82
C ARG A 80 21.14 13.92 44.67
N GLY A 81 21.25 13.71 45.97
CA GLY A 81 21.68 14.75 46.88
C GLY A 81 23.11 14.54 47.36
N LEU A 82 24.03 14.39 46.40
CA LEU A 82 25.44 14.19 46.70
C LEU A 82 26.32 14.93 45.69
N PRO A 83 27.63 15.00 45.95
CA PRO A 83 28.56 15.70 45.04
C PRO A 83 28.56 15.09 43.63
N GLU A 84 28.06 15.87 42.66
CA GLU A 84 27.99 15.42 41.27
C GLU A 84 29.34 15.04 40.69
N GLY A 85 29.59 13.73 40.66
CA GLY A 85 30.84 13.19 40.16
C GLY A 85 31.34 12.14 41.14
N ALA A 86 30.71 12.11 42.31
CA ALA A 86 31.07 11.16 43.35
C ALA A 86 30.60 9.76 42.97
N GLU A 87 31.36 8.75 43.38
CA GLU A 87 31.00 7.37 43.09
C GLU A 87 30.17 6.82 44.24
N ILE A 88 29.33 5.82 43.93
CA ILE A 88 28.49 5.21 44.94
C ILE A 88 28.73 3.70 45.03
N ALA A 89 29.05 3.25 46.25
CA ALA A 89 29.31 1.85 46.52
C ALA A 89 28.19 1.26 47.36
N VAL A 90 27.40 0.39 46.75
CA VAL A 90 26.28 -0.24 47.42
C VAL A 90 26.59 -1.71 47.69
N GLN A 91 26.27 -2.18 48.89
CA GLN A 91 26.49 -3.57 49.25
C GLN A 91 25.40 -4.06 50.22
N LEU A 92 24.82 -5.22 49.91
CA LEU A 92 23.76 -5.81 50.71
C LEU A 92 24.28 -6.43 51.99
N GLU A 93 24.07 -5.72 53.10
CA GLU A 93 24.52 -6.17 54.42
C GLU A 93 23.42 -6.90 55.19
N GLY A 94 23.31 -8.21 54.97
CA GLY A 94 22.33 -9.01 55.68
C GLY A 94 20.88 -8.58 55.54
N GLU A 95 20.56 -7.36 55.97
CA GLU A 95 19.20 -6.84 55.88
C GLU A 95 19.18 -5.33 55.71
N ARG A 96 20.29 -4.77 55.26
CA ARG A 96 20.41 -3.33 55.04
C ARG A 96 21.18 -3.04 53.74
N MET A 97 20.97 -1.85 53.18
CA MET A 97 21.64 -1.47 51.95
C MET A 97 22.71 -0.43 52.23
N LEU A 98 23.94 -0.90 52.46
CA LEU A 98 25.04 0.00 52.75
C LEU A 98 25.50 0.76 51.52
N VAL A 99 25.52 2.09 51.64
CA VAL A 99 25.94 2.97 50.54
C VAL A 99 27.19 3.73 50.97
N ARG A 100 27.94 4.27 50.03
CA ARG A 100 29.14 5.04 50.34
C ARG A 100 29.56 6.02 49.25
N SER A 101 29.31 7.31 49.48
CA SER A 101 29.70 8.35 48.52
C SER A 101 30.86 9.13 49.18
N GLY A 102 32.05 8.53 49.13
CA GLY A 102 33.22 9.11 49.75
C GLY A 102 33.23 8.49 51.14
N ARG A 103 32.58 9.18 52.08
CA ARG A 103 32.43 8.69 53.44
C ARG A 103 31.02 9.06 53.87
N SER A 104 30.29 9.67 52.93
CA SER A 104 28.91 10.05 53.15
C SER A 104 28.16 8.74 52.94
N ARG A 105 28.31 7.81 53.88
CA ARG A 105 27.67 6.51 53.77
C ARG A 105 26.36 6.34 54.54
N PHE A 106 25.36 5.80 53.84
CA PHE A 106 24.04 5.58 54.41
C PHE A 106 23.73 4.09 54.54
N SER A 107 22.55 3.80 55.09
CA SER A 107 22.07 2.44 55.29
C SER A 107 20.54 2.44 55.14
N LEU A 108 20.04 1.72 54.14
CA LEU A 108 18.60 1.65 53.86
C LEU A 108 17.93 0.35 54.30
N SER A 109 16.73 0.47 54.86
CA SER A 109 15.96 -0.68 55.29
C SER A 109 15.51 -1.36 54.00
N THR A 110 15.63 -2.69 53.93
CA THR A 110 15.27 -3.37 52.70
C THR A 110 14.48 -4.68 52.84
N LEU A 111 13.47 -4.83 51.98
CA LEU A 111 12.62 -6.03 51.95
C LEU A 111 13.20 -6.99 50.91
N PRO A 112 13.01 -8.30 51.09
CA PRO A 112 13.53 -9.27 50.13
C PRO A 112 13.08 -9.07 48.69
N ALA A 113 13.96 -9.37 47.75
CA ALA A 113 13.64 -9.23 46.34
C ALA A 113 12.87 -10.47 45.93
N ALA A 114 12.72 -11.39 46.87
CA ALA A 114 12.02 -12.62 46.64
C ALA A 114 10.54 -12.37 46.87
N ASP A 115 10.21 -11.12 47.14
CA ASP A 115 8.84 -10.72 47.38
C ASP A 115 8.34 -9.73 46.34
N PHE A 116 9.26 -9.22 45.52
CA PHE A 116 8.92 -8.25 44.49
C PHE A 116 7.96 -8.88 43.49
N PRO A 117 6.95 -8.11 43.06
CA PRO A 117 5.98 -8.62 42.11
C PRO A 117 6.29 -8.12 40.69
N ASN A 118 7.33 -8.66 40.06
CA ASN A 118 7.65 -8.23 38.72
C ASN A 118 6.61 -8.86 37.80
N LEU A 119 6.09 -8.06 36.86
CA LEU A 119 5.09 -8.56 35.93
C LEU A 119 5.60 -9.88 35.38
N ASP A 120 5.41 -10.96 36.16
CA ASP A 120 5.84 -12.30 35.74
C ASP A 120 5.65 -12.33 34.21
N ASP A 121 6.77 -12.44 33.50
CA ASP A 121 6.73 -12.44 32.04
C ASP A 121 5.62 -13.19 31.32
N TRP A 122 5.36 -12.74 30.09
CA TRP A 122 4.30 -13.22 29.18
C TRP A 122 4.84 -13.26 27.71
N GLN A 123 3.97 -13.73 26.82
CA GLN A 123 4.28 -13.90 25.39
C GLN A 123 4.05 -12.79 24.32
N SER A 124 5.13 -12.23 23.78
CA SER A 124 5.06 -11.19 22.74
C SER A 124 4.32 -11.69 21.48
N GLU A 125 3.55 -10.80 20.85
CA GLU A 125 2.74 -11.20 19.67
C GLU A 125 2.73 -10.36 18.38
N VAL A 126 3.54 -9.34 18.37
CA VAL A 126 3.80 -8.45 17.24
C VAL A 126 4.97 -7.67 17.76
N GLU A 127 5.68 -7.00 16.89
CA GLU A 127 6.82 -6.18 17.29
C GLU A 127 7.18 -5.42 16.01
N PHE A 128 7.82 -4.28 16.20
CA PHE A 128 8.19 -3.40 15.12
C PHE A 128 8.90 -2.20 15.72
N THR A 129 9.44 -1.37 14.85
CA THR A 129 10.16 -0.20 15.32
C THR A 129 9.65 1.02 14.59
N LEU A 130 10.09 2.20 15.02
CA LEU A 130 9.67 3.44 14.39
C LEU A 130 10.21 4.60 15.20
N PRO A 131 10.77 5.61 14.53
CA PRO A 131 11.33 6.77 15.21
C PRO A 131 10.48 7.20 16.40
N GLN A 132 11.14 7.71 17.44
CA GLN A 132 10.41 8.17 18.61
C GLN A 132 9.39 9.22 18.17
N ALA A 133 9.89 10.35 17.68
CA ALA A 133 9.06 11.45 17.22
C ALA A 133 7.75 11.03 16.54
N THR A 134 7.79 9.98 15.73
CA THR A 134 6.57 9.49 15.09
C THR A 134 5.66 8.88 16.15
N MET A 135 6.22 7.98 16.94
CA MET A 135 5.45 7.35 17.99
C MET A 135 5.04 8.41 18.98
N LYS A 136 5.68 9.56 18.90
CA LYS A 136 5.36 10.66 19.80
C LYS A 136 4.11 11.35 19.29
N ARG A 137 4.22 12.01 18.14
CA ARG A 137 3.12 12.73 17.51
C ARG A 137 1.81 11.94 17.59
N LEU A 138 1.88 10.65 17.31
CA LEU A 138 0.68 9.82 17.38
C LEU A 138 -0.03 10.02 18.71
N ILE A 139 0.74 10.19 19.77
CA ILE A 139 0.15 10.40 21.08
C ILE A 139 -0.37 11.82 21.12
N GLU A 140 0.54 12.78 21.12
CA GLU A 140 0.19 14.19 21.13
C GLU A 140 -1.10 14.50 20.35
N ALA A 141 -1.19 13.98 19.14
CA ALA A 141 -2.35 14.24 18.30
C ALA A 141 -3.68 13.74 18.81
N THR A 142 -3.71 12.87 19.81
CA THR A 142 -4.99 12.31 20.29
C THR A 142 -5.19 12.27 21.80
N GLN A 143 -4.09 12.35 22.54
CA GLN A 143 -4.08 12.30 24.00
C GLN A 143 -5.10 13.15 24.77
N PHE A 144 -5.32 14.38 24.31
CA PHE A 144 -6.27 15.29 24.99
C PHE A 144 -7.70 14.82 24.89
N SER A 145 -7.97 13.89 23.99
CA SER A 145 -9.34 13.46 23.81
C SER A 145 -9.72 12.22 24.60
N MET A 146 -8.80 11.71 25.41
CA MET A 146 -9.15 10.52 26.17
C MET A 146 -9.84 10.83 27.46
N ALA A 147 -10.96 10.16 27.67
CA ALA A 147 -11.74 10.36 28.87
C ALA A 147 -10.89 10.33 30.12
N HIS A 148 -11.43 10.88 31.20
CA HIS A 148 -10.74 10.90 32.45
C HIS A 148 -11.77 10.42 33.46
N GLN A 149 -11.52 9.25 34.04
CA GLN A 149 -12.41 8.67 35.04
C GLN A 149 -13.84 8.39 34.57
N ASP A 150 -14.00 7.91 33.36
CA ASP A 150 -15.32 7.56 32.83
C ASP A 150 -15.57 6.15 33.37
N VAL A 151 -16.82 5.86 33.72
CA VAL A 151 -17.22 4.55 34.20
C VAL A 151 -17.04 3.52 33.06
N ARG A 152 -17.03 4.00 31.81
CA ARG A 152 -16.82 3.14 30.65
C ARG A 152 -15.33 3.12 30.60
N TYR A 153 -14.74 2.30 31.49
CA TYR A 153 -13.29 2.22 31.66
C TYR A 153 -12.41 2.14 30.44
N TYR A 154 -12.93 1.60 29.33
CA TYR A 154 -12.12 1.50 28.13
C TYR A 154 -11.84 2.84 27.53
N LEU A 155 -12.64 3.85 27.87
CA LEU A 155 -12.40 5.17 27.29
C LEU A 155 -11.29 5.91 27.98
N ASN A 156 -11.02 5.53 29.25
CA ASN A 156 -9.97 6.13 30.08
C ASN A 156 -8.59 5.78 29.55
N GLY A 157 -8.54 5.31 28.32
CA GLY A 157 -7.25 5.01 27.76
C GLY A 157 -7.25 5.13 26.28
N MET A 158 -6.11 5.36 25.67
CA MET A 158 -6.03 5.45 24.23
C MET A 158 -5.94 4.06 23.59
N LEU A 159 -6.42 3.94 22.36
CA LEU A 159 -6.35 2.69 21.64
C LEU A 159 -5.19 2.78 20.69
N PHE A 160 -4.58 1.64 20.38
CA PHE A 160 -3.47 1.59 19.44
C PHE A 160 -3.81 0.48 18.50
N GLU A 161 -3.62 0.70 17.21
CA GLU A 161 -3.87 -0.35 16.27
C GLU A 161 -3.00 -0.24 15.04
N THR A 162 -2.68 -1.41 14.49
CA THR A 162 -1.84 -1.45 13.33
C THR A 162 -2.51 -2.30 12.27
N GLU A 163 -2.53 -1.75 11.07
CA GLU A 163 -3.08 -2.46 9.94
C GLU A 163 -2.32 -1.83 8.81
N GLY A 164 -1.91 -2.65 7.85
CA GLY A 164 -1.12 -2.13 6.75
C GLY A 164 0.24 -1.83 7.32
N GLU A 165 0.82 -0.70 6.94
CA GLU A 165 2.11 -0.27 7.44
C GLU A 165 1.84 1.06 8.09
N GLU A 166 0.68 1.13 8.73
CA GLU A 166 0.20 2.32 9.39
C GLU A 166 -0.15 1.99 10.82
N LEU A 167 0.29 2.86 11.72
CA LEU A 167 0.05 2.78 13.16
C LEU A 167 -0.91 3.94 13.43
N ARG A 168 -2.02 3.67 14.11
CA ARG A 168 -2.95 4.74 14.41
C ARG A 168 -3.57 4.65 15.77
N THR A 169 -3.48 5.74 16.52
CA THR A 169 -4.09 5.77 17.84
C THR A 169 -5.41 6.53 17.75
N VAL A 170 -6.29 6.28 18.70
CA VAL A 170 -7.56 6.98 18.73
C VAL A 170 -8.04 7.08 20.19
N ALA A 171 -8.39 8.29 20.64
CA ALA A 171 -8.88 8.56 22.00
C ALA A 171 -10.31 9.13 21.95
N THR A 172 -11.10 8.95 23.01
CA THR A 172 -12.46 9.47 22.97
C THR A 172 -13.32 9.44 24.25
N ASP A 173 -13.82 10.59 24.68
CA ASP A 173 -14.69 10.62 25.86
C ASP A 173 -16.18 10.53 25.56
N GLY A 174 -16.53 10.22 24.30
CA GLY A 174 -17.94 10.10 23.93
C GLY A 174 -18.74 11.38 23.74
N HIS A 175 -18.05 12.45 23.37
CA HIS A 175 -18.57 13.79 23.13
C HIS A 175 -17.65 14.27 22.00
N ARG A 176 -16.34 14.10 22.17
CA ARG A 176 -15.39 14.40 21.11
C ARG A 176 -14.47 13.17 20.90
N LEU A 177 -13.85 13.08 19.73
CA LEU A 177 -13.01 11.96 19.37
C LEU A 177 -11.80 12.42 18.63
N ALA A 178 -10.70 11.69 18.76
CA ALA A 178 -9.45 12.04 18.07
C ALA A 178 -8.86 10.77 17.44
N VAL A 179 -8.22 10.95 16.28
CA VAL A 179 -7.62 9.87 15.51
C VAL A 179 -6.41 10.37 14.74
N CYS A 180 -5.34 9.57 14.74
CA CYS A 180 -4.12 9.92 14.05
C CYS A 180 -3.55 8.62 13.51
N SER A 181 -3.05 8.66 12.27
CA SER A 181 -2.46 7.50 11.61
C SER A 181 -1.10 7.92 11.15
N MET A 182 -0.15 6.99 11.21
CA MET A 182 1.23 7.27 10.81
C MET A 182 1.85 6.08 10.12
N PRO A 183 2.87 6.34 9.28
CA PRO A 183 3.59 5.30 8.55
C PRO A 183 4.81 4.82 9.34
N ILE A 184 4.79 3.55 9.75
CA ILE A 184 5.88 2.96 10.53
C ILE A 184 7.08 2.58 9.67
N GLY A 185 6.81 1.87 8.57
CA GLY A 185 7.86 1.43 7.67
C GLY A 185 7.93 -0.08 7.53
N GLN A 186 7.02 -0.80 8.17
CA GLN A 186 6.97 -2.26 8.15
C GLN A 186 5.53 -2.75 7.98
N SER A 187 5.31 -3.74 7.12
CA SER A 187 3.95 -4.26 6.93
C SER A 187 3.60 -5.16 8.10
N LEU A 188 2.72 -4.68 8.98
CA LEU A 188 2.34 -5.46 10.16
C LEU A 188 0.94 -6.01 10.12
N PRO A 189 0.70 -7.14 10.82
CA PRO A 189 -0.60 -7.81 10.88
C PRO A 189 -1.59 -6.83 11.46
N SER A 190 -2.79 -7.28 11.80
CA SER A 190 -3.75 -6.34 12.32
C SER A 190 -4.24 -6.69 13.70
N HIS A 191 -3.86 -5.86 14.66
CA HIS A 191 -4.25 -6.06 16.04
C HIS A 191 -4.55 -4.68 16.64
N SER A 192 -5.45 -4.63 17.62
CA SER A 192 -5.83 -3.37 18.29
C SER A 192 -5.93 -3.47 19.82
N VAL A 193 -5.07 -2.74 20.51
CA VAL A 193 -5.07 -2.78 21.98
C VAL A 193 -5.32 -1.44 22.66
N ILE A 194 -5.83 -1.50 23.89
CA ILE A 194 -6.10 -0.30 24.66
C ILE A 194 -5.02 -0.02 25.73
N VAL A 195 -4.13 0.91 25.44
CA VAL A 195 -3.11 1.32 26.41
C VAL A 195 -3.83 2.32 27.37
N PRO A 196 -3.66 2.18 28.69
CA PRO A 196 -4.32 3.08 29.66
C PRO A 196 -3.76 4.52 29.88
N ARG A 197 -4.42 5.30 30.74
CA ARG A 197 -3.99 6.68 31.05
C ARG A 197 -2.49 6.66 31.33
N LYS A 198 -2.17 6.31 32.58
CA LYS A 198 -0.80 6.20 33.09
C LYS A 198 0.18 5.61 32.08
N GLY A 199 -0.17 4.45 31.50
CA GLY A 199 0.69 3.81 30.51
C GLY A 199 1.05 4.70 29.33
N VAL A 200 0.06 5.43 28.81
CA VAL A 200 0.28 6.34 27.69
C VAL A 200 1.14 7.49 28.18
N ILE A 201 0.86 7.95 29.39
CA ILE A 201 1.62 9.04 29.98
C ILE A 201 3.09 8.62 30.04
N GLU A 202 3.34 7.47 30.67
CA GLU A 202 4.70 6.98 30.78
C GLU A 202 5.31 6.83 29.42
N LEU A 203 4.65 6.10 28.53
CA LEU A 203 5.19 5.91 27.19
C LEU A 203 5.54 7.25 26.59
N MET A 204 4.70 8.25 26.83
CA MET A 204 4.94 9.58 26.30
C MET A 204 6.20 10.14 26.93
N ARG A 205 6.36 9.87 28.21
CA ARG A 205 7.52 10.33 28.97
C ARG A 205 8.86 9.92 28.34
N MET A 206 9.25 8.66 28.52
CA MET A 206 10.51 8.15 27.97
C MET A 206 10.87 8.72 26.59
N LEU A 207 9.87 8.91 25.73
CA LEU A 207 10.11 9.45 24.39
C LEU A 207 10.73 10.84 24.52
N ASP A 208 11.79 11.11 23.75
CA ASP A 208 12.45 12.40 23.83
C ASP A 208 13.48 12.73 22.74
N GLY A 209 13.30 12.16 21.56
CA GLY A 209 14.24 12.41 20.47
C GLY A 209 15.62 11.81 20.70
N GLY A 210 15.65 10.52 21.06
CA GLY A 210 16.91 9.82 21.30
C GLY A 210 17.26 8.88 20.16
N ASP A 211 18.56 8.71 19.91
CA ASP A 211 19.07 7.85 18.83
C ASP A 211 18.72 6.36 18.99
N ASN A 212 17.63 6.08 19.70
CA ASN A 212 17.20 4.70 19.93
C ASN A 212 15.78 4.52 19.43
N PRO A 213 15.58 4.53 18.11
CA PRO A 213 14.24 4.37 17.55
C PRO A 213 13.41 3.31 18.29
N LEU A 214 12.58 3.77 19.21
CA LEU A 214 11.72 2.90 20.00
C LEU A 214 11.30 1.59 19.34
N ARG A 215 11.47 0.49 20.06
CA ARG A 215 11.07 -0.83 19.58
C ARG A 215 9.80 -1.18 20.36
N VAL A 216 8.76 -1.63 19.67
CA VAL A 216 7.50 -1.92 20.33
C VAL A 216 7.06 -3.36 20.13
N GLN A 217 6.52 -3.97 21.18
CA GLN A 217 6.04 -5.35 21.14
C GLN A 217 4.62 -5.43 21.70
N ILE A 218 3.62 -5.60 20.86
CA ILE A 218 2.26 -5.69 21.38
C ILE A 218 2.03 -7.16 21.75
N GLY A 219 1.08 -7.45 22.62
CA GLY A 219 0.88 -8.84 22.99
C GLY A 219 -0.37 -9.17 23.77
N SER A 220 -0.48 -10.44 24.15
CA SER A 220 -1.61 -10.96 24.92
C SER A 220 -2.37 -9.90 25.70
N ASN A 221 -1.80 -9.46 26.82
CA ASN A 221 -2.40 -8.45 27.69
C ASN A 221 -1.29 -7.55 28.19
N ASN A 222 -0.31 -7.30 27.33
CA ASN A 222 0.82 -6.47 27.70
C ASN A 222 1.39 -5.83 26.46
N ILE A 223 2.18 -4.79 26.65
CA ILE A 223 2.83 -4.09 25.57
C ILE A 223 4.01 -3.42 26.22
N ARG A 224 5.17 -3.48 25.56
CA ARG A 224 6.37 -2.90 26.13
C ARG A 224 7.10 -2.05 25.08
N ALA A 225 7.96 -1.17 25.57
CA ALA A 225 8.72 -0.28 24.69
C ALA A 225 10.22 -0.15 25.02
N HIS A 226 11.08 -0.94 24.37
CA HIS A 226 12.52 -0.89 24.63
C HIS A 226 13.18 0.27 23.92
N VAL A 227 13.42 1.36 24.64
CA VAL A 227 14.06 2.55 24.08
C VAL A 227 15.47 2.68 24.62
N GLY A 228 16.40 1.99 23.97
CA GLY A 228 17.79 2.02 24.39
C GLY A 228 17.98 1.13 25.61
N ASP A 229 18.21 1.77 26.75
CA ASP A 229 18.41 1.09 28.02
C ASP A 229 17.13 0.90 28.83
N PHE A 230 16.18 1.83 28.70
CA PHE A 230 14.90 1.75 29.42
C PHE A 230 13.96 0.77 28.75
N ILE A 231 13.18 0.06 29.56
CA ILE A 231 12.21 -0.87 29.04
C ILE A 231 10.91 -0.73 29.83
N PHE A 232 10.03 0.15 29.33
CA PHE A 232 8.72 0.40 29.92
C PHE A 232 7.77 -0.69 29.49
N THR A 233 6.92 -1.14 30.39
CA THR A 233 5.94 -2.18 30.09
C THR A 233 4.66 -1.87 30.82
N SER A 234 3.54 -1.99 30.11
CA SER A 234 2.23 -1.73 30.68
C SER A 234 1.28 -2.84 30.34
N LYS A 235 0.35 -3.08 31.24
CA LYS A 235 -0.66 -4.08 30.99
C LYS A 235 -1.70 -3.34 30.10
N LEU A 236 -2.66 -4.04 29.53
CA LEU A 236 -3.63 -3.41 28.64
C LEU A 236 -5.03 -3.41 29.25
N VAL A 237 -5.87 -2.48 28.79
CA VAL A 237 -7.25 -2.39 29.25
C VAL A 237 -8.10 -3.29 28.35
N ASP A 238 -9.06 -3.98 28.92
CA ASP A 238 -9.86 -4.87 28.12
C ASP A 238 -11.33 -4.55 28.08
N GLY A 239 -11.83 -4.37 26.87
CA GLY A 239 -13.22 -4.06 26.67
C GLY A 239 -13.36 -3.64 25.23
N ARG A 240 -14.59 -3.53 24.75
CA ARG A 240 -14.82 -3.14 23.36
C ARG A 240 -14.70 -1.62 23.25
N PHE A 241 -13.67 -1.16 22.56
CA PHE A 241 -13.44 0.26 22.36
C PHE A 241 -14.16 0.71 21.09
N PRO A 242 -14.98 1.76 21.19
CA PRO A 242 -15.72 2.30 20.05
C PRO A 242 -14.98 2.26 18.72
N ASP A 243 -15.73 2.09 17.64
CA ASP A 243 -15.14 2.06 16.30
C ASP A 243 -15.04 3.47 15.75
N TYR A 244 -13.83 4.00 15.68
CA TYR A 244 -13.65 5.35 15.18
C TYR A 244 -14.32 5.60 13.82
N ARG A 245 -14.52 4.54 13.05
CA ARG A 245 -15.15 4.73 11.73
C ARG A 245 -16.66 4.94 11.78
N ARG A 246 -17.31 4.38 12.79
CA ARG A 246 -18.76 4.51 12.93
C ARG A 246 -19.19 5.86 13.48
N VAL A 247 -18.25 6.76 13.69
CA VAL A 247 -18.61 8.07 14.22
C VAL A 247 -18.35 9.16 13.22
N LEU A 248 -17.31 8.98 12.39
CA LEU A 248 -16.98 9.95 11.37
C LEU A 248 -18.28 10.33 10.68
N PRO A 249 -18.56 11.63 10.58
CA PRO A 249 -19.82 12.00 9.92
C PRO A 249 -19.99 11.29 8.60
N LYS A 250 -21.19 10.73 8.39
CA LYS A 250 -21.52 9.97 7.18
C LYS A 250 -22.10 10.88 6.08
N ASN A 251 -21.31 11.11 5.04
CA ASN A 251 -21.73 11.96 3.92
C ASN A 251 -22.28 13.29 4.41
N PRO A 252 -21.39 14.21 4.79
CA PRO A 252 -21.79 15.53 5.28
C PRO A 252 -21.89 16.50 4.11
N ASP A 253 -23.02 17.19 4.00
CA ASP A 253 -23.21 18.15 2.93
C ASP A 253 -22.38 19.43 3.14
N LYS A 254 -22.63 20.11 4.25
CA LYS A 254 -21.92 21.34 4.56
C LYS A 254 -20.41 21.17 4.77
N HIS A 255 -19.63 22.00 4.10
CA HIS A 255 -18.18 22.00 4.21
C HIS A 255 -17.73 23.45 4.36
N LEU A 256 -16.67 23.68 5.12
CA LEU A 256 -16.18 25.03 5.30
C LEU A 256 -14.69 24.96 5.56
N GLU A 257 -13.94 25.95 5.09
CA GLU A 257 -12.49 25.97 5.23
C GLU A 257 -12.07 27.37 5.73
N ALA A 258 -11.60 27.46 6.97
CA ALA A 258 -11.21 28.76 7.52
C ALA A 258 -9.75 28.84 7.89
N GLY A 259 -9.45 29.72 8.83
CA GLY A 259 -8.08 29.92 9.30
C GLY A 259 -7.92 29.34 10.70
N CYS A 260 -6.90 28.53 10.88
CA CYS A 260 -6.65 27.88 12.16
C CYS A 260 -6.58 28.85 13.32
N ASP A 261 -5.78 29.90 13.17
CA ASP A 261 -5.63 30.89 14.23
C ASP A 261 -6.71 31.95 14.21
N LEU A 262 -7.33 32.16 13.05
CA LEU A 262 -8.38 33.15 12.92
C LEU A 262 -9.62 32.65 13.64
N LEU A 263 -9.83 31.34 13.62
CA LEU A 263 -10.95 30.70 14.30
C LEU A 263 -10.64 30.63 15.79
N LYS A 264 -9.36 30.42 16.13
CA LYS A 264 -8.96 30.35 17.53
C LYS A 264 -9.45 31.64 18.15
N GLN A 265 -9.10 32.75 17.51
CA GLN A 265 -9.51 34.06 17.95
C GLN A 265 -11.01 34.00 18.14
N ALA A 266 -11.72 33.96 17.01
CA ALA A 266 -13.16 33.91 17.03
C ALA A 266 -13.65 33.23 18.32
N PHE A 267 -13.39 31.94 18.43
CA PHE A 267 -13.82 31.17 19.59
C PHE A 267 -13.28 31.67 20.93
N ALA A 268 -11.96 31.89 20.99
CA ALA A 268 -11.34 32.39 22.21
C ALA A 268 -12.02 33.69 22.64
N ARG A 269 -12.13 34.63 21.71
CA ARG A 269 -12.78 35.91 22.00
C ARG A 269 -14.16 35.64 22.57
N ALA A 270 -15.04 35.07 21.77
CA ALA A 270 -16.41 34.78 22.21
C ALA A 270 -16.41 34.03 23.54
N ALA A 271 -15.37 33.24 23.77
CA ALA A 271 -15.26 32.48 25.01
C ALA A 271 -15.29 33.46 26.18
N ALA A 272 -14.32 34.38 26.18
CA ALA A 272 -14.21 35.39 27.23
C ALA A 272 -15.45 36.29 27.22
N ALA A 273 -15.88 36.68 26.02
CA ALA A 273 -17.07 37.52 25.87
C ALA A 273 -18.23 36.84 26.59
N SER A 274 -18.09 35.53 26.81
CA SER A 274 -19.10 34.75 27.50
C SER A 274 -18.80 34.72 29.00
N ASN A 275 -19.55 35.54 29.73
CA ASN A 275 -19.40 35.64 31.18
C ASN A 275 -20.05 34.44 31.86
N GLU A 276 -20.97 33.78 31.14
CA GLU A 276 -21.69 32.59 31.62
C GLU A 276 -21.22 31.38 30.80
N LYS A 277 -19.95 31.03 31.01
CA LYS A 277 -19.26 29.95 30.33
C LYS A 277 -19.96 28.61 30.07
N PHE A 278 -21.08 28.32 30.74
CA PHE A 278 -21.73 27.04 30.50
C PHE A 278 -22.65 27.07 29.30
N ARG A 279 -22.73 28.23 28.65
CA ARG A 279 -23.60 28.38 27.48
C ARG A 279 -22.86 28.06 26.17
N GLY A 280 -21.53 27.99 26.22
CA GLY A 280 -20.73 27.67 25.05
C GLY A 280 -20.80 28.68 23.92
N VAL A 281 -20.12 28.35 22.82
CA VAL A 281 -20.07 29.19 21.61
C VAL A 281 -21.22 28.87 20.66
N ARG A 282 -21.58 29.82 19.81
CA ARG A 282 -22.64 29.62 18.83
C ARG A 282 -22.12 29.99 17.46
N LEU A 283 -21.99 29.01 16.57
CA LEU A 283 -21.50 29.25 15.23
C LEU A 283 -22.66 29.38 14.27
N TYR A 284 -22.57 30.37 13.40
CA TYR A 284 -23.58 30.60 12.37
C TYR A 284 -22.88 30.66 11.03
N VAL A 285 -22.94 29.56 10.29
CA VAL A 285 -22.32 29.51 8.98
C VAL A 285 -23.35 29.80 7.92
N SER A 286 -23.03 30.76 7.05
CA SER A 286 -23.89 31.16 5.95
C SER A 286 -22.99 31.39 4.74
N GLU A 287 -23.51 31.07 3.56
CA GLU A 287 -22.74 31.21 2.33
C GLU A 287 -21.55 32.14 2.52
N ASN A 288 -20.37 31.52 2.54
CA ASN A 288 -19.08 32.19 2.72
C ASN A 288 -19.06 33.28 3.78
N GLN A 289 -19.51 32.91 4.98
CA GLN A 289 -19.52 33.82 6.12
C GLN A 289 -19.69 33.06 7.42
N LEU A 290 -18.94 33.46 8.43
CA LEU A 290 -19.02 32.80 9.71
C LEU A 290 -19.21 33.80 10.85
N LYS A 291 -20.43 33.88 11.34
CA LYS A 291 -20.75 34.78 12.44
C LYS A 291 -20.65 33.97 13.73
N ILE A 292 -19.49 33.97 14.35
CA ILE A 292 -19.32 33.21 15.59
C ILE A 292 -19.55 34.09 16.82
N THR A 293 -20.68 33.88 17.47
CA THR A 293 -21.08 34.64 18.65
C THR A 293 -21.20 33.79 19.91
N ALA A 294 -20.72 34.33 21.03
CA ALA A 294 -20.81 33.62 22.30
C ALA A 294 -22.27 33.39 22.64
N ASN A 295 -22.73 32.15 22.52
CA ASN A 295 -24.13 31.83 22.80
C ASN A 295 -24.58 32.26 24.18
N ASN A 296 -25.40 33.31 24.20
CA ASN A 296 -25.94 33.82 25.44
C ASN A 296 -27.46 33.76 25.30
N PRO A 297 -28.02 32.53 25.28
CA PRO A 297 -29.44 32.19 25.14
C PRO A 297 -30.41 33.35 25.39
N GLU A 298 -30.32 33.96 26.56
CA GLU A 298 -31.17 35.09 26.91
C GLU A 298 -30.40 36.38 26.72
N GLN A 299 -29.95 36.64 25.49
CA GLN A 299 -29.20 37.85 25.17
C GLN A 299 -28.66 37.88 23.74
N GLU A 300 -28.34 39.07 23.27
CA GLU A 300 -27.78 39.30 21.92
C GLU A 300 -26.70 40.37 22.14
N GLU A 301 -25.43 39.97 22.08
CA GLU A 301 -24.33 40.91 22.33
C GLU A 301 -23.41 41.21 21.13
N ALA A 302 -22.11 41.12 21.36
CA ALA A 302 -21.12 41.36 20.32
C ALA A 302 -20.56 40.03 19.79
N GLU A 303 -20.38 39.93 18.48
CA GLU A 303 -19.85 38.73 17.88
C GLU A 303 -18.74 39.05 16.89
N GLU A 304 -18.27 38.06 16.15
CA GLU A 304 -17.21 38.26 15.17
C GLU A 304 -17.51 37.53 13.88
N ILE A 305 -17.08 38.10 12.76
CA ILE A 305 -17.28 37.50 11.44
C ILE A 305 -15.95 37.05 10.84
N LEU A 306 -16.02 36.13 9.90
CA LEU A 306 -14.84 35.61 9.25
C LEU A 306 -15.16 35.36 7.78
N ASP A 307 -14.21 35.67 6.90
CA ASP A 307 -14.42 35.46 5.48
C ASP A 307 -13.90 34.09 5.10
N VAL A 308 -14.78 33.10 5.24
CA VAL A 308 -14.45 31.70 4.97
C VAL A 308 -15.01 31.17 3.64
N THR A 309 -14.67 29.92 3.32
CA THR A 309 -15.13 29.24 2.12
C THR A 309 -16.20 28.27 2.56
N TYR A 310 -17.48 28.63 2.41
CA TYR A 310 -18.55 27.74 2.85
C TYR A 310 -19.39 27.19 1.71
N SER A 311 -20.24 26.21 2.06
CA SER A 311 -21.14 25.56 1.10
C SER A 311 -22.25 24.91 1.89
N GLY A 312 -23.46 24.89 1.32
CA GLY A 312 -24.58 24.27 2.00
C GLY A 312 -25.48 25.31 2.62
N ALA A 313 -26.61 24.87 3.16
CA ALA A 313 -27.56 25.79 3.78
C ALA A 313 -26.89 26.57 4.90
N GLU A 314 -27.65 27.46 5.52
CA GLU A 314 -27.15 28.26 6.63
C GLU A 314 -27.60 27.50 7.86
N MET A 315 -26.82 27.55 8.94
CA MET A 315 -27.19 26.84 10.16
C MET A 315 -26.45 27.42 11.35
N GLU A 316 -27.08 27.36 12.52
CA GLU A 316 -26.42 27.83 13.72
C GLU A 316 -26.25 26.61 14.60
N ILE A 317 -25.02 26.31 14.93
CA ILE A 317 -24.73 25.15 15.74
C ILE A 317 -23.99 25.51 17.02
N GLY A 318 -24.39 24.89 18.12
CA GLY A 318 -23.73 25.15 19.39
C GLY A 318 -22.45 24.33 19.59
N PHE A 319 -21.44 24.94 20.21
CA PHE A 319 -20.18 24.28 20.46
C PHE A 319 -19.53 24.54 21.80
N ASN A 320 -19.09 23.47 22.46
CA ASN A 320 -18.39 23.62 23.72
C ASN A 320 -17.06 24.25 23.33
N VAL A 321 -16.85 25.49 23.76
CA VAL A 321 -15.64 26.22 23.41
C VAL A 321 -14.37 25.40 23.40
N SER A 322 -14.11 24.72 24.53
CA SER A 322 -12.93 23.90 24.73
C SER A 322 -12.70 22.85 23.65
N TYR A 323 -13.65 21.93 23.55
CA TYR A 323 -13.54 20.87 22.56
C TYR A 323 -13.05 21.42 21.23
N VAL A 324 -13.61 22.54 20.80
CA VAL A 324 -13.19 23.07 19.50
C VAL A 324 -11.78 23.61 19.54
N LEU A 325 -11.41 24.25 20.64
CA LEU A 325 -10.07 24.83 20.77
C LEU A 325 -8.95 23.80 20.85
N ASP A 326 -9.16 22.72 21.62
CA ASP A 326 -8.15 21.67 21.72
C ASP A 326 -7.83 21.18 20.30
N VAL A 327 -8.89 20.98 19.50
CA VAL A 327 -8.73 20.52 18.13
C VAL A 327 -7.87 21.47 17.32
N LEU A 328 -8.16 22.77 17.42
CA LEU A 328 -7.41 23.75 16.66
C LEU A 328 -5.98 23.81 17.10
N ASN A 329 -5.73 23.54 18.38
CA ASN A 329 -4.37 23.54 18.89
C ASN A 329 -3.65 22.30 18.40
N ALA A 330 -4.28 21.14 18.56
CA ALA A 330 -3.69 19.89 18.09
C ALA A 330 -3.32 20.08 16.63
N LEU A 331 -4.18 20.77 15.89
CA LEU A 331 -3.91 21.03 14.47
C LEU A 331 -2.99 22.24 14.37
N LYS A 332 -1.69 22.00 14.52
CA LYS A 332 -0.71 23.08 14.47
C LYS A 332 -0.60 23.69 13.06
N CYS A 333 -1.67 23.63 12.28
CA CYS A 333 -1.65 24.13 10.91
C CYS A 333 -2.09 25.58 10.71
N GLU A 334 -2.35 25.91 9.45
CA GLU A 334 -2.78 27.25 9.07
C GLU A 334 -4.26 27.25 8.75
N ASN A 335 -4.67 26.45 7.76
CA ASN A 335 -6.08 26.38 7.37
C ASN A 335 -6.77 25.12 7.83
N VAL A 336 -7.91 25.29 8.48
CA VAL A 336 -8.69 24.18 8.98
C VAL A 336 -9.95 23.95 8.14
N ARG A 337 -10.18 22.70 7.76
CA ARG A 337 -11.35 22.33 6.98
C ARG A 337 -12.34 21.73 7.94
N MET A 338 -13.62 21.81 7.61
CA MET A 338 -14.66 21.30 8.50
C MET A 338 -15.80 20.69 7.71
N MET A 339 -16.51 19.75 8.30
CA MET A 339 -17.61 19.10 7.62
C MET A 339 -18.79 18.98 8.54
N LEU A 340 -19.86 19.72 8.25
CA LEU A 340 -21.05 19.69 9.08
C LEU A 340 -22.20 19.01 8.39
N THR A 341 -23.35 18.95 9.06
CA THR A 341 -24.53 18.30 8.52
C THR A 341 -25.81 19.01 8.96
N ASP A 342 -26.05 19.03 10.26
CA ASP A 342 -27.07 19.03 11.24
C ASP A 342 -26.58 19.83 12.42
N SER A 343 -27.48 20.49 13.13
CA SER A 343 -27.09 21.28 14.30
C SER A 343 -27.12 20.38 15.53
N VAL A 344 -27.42 19.11 15.32
CA VAL A 344 -27.49 18.19 16.45
C VAL A 344 -26.81 16.86 16.15
N SER A 345 -25.78 16.91 15.31
CA SER A 345 -25.04 15.74 14.92
C SER A 345 -23.55 16.05 14.66
N SER A 346 -22.71 15.12 15.07
CA SER A 346 -21.24 15.24 14.96
C SER A 346 -20.62 15.99 13.78
N VAL A 347 -19.61 16.76 14.11
CA VAL A 347 -18.87 17.58 13.15
C VAL A 347 -17.44 17.06 13.02
N GLN A 348 -16.83 17.21 11.85
CA GLN A 348 -15.50 16.72 11.68
C GLN A 348 -14.46 17.75 11.34
N ILE A 349 -13.77 18.28 12.34
CA ILE A 349 -12.74 19.27 12.09
C ILE A 349 -11.52 18.48 11.62
N GLU A 350 -10.61 19.15 10.93
CA GLU A 350 -9.38 18.52 10.44
C GLU A 350 -8.56 19.49 9.60
N ASP A 351 -7.25 19.31 9.58
CA ASP A 351 -6.40 20.18 8.79
C ASP A 351 -6.78 20.04 7.32
N ALA A 352 -6.57 21.09 6.55
CA ALA A 352 -6.88 21.05 5.14
C ALA A 352 -5.68 20.41 4.45
N ALA A 353 -4.52 21.01 4.69
CA ALA A 353 -3.25 20.57 4.12
C ALA A 353 -3.00 19.06 4.11
N SER A 354 -3.40 18.36 5.18
CA SER A 354 -3.17 16.92 5.25
C SER A 354 -4.36 16.18 5.83
N GLN A 355 -4.23 14.86 5.93
CA GLN A 355 -5.29 14.01 6.48
C GLN A 355 -4.76 13.04 7.54
N SER A 356 -3.50 13.19 7.94
CA SER A 356 -2.89 12.30 8.94
C SER A 356 -3.82 12.12 10.14
N ALA A 357 -4.37 13.24 10.60
CA ALA A 357 -5.27 13.24 11.74
C ALA A 357 -6.64 13.79 11.36
N ALA A 358 -7.64 13.48 12.17
CA ALA A 358 -8.99 13.94 11.95
C ALA A 358 -9.70 13.95 13.28
N TYR A 359 -10.48 14.99 13.55
CA TYR A 359 -11.20 15.05 14.81
C TYR A 359 -12.70 15.11 14.58
N VAL A 360 -13.46 14.80 15.60
CA VAL A 360 -14.89 14.83 15.50
C VAL A 360 -15.43 15.34 16.81
N VAL A 361 -16.25 16.39 16.75
CA VAL A 361 -16.80 16.96 17.96
C VAL A 361 -18.31 17.04 17.90
N MET A 362 -18.98 16.54 18.92
CA MET A 362 -20.43 16.63 18.95
C MET A 362 -20.81 18.06 19.33
N PRO A 363 -21.76 18.68 18.61
CA PRO A 363 -22.15 20.04 18.96
C PRO A 363 -22.85 19.99 20.30
N MET A 364 -23.23 21.15 20.80
CA MET A 364 -23.91 21.26 22.09
C MET A 364 -25.32 21.81 21.96
N ARG A 365 -26.16 21.48 22.93
CA ARG A 365 -27.55 21.94 22.97
C ARG A 365 -27.60 23.45 23.05
N LEU A 366 -28.14 24.10 22.01
CA LEU A 366 -28.24 25.55 21.94
C LEU A 366 -29.36 26.08 22.84
N MET B 1 17.56 10.51 -5.64
CA MET B 1 16.44 9.72 -5.17
C MET B 1 16.88 8.49 -4.40
N LYS B 2 15.92 7.75 -3.87
CA LYS B 2 16.22 6.53 -3.13
C LYS B 2 14.95 5.81 -2.71
N PHE B 3 14.97 4.48 -2.81
CA PHE B 3 13.83 3.67 -2.45
C PHE B 3 14.32 2.25 -2.17
N THR B 4 13.53 1.47 -1.45
CA THR B 4 13.89 0.09 -1.16
C THR B 4 12.64 -0.77 -1.05
N VAL B 5 12.68 -1.92 -1.70
CA VAL B 5 11.57 -2.88 -1.68
C VAL B 5 12.04 -4.26 -2.12
N GLU B 6 11.26 -5.27 -1.75
CA GLU B 6 11.55 -6.67 -2.06
C GLU B 6 11.98 -6.90 -3.50
N ARG B 7 12.30 -8.16 -3.81
CA ARG B 7 12.72 -8.55 -5.16
C ARG B 7 11.50 -9.13 -5.88
N GLU B 8 10.35 -9.05 -5.24
CA GLU B 8 9.13 -9.58 -5.83
C GLU B 8 8.27 -8.44 -6.39
N HIS B 9 8.02 -7.42 -5.56
CA HIS B 9 7.22 -6.28 -5.98
C HIS B 9 7.99 -5.48 -7.04
N LEU B 10 9.14 -6.00 -7.45
CA LEU B 10 9.98 -5.34 -8.43
C LEU B 10 10.19 -6.15 -9.71
N LEU B 11 10.60 -7.41 -9.59
CA LEU B 11 10.82 -8.22 -10.79
C LEU B 11 9.59 -8.28 -11.69
N LYS B 12 8.43 -8.58 -11.12
CA LYS B 12 7.23 -8.64 -11.94
C LYS B 12 7.05 -7.31 -12.65
N PRO B 13 7.01 -6.19 -11.90
CA PRO B 13 6.84 -4.90 -12.56
C PRO B 13 7.96 -4.65 -13.58
N LEU B 14 9.20 -4.82 -13.12
CA LEU B 14 10.37 -4.61 -13.95
C LEU B 14 10.41 -5.54 -15.16
N GLN B 15 9.56 -6.56 -15.16
CA GLN B 15 9.52 -7.52 -16.26
C GLN B 15 8.51 -7.06 -17.32
N GLN B 16 7.37 -6.54 -16.86
CA GLN B 16 6.30 -6.08 -17.75
C GLN B 16 6.63 -4.75 -18.46
N VAL B 17 7.32 -3.87 -17.77
CA VAL B 17 7.70 -2.57 -18.33
C VAL B 17 8.78 -2.67 -19.40
N SER B 18 9.63 -3.67 -19.29
CA SER B 18 10.69 -3.83 -20.27
C SER B 18 10.47 -5.09 -21.08
N GLY B 19 9.35 -5.75 -20.81
CA GLY B 19 9.02 -6.98 -21.52
C GLY B 19 9.11 -6.84 -23.03
N PRO B 20 8.24 -6.02 -23.64
CA PRO B 20 8.27 -5.84 -25.10
C PRO B 20 9.60 -5.33 -25.63
N LEU B 21 10.19 -4.34 -24.96
CA LEU B 21 11.47 -3.81 -25.39
C LEU B 21 12.57 -4.82 -25.05
N GLY B 22 13.78 -4.56 -25.52
CA GLY B 22 14.87 -5.47 -25.24
C GLY B 22 15.61 -5.86 -26.51
N GLY B 23 16.81 -5.33 -26.67
CA GLY B 23 17.60 -5.62 -27.85
C GLY B 23 18.80 -4.69 -27.95
N ARG B 24 19.07 -4.21 -29.16
CA ARG B 24 20.19 -3.30 -29.39
C ARG B 24 19.60 -1.94 -29.73
N PRO B 25 18.85 -1.34 -28.78
CA PRO B 25 18.22 -0.04 -28.99
C PRO B 25 19.08 0.96 -29.74
N THR B 26 18.45 1.98 -30.29
CA THR B 26 19.16 3.01 -31.04
C THR B 26 20.05 3.73 -30.05
N LEU B 27 19.55 4.88 -29.63
CA LEU B 27 20.22 5.72 -28.66
C LEU B 27 20.12 5.01 -27.33
N PRO B 28 21.10 5.25 -26.44
CA PRO B 28 21.11 4.61 -25.14
C PRO B 28 19.88 4.96 -24.30
N ILE B 29 19.20 6.04 -24.66
CA ILE B 29 18.03 6.48 -23.92
C ILE B 29 16.81 5.60 -24.17
N LEU B 30 16.74 5.02 -25.37
CA LEU B 30 15.63 4.16 -25.77
C LEU B 30 15.65 2.78 -25.11
N GLY B 31 16.84 2.37 -24.68
CA GLY B 31 16.97 1.08 -24.02
C GLY B 31 17.02 1.24 -22.52
N ASN B 32 16.71 2.44 -22.05
CA ASN B 32 16.72 2.74 -20.62
C ASN B 32 15.33 2.93 -20.05
N LEU B 33 15.18 2.63 -18.76
CA LEU B 33 13.92 2.77 -18.05
C LEU B 33 13.88 4.12 -17.37
N LEU B 34 12.71 4.49 -16.88
CA LEU B 34 12.57 5.75 -16.19
C LEU B 34 12.13 5.45 -14.79
N LEU B 35 12.99 5.74 -13.82
CA LEU B 35 12.66 5.52 -12.42
C LEU B 35 12.32 6.86 -11.78
N GLN B 36 11.18 6.89 -11.10
CA GLN B 36 10.71 8.09 -10.42
C GLN B 36 10.14 7.70 -9.06
N VAL B 37 10.21 8.64 -8.12
CA VAL B 37 9.68 8.42 -6.78
C VAL B 37 9.01 9.71 -6.35
N ALA B 38 7.77 9.60 -5.86
CA ALA B 38 7.03 10.77 -5.38
C ALA B 38 5.72 10.31 -4.75
N ASP B 39 5.21 11.08 -3.79
CA ASP B 39 3.96 10.76 -3.10
C ASP B 39 3.94 9.33 -2.54
N GLY B 40 5.12 8.73 -2.37
CA GLY B 40 5.18 7.39 -1.85
C GLY B 40 4.92 6.33 -2.91
N THR B 41 5.32 6.62 -4.14
CA THR B 41 5.14 5.69 -5.26
C THR B 41 6.29 5.75 -6.27
N LEU B 42 6.80 4.57 -6.59
CA LEU B 42 7.88 4.42 -7.56
C LEU B 42 7.22 4.06 -8.89
N SER B 43 7.55 4.80 -9.95
CA SER B 43 6.94 4.53 -11.25
C SER B 43 7.96 4.17 -12.33
N LEU B 44 7.89 2.93 -12.80
CA LEU B 44 8.80 2.47 -13.85
C LEU B 44 8.17 2.76 -15.20
N THR B 45 9.00 3.14 -16.16
CA THR B 45 8.50 3.47 -17.49
C THR B 45 9.45 3.06 -18.59
N GLY B 46 8.93 2.26 -19.52
CA GLY B 46 9.73 1.81 -20.64
C GLY B 46 9.05 2.26 -21.91
N THR B 47 9.82 2.51 -22.97
CA THR B 47 9.23 2.96 -24.22
C THR B 47 10.12 2.72 -25.42
N ASP B 48 9.49 2.57 -26.58
CA ASP B 48 10.20 2.38 -27.83
C ASP B 48 9.66 3.37 -28.85
N LEU B 49 9.10 4.45 -28.32
CA LEU B 49 8.53 5.51 -29.12
C LEU B 49 7.54 5.03 -30.17
N GLU B 50 6.75 4.03 -29.79
CA GLU B 50 5.67 3.49 -30.58
C GLU B 50 4.67 3.22 -29.49
N MET B 51 5.12 2.57 -28.42
CA MET B 51 4.26 2.30 -27.27
C MET B 51 5.10 2.40 -26.02
N GLU B 52 4.46 2.46 -24.86
CA GLU B 52 5.20 2.54 -23.61
C GLU B 52 4.42 1.99 -22.42
N MET B 53 5.05 1.09 -21.68
CA MET B 53 4.45 0.47 -20.50
C MET B 53 4.92 1.24 -19.28
N VAL B 54 4.06 1.36 -18.27
CA VAL B 54 4.39 2.08 -17.05
C VAL B 54 3.81 1.40 -15.83
N ALA B 55 4.69 0.87 -14.97
CA ALA B 55 4.25 0.19 -13.77
C ALA B 55 4.25 1.15 -12.58
N ARG B 56 3.26 0.99 -11.72
CA ARG B 56 3.13 1.82 -10.53
C ARG B 56 3.33 0.94 -9.31
N VAL B 57 4.27 1.30 -8.44
CA VAL B 57 4.53 0.53 -7.23
C VAL B 57 4.63 1.46 -6.03
N ALA B 58 3.73 1.25 -5.06
CA ALA B 58 3.75 2.06 -3.85
C ALA B 58 4.88 1.58 -2.97
N LEU B 59 5.82 2.48 -2.67
CA LEU B 59 6.97 2.16 -1.85
C LEU B 59 6.60 2.07 -0.38
N VAL B 60 6.54 0.84 0.11
CA VAL B 60 6.20 0.58 1.51
C VAL B 60 7.32 1.05 2.44
N GLN B 61 8.53 0.53 2.19
CA GLN B 61 9.72 0.85 2.97
C GLN B 61 10.18 2.27 2.59
N PRO B 62 11.19 2.81 3.30
CA PRO B 62 11.74 4.15 3.06
C PRO B 62 11.86 4.58 1.59
N HIS B 63 11.33 5.75 1.26
CA HIS B 63 11.40 6.29 -0.11
C HIS B 63 11.85 7.74 -0.13
N GLU B 64 12.16 8.24 -1.32
CA GLU B 64 12.61 9.62 -1.49
C GLU B 64 12.60 10.07 -2.94
N PRO B 65 12.13 11.31 -3.19
CA PRO B 65 12.03 11.95 -4.51
C PRO B 65 13.25 11.80 -5.41
N GLY B 66 13.03 11.92 -6.72
CA GLY B 66 14.11 11.81 -7.69
C GLY B 66 13.70 11.17 -8.99
N ALA B 67 14.42 11.51 -10.08
CA ALA B 67 14.13 10.96 -11.40
C ALA B 67 15.43 10.58 -12.11
N THR B 68 15.57 9.30 -12.43
CA THR B 68 16.77 8.82 -13.11
C THR B 68 16.44 7.86 -14.26
N THR B 69 17.39 7.69 -15.18
CA THR B 69 17.22 6.82 -16.33
C THR B 69 18.31 5.75 -16.40
N VAL B 70 18.08 4.63 -15.73
CA VAL B 70 19.06 3.55 -15.71
C VAL B 70 18.75 2.57 -16.83
N PRO B 71 19.77 1.83 -17.30
CA PRO B 71 19.58 0.85 -18.37
C PRO B 71 18.51 -0.20 -17.99
N ALA B 72 17.92 -0.84 -18.99
CA ALA B 72 16.87 -1.84 -18.76
C ALA B 72 17.39 -3.26 -18.64
N ARG B 73 18.03 -3.76 -19.70
CA ARG B 73 18.58 -5.12 -19.71
C ARG B 73 19.35 -5.35 -18.41
N LYS B 74 20.37 -4.53 -18.19
CA LYS B 74 21.20 -4.60 -17.00
C LYS B 74 20.36 -4.60 -15.73
N PHE B 75 19.79 -3.44 -15.40
CA PHE B 75 18.96 -3.27 -14.19
C PHE B 75 17.98 -4.41 -13.90
N PHE B 76 17.56 -5.15 -14.92
CA PHE B 76 16.63 -6.25 -14.70
C PHE B 76 17.31 -7.55 -14.33
N ASP B 77 18.35 -7.92 -15.09
CA ASP B 77 19.08 -9.16 -14.82
C ASP B 77 19.55 -9.17 -13.37
N ILE B 78 20.20 -8.08 -12.96
CA ILE B 78 20.70 -7.92 -11.60
C ILE B 78 19.66 -8.33 -10.55
N CYS B 79 18.58 -7.57 -10.48
CA CYS B 79 17.52 -7.85 -9.52
C CYS B 79 16.93 -9.24 -9.74
N ARG B 80 16.95 -9.71 -10.98
CA ARG B 80 16.42 -11.04 -11.31
C ARG B 80 17.44 -12.13 -10.97
N GLY B 81 18.71 -11.73 -10.91
CA GLY B 81 19.78 -12.66 -10.60
C GLY B 81 20.29 -12.48 -9.18
N LEU B 82 19.38 -12.52 -8.21
CA LEU B 82 19.74 -12.37 -6.81
C LEU B 82 18.88 -13.30 -5.94
N PRO B 83 19.21 -13.41 -4.65
CA PRO B 83 18.45 -14.27 -3.74
C PRO B 83 16.98 -13.89 -3.62
N GLU B 84 16.10 -14.76 -4.12
CA GLU B 84 14.66 -14.51 -4.10
C GLU B 84 14.10 -14.29 -2.70
N GLY B 85 13.91 -13.02 -2.36
CA GLY B 85 13.40 -12.64 -1.07
C GLY B 85 14.24 -11.50 -0.54
N ALA B 86 15.36 -11.25 -1.22
CA ALA B 86 16.28 -10.19 -0.85
C ALA B 86 15.70 -8.84 -1.20
N GLU B 87 16.00 -7.83 -0.38
CA GLU B 87 15.51 -6.48 -0.63
C GLU B 87 16.52 -5.72 -1.47
N ILE B 88 16.04 -4.73 -2.20
CA ILE B 88 16.91 -3.93 -3.06
C ILE B 88 16.81 -2.44 -2.71
N ALA B 89 17.96 -1.85 -2.41
CA ALA B 89 18.05 -0.44 -2.06
C ALA B 89 18.75 0.33 -3.18
N VAL B 90 17.97 1.15 -3.88
CA VAL B 90 18.48 1.94 -4.99
C VAL B 90 18.56 3.42 -4.59
N GLN B 91 19.67 4.07 -4.95
CA GLN B 91 19.85 5.48 -4.65
C GLN B 91 20.67 6.17 -5.74
N LEU B 92 20.17 7.29 -6.23
CA LEU B 92 20.82 8.07 -7.28
C LEU B 92 22.03 8.83 -6.77
N GLU B 93 23.22 8.30 -7.09
CA GLU B 93 24.48 8.89 -6.67
C GLU B 93 25.07 9.79 -7.74
N GLY B 94 24.68 11.08 -7.73
CA GLY B 94 25.21 12.03 -8.70
C GLY B 94 25.05 11.67 -10.17
N GLU B 95 25.64 10.55 -10.59
CA GLU B 95 25.55 10.12 -11.97
C GLU B 95 25.59 8.61 -12.10
N ARG B 96 25.28 7.92 -10.99
CA ARG B 96 25.26 6.45 -10.97
C ARG B 96 24.06 5.94 -10.17
N MET B 97 23.67 4.69 -10.44
CA MET B 97 22.54 4.09 -9.75
C MET B 97 23.02 3.03 -8.75
N LEU B 98 23.26 3.45 -7.52
CA LEU B 98 23.73 2.54 -6.49
C LEU B 98 22.64 1.57 -6.02
N VAL B 99 22.94 0.28 -6.10
CA VAL B 99 22.00 -0.76 -5.69
C VAL B 99 22.61 -1.53 -4.53
N ARG B 100 21.78 -2.25 -3.77
CA ARG B 100 22.25 -3.04 -2.64
C ARG B 100 21.33 -4.19 -2.24
N SER B 101 21.73 -5.41 -2.59
CA SER B 101 20.95 -6.61 -2.24
C SER B 101 21.76 -7.34 -1.17
N GLY B 102 21.70 -6.83 0.06
CA GLY B 102 22.46 -7.40 1.16
C GLY B 102 23.74 -6.58 1.15
N ARG B 103 24.74 -7.09 0.42
CA ARG B 103 26.01 -6.41 0.25
C ARG B 103 26.40 -6.62 -1.20
N SER B 104 25.52 -7.31 -1.93
CA SER B 104 25.71 -7.57 -3.34
C SER B 104 25.28 -6.27 -3.99
N ARG B 105 26.08 -5.22 -3.81
CA ARG B 105 25.76 -3.90 -4.35
C ARG B 105 26.42 -3.54 -5.68
N PHE B 106 25.61 -3.05 -6.61
CA PHE B 106 26.08 -2.67 -7.94
C PHE B 106 25.97 -1.17 -8.16
N SER B 107 26.43 -0.73 -9.34
CA SER B 107 26.41 0.68 -9.73
C SER B 107 26.18 0.75 -11.25
N LEU B 108 25.06 1.36 -11.64
CA LEU B 108 24.70 1.49 -13.06
C LEU B 108 24.91 2.87 -13.66
N SER B 109 25.42 2.90 -14.89
CA SER B 109 25.65 4.15 -15.60
C SER B 109 24.26 4.67 -15.94
N THR B 110 24.01 5.95 -15.71
CA THR B 110 22.68 6.49 -15.98
C THR B 110 22.59 7.84 -16.67
N LEU B 111 21.66 7.94 -17.63
CA LEU B 111 21.43 9.18 -18.39
C LEU B 111 20.29 9.92 -17.70
N PRO B 112 20.28 11.26 -17.81
CA PRO B 112 19.23 12.05 -17.17
C PRO B 112 17.80 11.67 -17.57
N ALA B 113 16.88 11.79 -16.63
CA ALA B 113 15.48 11.47 -16.90
C ALA B 113 14.86 12.70 -17.56
N ALA B 114 15.67 13.75 -17.69
CA ALA B 114 15.23 14.98 -18.31
C ALA B 114 15.41 14.84 -19.81
N ASP B 115 15.83 13.66 -20.24
CA ASP B 115 16.04 13.39 -21.66
C ASP B 115 15.13 12.28 -22.17
N PHE B 116 14.44 11.62 -21.25
CA PHE B 116 13.54 10.53 -21.60
C PHE B 116 12.41 11.07 -22.47
N PRO B 117 12.04 10.32 -23.52
CA PRO B 117 10.96 10.75 -24.41
C PRO B 117 9.65 10.04 -24.08
N ASN B 118 9.02 10.41 -22.97
CA ASN B 118 7.77 9.78 -22.63
C ASN B 118 6.73 10.32 -23.58
N LEU B 119 5.87 9.44 -24.10
CA LEU B 119 4.82 9.86 -25.02
C LEU B 119 4.12 11.06 -24.41
N ASP B 120 4.70 12.25 -24.63
CA ASP B 120 4.17 13.48 -24.07
C ASP B 120 2.68 13.47 -24.10
N ASP B 121 2.11 13.74 -22.93
CA ASP B 121 0.68 13.79 -22.77
C ASP B 121 0.00 14.81 -23.69
N TRP B 122 -0.58 14.25 -24.73
CA TRP B 122 -1.34 14.91 -25.77
C TRP B 122 -2.71 15.00 -25.10
N GLN B 123 -3.60 15.81 -25.63
CA GLN B 123 -4.92 15.94 -25.03
C GLN B 123 -5.82 14.73 -25.32
N SER B 124 -6.60 14.31 -24.33
CA SER B 124 -7.49 13.17 -24.52
C SER B 124 -8.74 13.64 -25.24
N GLU B 125 -9.14 12.90 -26.27
CA GLU B 125 -10.32 13.27 -27.05
C GLU B 125 -11.54 12.40 -26.77
N VAL B 126 -11.34 11.31 -26.03
CA VAL B 126 -12.45 10.42 -25.70
C VAL B 126 -12.01 9.25 -24.83
N GLU B 127 -12.61 9.16 -23.65
CA GLU B 127 -12.30 8.12 -22.70
C GLU B 127 -13.57 7.43 -22.30
N PHE B 128 -13.45 6.17 -21.89
CA PHE B 128 -14.60 5.37 -21.49
C PHE B 128 -14.05 4.14 -20.79
N THR B 129 -14.92 3.41 -20.08
CA THR B 129 -14.49 2.21 -19.37
C THR B 129 -15.29 0.98 -19.75
N LEU B 130 -14.70 -0.18 -19.55
CA LEU B 130 -15.38 -1.42 -19.87
C LEU B 130 -14.59 -2.64 -19.39
N PRO B 131 -15.30 -3.67 -18.92
CA PRO B 131 -14.72 -4.91 -18.42
C PRO B 131 -13.62 -5.45 -19.31
N GLN B 132 -12.44 -5.68 -18.77
CA GLN B 132 -11.35 -6.22 -19.56
C GLN B 132 -11.88 -7.39 -20.41
N ALA B 133 -12.64 -8.26 -19.77
CA ALA B 133 -13.22 -9.44 -20.41
C ALA B 133 -13.72 -9.14 -21.80
N THR B 134 -14.37 -7.99 -21.93
CA THR B 134 -14.91 -7.55 -23.20
C THR B 134 -13.79 -7.08 -24.15
N MET B 135 -12.92 -6.20 -23.68
CA MET B 135 -11.81 -5.72 -24.49
C MET B 135 -10.97 -6.90 -24.96
N LYS B 136 -11.26 -8.07 -24.43
CA LYS B 136 -10.50 -9.27 -24.78
C LYS B 136 -11.23 -10.02 -25.87
N ARG B 137 -12.55 -10.03 -25.77
CA ARG B 137 -13.40 -10.68 -26.75
C ARG B 137 -13.27 -9.99 -28.11
N LEU B 138 -13.22 -8.66 -28.10
CA LEU B 138 -13.10 -7.88 -29.34
C LEU B 138 -11.73 -8.06 -29.99
N ILE B 139 -10.68 -8.17 -29.19
CA ILE B 139 -9.34 -8.33 -29.72
C ILE B 139 -9.12 -9.78 -30.14
N GLU B 140 -9.75 -10.69 -29.42
CA GLU B 140 -9.62 -12.12 -29.73
C GLU B 140 -10.39 -12.52 -30.98
N ALA B 141 -11.54 -11.88 -31.17
CA ALA B 141 -12.43 -12.16 -32.29
C ALA B 141 -12.02 -11.62 -33.65
N THR B 142 -11.00 -10.77 -33.71
CA THR B 142 -10.59 -10.17 -34.98
C THR B 142 -9.10 -10.13 -35.23
N GLN B 143 -8.30 -10.31 -34.17
CA GLN B 143 -6.85 -10.23 -34.28
C GLN B 143 -6.13 -11.13 -35.30
N PHE B 144 -6.78 -12.20 -35.74
CA PHE B 144 -6.14 -13.09 -36.71
C PHE B 144 -6.26 -12.63 -38.16
N SER B 145 -6.98 -11.54 -38.42
CA SER B 145 -7.11 -11.09 -39.80
C SER B 145 -6.27 -9.91 -40.19
N MET B 146 -5.67 -9.23 -39.23
CA MET B 146 -4.83 -8.11 -39.61
C MET B 146 -3.70 -8.60 -40.48
N ALA B 147 -3.45 -7.91 -41.58
CA ALA B 147 -2.38 -8.33 -42.47
C ALA B 147 -1.10 -8.37 -41.69
N HIS B 148 -0.12 -9.11 -42.17
CA HIS B 148 1.16 -9.17 -41.50
C HIS B 148 2.21 -8.67 -42.46
N GLN B 149 2.88 -7.60 -42.07
CA GLN B 149 3.91 -7.00 -42.89
C GLN B 149 3.40 -6.66 -44.31
N ASP B 150 2.17 -6.17 -44.41
CA ASP B 150 1.64 -5.80 -45.70
C ASP B 150 2.17 -4.41 -46.01
N VAL B 151 2.36 -4.12 -47.29
CA VAL B 151 2.86 -2.80 -47.72
C VAL B 151 1.78 -1.75 -47.44
N ARG B 152 0.53 -2.19 -47.44
CA ARG B 152 -0.55 -1.29 -47.15
C ARG B 152 -0.57 -1.27 -45.64
N TYR B 153 0.37 -0.49 -45.10
CA TYR B 153 0.54 -0.35 -43.65
C TYR B 153 -0.68 -0.16 -42.78
N TYR B 154 -1.70 0.53 -43.28
CA TYR B 154 -2.89 0.72 -42.48
C TYR B 154 -3.52 -0.62 -42.21
N LEU B 155 -3.20 -1.59 -43.04
CA LEU B 155 -3.77 -2.91 -42.89
C LEU B 155 -3.12 -3.67 -41.78
N ASN B 156 -1.81 -3.45 -41.66
CA ASN B 156 -0.97 -4.08 -40.66
C ASN B 156 -1.35 -3.75 -39.22
N GLY B 157 -2.58 -3.33 -38.97
CA GLY B 157 -2.97 -3.03 -37.62
C GLY B 157 -4.41 -3.38 -37.41
N MET B 158 -4.96 -2.95 -36.29
CA MET B 158 -6.35 -3.19 -36.01
C MET B 158 -7.08 -1.85 -35.80
N LEU B 159 -8.35 -1.81 -36.19
CA LEU B 159 -9.13 -0.60 -36.07
C LEU B 159 -10.16 -0.65 -35.00
N PHE B 160 -10.15 0.38 -34.16
CA PHE B 160 -11.12 0.50 -33.08
C PHE B 160 -11.94 1.68 -33.48
N GLU B 161 -13.25 1.59 -33.31
CA GLU B 161 -14.08 2.72 -33.60
C GLU B 161 -15.23 2.71 -32.63
N THR B 162 -15.71 3.92 -32.34
CA THR B 162 -16.80 4.10 -31.41
C THR B 162 -17.99 4.77 -32.07
N GLU B 163 -19.18 4.47 -31.58
CA GLU B 163 -20.40 5.08 -32.06
C GLU B 163 -21.59 4.49 -31.33
N GLY B 164 -22.31 5.36 -30.63
CA GLY B 164 -23.44 4.92 -29.84
C GLY B 164 -22.83 4.26 -28.63
N GLU B 165 -23.56 3.34 -28.02
CA GLU B 165 -23.04 2.65 -26.85
C GLU B 165 -22.30 1.41 -27.32
N GLU B 166 -21.60 1.56 -28.43
CA GLU B 166 -20.89 0.43 -28.99
C GLU B 166 -19.47 0.67 -29.45
N LEU B 167 -18.59 -0.23 -29.01
CA LEU B 167 -17.19 -0.17 -29.39
C LEU B 167 -17.05 -1.35 -30.35
N ARG B 168 -16.21 -1.20 -31.38
CA ARG B 168 -16.03 -2.29 -32.31
C ARG B 168 -14.66 -2.34 -32.94
N THR B 169 -14.26 -3.55 -33.30
CA THR B 169 -12.95 -3.75 -33.91
C THR B 169 -13.09 -4.43 -35.26
N VAL B 170 -12.11 -4.21 -36.12
CA VAL B 170 -12.10 -4.82 -37.44
C VAL B 170 -10.66 -5.06 -37.88
N ALA B 171 -10.45 -6.14 -38.62
CA ALA B 171 -9.12 -6.47 -39.12
C ALA B 171 -9.25 -7.17 -40.46
N THR B 172 -8.36 -6.82 -41.39
CA THR B 172 -8.41 -7.43 -42.70
C THR B 172 -7.02 -7.42 -43.32
N ASP B 173 -6.76 -8.37 -44.22
CA ASP B 173 -5.47 -8.44 -44.90
C ASP B 173 -5.74 -8.36 -46.39
N GLY B 174 -7.01 -8.18 -46.73
CA GLY B 174 -7.40 -8.07 -48.12
C GLY B 174 -7.90 -9.36 -48.75
N HIS B 175 -7.94 -10.42 -47.95
CA HIS B 175 -8.39 -11.74 -48.39
C HIS B 175 -9.49 -12.20 -47.46
N ARG B 176 -9.45 -11.74 -46.22
CA ARG B 176 -10.50 -12.05 -45.26
C ARG B 176 -10.54 -10.85 -44.38
N LEU B 177 -11.59 -10.73 -43.58
CA LEU B 177 -11.73 -9.58 -42.71
C LEU B 177 -12.57 -9.95 -41.52
N ALA B 178 -12.31 -9.32 -40.39
CA ALA B 178 -13.11 -9.62 -39.20
C ALA B 178 -13.70 -8.34 -38.59
N VAL B 179 -14.96 -8.44 -38.16
CA VAL B 179 -15.63 -7.31 -37.55
C VAL B 179 -16.27 -7.80 -36.26
N CYS B 180 -16.09 -7.04 -35.19
CA CYS B 180 -16.67 -7.42 -33.92
C CYS B 180 -17.13 -6.18 -33.19
N SER B 181 -18.35 -6.24 -32.64
CA SER B 181 -18.95 -5.11 -31.93
C SER B 181 -19.50 -5.51 -30.57
N MET B 182 -19.16 -4.72 -29.55
CA MET B 182 -19.64 -5.00 -28.20
C MET B 182 -20.25 -3.75 -27.59
N PRO B 183 -21.26 -3.91 -26.71
CA PRO B 183 -21.93 -2.80 -26.04
C PRO B 183 -21.04 -2.43 -24.86
N ILE B 184 -20.89 -1.16 -24.58
CA ILE B 184 -20.03 -0.77 -23.47
C ILE B 184 -20.79 -0.19 -22.28
N GLY B 185 -21.99 0.34 -22.54
CA GLY B 185 -22.78 0.94 -21.48
C GLY B 185 -22.45 2.41 -21.27
N GLN B 186 -22.12 3.10 -22.36
CA GLN B 186 -21.77 4.53 -22.32
C GLN B 186 -21.90 5.13 -23.73
N SER B 187 -22.80 6.10 -23.91
CA SER B 187 -22.98 6.72 -25.21
C SER B 187 -21.81 7.63 -25.57
N LEU B 188 -20.92 7.14 -26.42
CA LEU B 188 -19.72 7.86 -26.83
C LEU B 188 -19.78 8.47 -28.24
N PRO B 189 -19.00 9.53 -28.49
CA PRO B 189 -18.96 10.18 -29.79
C PRO B 189 -18.27 9.21 -30.73
N SER B 190 -18.50 9.36 -32.03
CA SER B 190 -17.92 8.44 -32.99
C SER B 190 -16.53 8.82 -33.49
N HIS B 191 -15.64 7.84 -33.45
CA HIS B 191 -14.27 8.02 -33.88
C HIS B 191 -13.75 6.64 -34.37
N SER B 192 -12.73 6.64 -35.23
CA SER B 192 -12.13 5.42 -35.76
C SER B 192 -10.62 5.55 -35.74
N VAL B 193 -9.94 4.57 -35.17
CA VAL B 193 -8.49 4.64 -35.07
C VAL B 193 -7.81 3.30 -35.34
N ILE B 194 -6.55 3.38 -35.76
CA ILE B 194 -5.74 2.21 -36.08
C ILE B 194 -4.62 1.98 -35.06
N VAL B 195 -4.82 0.97 -34.21
CA VAL B 195 -3.84 0.57 -33.20
C VAL B 195 -2.86 -0.41 -33.86
N PRO B 196 -1.55 -0.11 -33.82
CA PRO B 196 -0.53 -0.96 -34.42
C PRO B 196 -0.66 -2.38 -33.91
N ARG B 197 0.00 -3.33 -34.56
CA ARG B 197 -0.07 -4.71 -34.11
C ARG B 197 0.65 -4.85 -32.78
N LYS B 198 1.91 -4.42 -32.73
CA LYS B 198 2.70 -4.48 -31.51
C LYS B 198 1.85 -4.05 -30.34
N GLY B 199 1.16 -2.92 -30.50
CA GLY B 199 0.33 -2.38 -29.45
C GLY B 199 -0.95 -3.14 -29.15
N VAL B 200 -1.40 -3.96 -30.08
CA VAL B 200 -2.64 -4.72 -29.88
C VAL B 200 -2.29 -5.95 -29.10
N ILE B 201 -1.07 -6.43 -29.31
CA ILE B 201 -0.54 -7.60 -28.60
C ILE B 201 -0.39 -7.12 -27.17
N GLU B 202 0.38 -6.05 -27.01
CA GLU B 202 0.61 -5.46 -25.70
C GLU B 202 -0.69 -5.30 -24.92
N LEU B 203 -1.69 -4.69 -25.56
CA LEU B 203 -2.97 -4.46 -24.93
C LEU B 203 -3.74 -5.73 -24.67
N MET B 204 -3.31 -6.82 -25.29
CA MET B 204 -3.94 -8.13 -25.12
C MET B 204 -3.24 -8.80 -23.94
N ARG B 205 -1.94 -8.52 -23.81
CA ARG B 205 -1.08 -9.06 -22.76
C ARG B 205 -1.58 -8.62 -21.38
N MET B 206 -1.53 -7.32 -21.11
CA MET B 206 -1.98 -6.81 -19.82
C MET B 206 -3.37 -7.31 -19.47
N LEU B 207 -4.31 -7.25 -20.42
CA LEU B 207 -5.66 -7.74 -20.15
C LEU B 207 -5.49 -9.11 -19.50
N ASP B 208 -6.11 -9.41 -18.37
CA ASP B 208 -6.04 -10.69 -17.63
C ASP B 208 -6.96 -10.33 -16.49
N GLY B 209 -7.97 -11.18 -16.54
CA GLY B 209 -9.29 -11.00 -15.90
C GLY B 209 -9.48 -9.93 -14.96
N GLY B 210 -8.47 -9.16 -14.67
CA GLY B 210 -8.27 -8.36 -13.47
C GLY B 210 -9.53 -7.64 -13.04
N ASP B 211 -9.58 -7.25 -11.77
CA ASP B 211 -10.73 -6.55 -11.24
C ASP B 211 -10.53 -5.04 -11.44
N ASN B 212 -9.80 -4.69 -12.49
CA ASN B 212 -9.52 -3.29 -12.79
C ASN B 212 -10.18 -2.91 -14.12
N PRO B 213 -11.52 -2.71 -14.12
CA PRO B 213 -12.22 -2.35 -15.35
C PRO B 213 -11.45 -1.38 -16.24
N LEU B 214 -10.68 -1.94 -17.17
CA LEU B 214 -9.87 -1.19 -18.11
C LEU B 214 -10.43 0.19 -18.48
N ARG B 215 -9.67 1.24 -18.20
CA ARG B 215 -10.08 2.61 -18.52
C ARG B 215 -9.32 2.99 -19.78
N VAL B 216 -10.04 3.20 -20.88
CA VAL B 216 -9.39 3.53 -22.14
C VAL B 216 -9.57 4.97 -22.60
N GLN B 217 -8.52 5.51 -23.20
CA GLN B 217 -8.50 6.88 -23.70
C GLN B 217 -7.89 6.92 -25.10
N ILE B 218 -8.70 7.20 -26.11
CA ILE B 218 -8.22 7.30 -27.49
C ILE B 218 -7.87 8.75 -27.76
N GLY B 219 -7.36 9.04 -28.95
CA GLY B 219 -7.05 10.43 -29.24
C GLY B 219 -6.27 10.77 -30.48
N SER B 220 -5.83 12.02 -30.49
CA SER B 220 -5.03 12.63 -31.55
C SER B 220 -4.19 11.67 -32.36
N ASN B 221 -3.18 11.08 -31.71
CA ASN B 221 -2.29 10.17 -32.37
C ASN B 221 -1.83 9.13 -31.40
N ASN B 222 -2.57 8.99 -30.30
CA ASN B 222 -2.21 8.03 -29.29
C ASN B 222 -3.47 7.49 -28.68
N ILE B 223 -3.33 6.36 -28.01
CA ILE B 223 -4.42 5.75 -27.29
C ILE B 223 -3.78 5.15 -26.04
N ARG B 224 -4.59 4.77 -25.05
CA ARG B 224 -4.03 4.20 -23.84
C ARG B 224 -5.05 3.53 -22.93
N ALA B 225 -4.57 2.56 -22.18
CA ALA B 225 -5.41 1.80 -21.27
C ALA B 225 -4.86 1.88 -19.85
N HIS B 226 -5.72 2.21 -18.88
CA HIS B 226 -5.30 2.29 -17.49
C HIS B 226 -5.85 1.08 -16.76
N VAL B 227 -5.11 -0.01 -16.73
CA VAL B 227 -5.57 -1.21 -16.04
C VAL B 227 -4.98 -1.25 -14.61
N GLY B 228 -5.44 -0.32 -13.78
CA GLY B 228 -4.97 -0.22 -12.42
C GLY B 228 -3.64 0.50 -12.32
N ASP B 229 -2.58 -0.27 -12.10
CA ASP B 229 -1.24 0.28 -11.97
C ASP B 229 -0.51 0.33 -13.31
N PHE B 230 -1.00 -0.42 -14.28
CA PHE B 230 -0.38 -0.41 -15.59
C PHE B 230 -1.11 0.64 -16.44
N ILE B 231 -0.33 1.49 -17.08
CA ILE B 231 -0.89 2.52 -17.94
C ILE B 231 -0.16 2.43 -19.28
N PHE B 232 -0.65 1.56 -20.15
CA PHE B 232 -0.09 1.36 -21.48
C PHE B 232 -0.55 2.45 -22.44
N THR B 233 0.37 2.95 -23.25
CA THR B 233 0.05 3.98 -24.22
C THR B 233 0.70 3.70 -25.55
N SER B 234 -0.15 3.44 -26.53
CA SER B 234 0.31 3.15 -27.88
C SER B 234 0.08 4.31 -28.83
N LYS B 235 1.03 4.51 -29.72
CA LYS B 235 0.91 5.56 -30.73
C LYS B 235 0.04 4.94 -31.83
N LEU B 236 -0.65 5.77 -32.60
CA LEU B 236 -1.53 5.25 -33.65
C LEU B 236 -1.01 5.31 -35.06
N VAL B 237 -1.59 4.48 -35.92
CA VAL B 237 -1.22 4.44 -37.33
C VAL B 237 -2.29 5.24 -38.06
N ASP B 238 -1.89 5.89 -39.13
CA ASP B 238 -2.85 6.71 -39.87
C ASP B 238 -2.98 6.37 -41.34
N GLY B 239 -4.22 6.36 -41.81
CA GLY B 239 -4.47 6.06 -43.21
C GLY B 239 -5.93 5.77 -43.46
N ARG B 240 -6.30 5.60 -44.73
CA ARG B 240 -7.69 5.29 -45.01
C ARG B 240 -7.85 3.78 -44.84
N PHE B 241 -8.50 3.41 -43.74
CA PHE B 241 -8.72 2.01 -43.50
C PHE B 241 -10.04 1.59 -44.11
N PRO B 242 -10.02 0.54 -44.94
CA PRO B 242 -11.22 0.04 -45.60
C PRO B 242 -12.48 0.11 -44.78
N ASP B 243 -13.62 0.28 -45.44
CA ASP B 243 -14.90 0.34 -44.76
C ASP B 243 -15.49 -1.06 -44.63
N TYR B 244 -15.44 -1.61 -43.43
CA TYR B 244 -15.98 -2.95 -43.23
C TYR B 244 -17.37 -3.16 -43.81
N ARG B 245 -18.14 -2.09 -43.98
CA ARG B 245 -19.51 -2.24 -44.49
C ARG B 245 -19.57 -2.43 -46.00
N ARG B 246 -18.59 -1.89 -46.72
CA ARG B 246 -18.56 -2.01 -48.17
C ARG B 246 -18.07 -3.36 -48.64
N VAL B 247 -17.81 -4.29 -47.73
CA VAL B 247 -17.33 -5.61 -48.14
C VAL B 247 -18.34 -6.69 -47.80
N LEU B 248 -19.08 -6.49 -46.72
CA LEU B 248 -20.09 -7.46 -46.32
C LEU B 248 -20.86 -7.80 -47.57
N PRO B 249 -21.02 -9.10 -47.87
CA PRO B 249 -21.76 -9.45 -49.09
C PRO B 249 -23.09 -8.70 -49.16
N LYS B 250 -23.36 -8.12 -50.32
CA LYS B 250 -24.58 -7.34 -50.56
C LYS B 250 -25.73 -8.22 -51.07
N ASN B 251 -26.72 -8.46 -50.21
CA ASN B 251 -27.88 -9.27 -50.56
C ASN B 251 -27.45 -10.61 -51.15
N PRO B 252 -27.03 -11.55 -50.30
CA PRO B 252 -26.60 -12.88 -50.74
C PRO B 252 -27.80 -13.83 -50.77
N ASP B 253 -28.00 -14.50 -51.89
CA ASP B 253 -29.11 -15.45 -52.02
C ASP B 253 -28.87 -16.73 -51.23
N LYS B 254 -27.79 -17.44 -51.55
CA LYS B 254 -27.46 -18.68 -50.88
C LYS B 254 -27.13 -18.53 -49.40
N HIS B 255 -27.77 -19.34 -48.57
CA HIS B 255 -27.56 -19.36 -47.13
C HIS B 255 -27.40 -20.81 -46.70
N LEU B 256 -26.56 -21.07 -45.72
CA LEU B 256 -26.37 -22.43 -45.24
C LEU B 256 -26.02 -22.37 -43.76
N GLU B 257 -26.44 -23.38 -43.00
CA GLU B 257 -26.20 -23.42 -41.55
C GLU B 257 -25.71 -24.81 -41.17
N ALA B 258 -24.44 -24.93 -40.80
CA ALA B 258 -23.89 -26.23 -40.44
C ALA B 258 -23.43 -26.34 -39.00
N GLY B 259 -22.48 -27.23 -38.78
CA GLY B 259 -21.92 -27.44 -37.45
C GLY B 259 -20.51 -26.88 -37.40
N CYS B 260 -20.24 -26.10 -36.37
CA CYS B 260 -18.93 -25.48 -36.21
C CYS B 260 -17.79 -26.49 -36.24
N ASP B 261 -17.89 -27.52 -35.41
CA ASP B 261 -16.85 -28.53 -35.35
C ASP B 261 -16.97 -29.58 -36.45
N LEU B 262 -18.18 -29.75 -36.97
CA LEU B 262 -18.39 -30.74 -38.03
C LEU B 262 -17.75 -30.24 -39.31
N LEU B 263 -17.76 -28.92 -39.51
CA LEU B 263 -17.14 -28.30 -40.67
C LEU B 263 -15.63 -28.24 -40.45
N LYS B 264 -15.20 -28.06 -39.20
CA LYS B 264 -13.78 -28.02 -38.90
C LYS B 264 -13.24 -29.32 -39.44
N GLN B 265 -13.87 -30.42 -39.05
CA GLN B 265 -13.48 -31.73 -39.50
C GLN B 265 -13.38 -31.66 -41.00
N ALA B 266 -14.54 -31.60 -41.64
CA ALA B 266 -14.62 -31.52 -43.08
C ALA B 266 -13.37 -30.88 -43.66
N PHE B 267 -13.21 -29.58 -43.41
CA PHE B 267 -12.07 -28.84 -43.93
C PHE B 267 -10.71 -29.38 -43.48
N ALA B 268 -10.55 -29.61 -42.19
CA ALA B 268 -9.31 -30.12 -41.64
C ALA B 268 -8.97 -31.42 -42.36
N ARG B 269 -9.93 -32.34 -42.40
CA ARG B 269 -9.71 -33.61 -43.07
C ARG B 269 -9.22 -33.35 -44.48
N ALA B 270 -10.07 -32.78 -45.32
CA ALA B 270 -9.71 -32.49 -46.70
C ALA B 270 -8.37 -31.75 -46.79
N ALA B 271 -8.06 -30.98 -45.76
CA ALA B 271 -6.79 -30.25 -45.74
C ALA B 271 -5.65 -31.25 -45.84
N ALA B 272 -5.60 -32.17 -44.89
CA ALA B 272 -4.57 -33.19 -44.85
C ALA B 272 -4.68 -34.05 -46.09
N ALA B 273 -5.91 -34.42 -46.44
CA ALA B 273 -6.16 -35.25 -47.63
C ALA B 273 -5.50 -34.58 -48.84
N SER B 274 -5.25 -33.29 -48.69
CA SER B 274 -4.61 -32.51 -49.74
C SER B 274 -3.10 -32.52 -49.53
N ASN B 275 -2.43 -33.33 -50.33
CA ASN B 275 -1.00 -33.46 -50.28
C ASN B 275 -0.34 -32.26 -50.97
N GLU B 276 -1.10 -31.59 -51.85
CA GLU B 276 -0.63 -30.41 -52.58
C GLU B 276 -1.38 -29.19 -52.05
N LYS B 277 -1.08 -28.85 -50.80
CA LYS B 277 -1.69 -27.75 -50.05
C LYS B 277 -1.97 -26.41 -50.72
N PHE B 278 -1.39 -26.12 -51.88
CA PHE B 278 -1.66 -24.83 -52.50
C PHE B 278 -2.92 -24.82 -53.35
N ARG B 279 -3.59 -25.96 -53.41
CA ARG B 279 -4.82 -26.08 -54.19
C ARG B 279 -6.08 -25.75 -53.37
N GLY B 280 -5.94 -25.69 -52.04
CA GLY B 280 -7.06 -25.37 -51.18
C GLY B 280 -8.22 -26.34 -51.19
N VAL B 281 -9.25 -26.02 -50.41
CA VAL B 281 -10.45 -26.85 -50.27
C VAL B 281 -11.46 -26.50 -51.35
N ARG B 282 -12.36 -27.43 -51.65
CA ARG B 282 -13.40 -27.18 -52.63
C ARG B 282 -14.74 -27.54 -52.03
N LEU B 283 -15.60 -26.54 -51.83
CA LEU B 283 -16.91 -26.77 -51.25
C LEU B 283 -17.96 -26.89 -52.33
N TYR B 284 -18.83 -27.86 -52.18
CA TYR B 284 -19.91 -28.06 -53.12
C TYR B 284 -21.20 -28.09 -52.32
N VAL B 285 -21.94 -26.98 -52.33
CA VAL B 285 -23.19 -26.91 -51.61
C VAL B 285 -24.35 -27.18 -52.57
N SER B 286 -25.21 -28.12 -52.19
CA SER B 286 -26.36 -28.50 -53.00
C SER B 286 -27.52 -28.71 -52.03
N GLU B 287 -28.72 -28.38 -52.46
CA GLU B 287 -29.90 -28.51 -51.61
C GLU B 287 -29.66 -29.44 -50.45
N ASN B 288 -29.54 -28.84 -49.27
CA ASN B 288 -29.29 -29.53 -48.01
C ASN B 288 -28.24 -30.63 -48.06
N GLN B 289 -27.06 -30.29 -48.57
CA GLN B 289 -25.95 -31.22 -48.68
C GLN B 289 -24.66 -30.47 -48.92
N LEU B 290 -23.60 -30.90 -48.24
CA LEU B 290 -22.30 -30.26 -48.38
C LEU B 290 -21.19 -31.27 -48.67
N LYS B 291 -20.79 -31.36 -49.94
CA LYS B 291 -19.74 -32.27 -50.34
C LYS B 291 -18.44 -31.48 -50.34
N ILE B 292 -17.73 -31.48 -49.21
CA ILE B 292 -16.47 -30.74 -49.12
C ILE B 292 -15.27 -31.64 -49.45
N THR B 293 -14.70 -31.43 -50.62
CA THR B 293 -13.57 -32.21 -51.10
C THR B 293 -12.31 -31.39 -51.31
N ALA B 294 -11.18 -31.94 -50.91
CA ALA B 294 -9.90 -31.26 -51.07
C ALA B 294 -9.66 -31.03 -52.56
N ASN B 295 -9.79 -29.79 -53.01
CA ASN B 295 -9.59 -29.46 -54.41
C ASN B 295 -8.27 -29.92 -54.97
N ASN B 296 -8.32 -30.95 -55.79
CA ASN B 296 -7.12 -31.48 -56.42
C ASN B 296 -7.35 -31.41 -57.91
N PRO B 297 -7.38 -30.17 -58.45
CA PRO B 297 -7.60 -29.83 -59.86
C PRO B 297 -7.46 -30.99 -60.85
N GLU B 298 -6.29 -31.62 -60.86
CA GLU B 298 -6.02 -32.75 -61.73
C GLU B 298 -6.19 -34.05 -60.97
N GLN B 299 -7.39 -34.29 -60.44
CA GLN B 299 -7.69 -35.50 -59.68
C GLN B 299 -9.07 -35.49 -59.05
N GLU B 300 -9.54 -36.69 -58.69
CA GLU B 300 -10.83 -36.89 -58.04
C GLU B 300 -10.56 -37.97 -56.99
N GLU B 301 -10.55 -37.58 -55.72
CA GLU B 301 -10.24 -38.52 -54.64
C GLU B 301 -11.37 -38.78 -53.64
N ALA B 302 -11.04 -38.73 -52.36
CA ALA B 302 -12.02 -38.96 -51.29
C ALA B 302 -12.48 -37.64 -50.69
N GLU B 303 -13.78 -37.52 -50.43
CA GLU B 303 -14.33 -36.31 -49.85
C GLU B 303 -15.23 -36.61 -48.67
N GLU B 304 -15.92 -35.60 -48.16
CA GLU B 304 -16.83 -35.78 -47.03
C GLU B 304 -18.14 -35.04 -47.22
N ILE B 305 -19.23 -35.61 -46.72
CA ILE B 305 -20.54 -34.98 -46.83
C ILE B 305 -21.02 -34.54 -45.46
N LEU B 306 -21.97 -33.62 -45.45
CA LEU B 306 -22.54 -33.11 -44.22
C LEU B 306 -24.00 -32.84 -44.45
N ASP B 307 -24.82 -33.13 -43.44
CA ASP B 307 -26.27 -32.88 -43.53
C ASP B 307 -26.60 -31.50 -42.98
N VAL B 308 -26.49 -30.50 -43.86
CA VAL B 308 -26.71 -29.10 -43.52
C VAL B 308 -28.06 -28.55 -43.99
N THR B 309 -28.33 -27.29 -43.61
CA THR B 309 -29.56 -26.58 -43.98
C THR B 309 -29.17 -25.60 -45.08
N TYR B 310 -29.40 -25.96 -46.35
CA TYR B 310 -29.03 -25.07 -47.44
C TYR B 310 -30.21 -24.49 -48.20
N SER B 311 -29.92 -23.51 -49.06
CA SER B 311 -30.91 -22.82 -49.88
C SER B 311 -30.20 -22.16 -51.05
N GLY B 312 -30.84 -22.15 -52.21
CA GLY B 312 -30.25 -21.53 -53.38
C GLY B 312 -29.70 -22.57 -54.33
N ALA B 313 -29.22 -22.14 -55.49
CA ALA B 313 -28.67 -23.07 -56.48
C ALA B 313 -27.53 -23.88 -55.89
N GLU B 314 -26.98 -24.78 -56.69
CA GLU B 314 -25.86 -25.59 -56.26
C GLU B 314 -24.64 -24.84 -56.79
N MET B 315 -23.52 -24.92 -56.09
CA MET B 315 -22.31 -24.24 -56.53
C MET B 315 -21.06 -24.83 -55.89
N GLU B 316 -19.95 -24.80 -56.60
CA GLU B 316 -18.72 -25.30 -56.03
C GLU B 316 -17.81 -24.09 -55.92
N ILE B 317 -17.40 -23.79 -54.69
CA ILE B 317 -16.55 -22.65 -54.46
C ILE B 317 -15.22 -23.04 -53.81
N GLY B 318 -14.14 -22.42 -54.26
CA GLY B 318 -12.84 -22.72 -53.72
C GLY B 318 -12.53 -21.92 -52.46
N PHE B 319 -11.85 -22.55 -51.50
CA PHE B 319 -11.51 -21.90 -50.25
C PHE B 319 -10.13 -22.19 -49.71
N ASN B 320 -9.44 -21.14 -49.30
CA ASN B 320 -8.13 -21.31 -48.70
C ASN B 320 -8.45 -21.95 -47.34
N VAL B 321 -8.02 -23.19 -47.15
CA VAL B 321 -8.30 -23.93 -45.93
C VAL B 321 -8.19 -23.12 -44.63
N SER B 322 -7.03 -22.49 -44.45
CA SER B 322 -6.73 -21.67 -43.28
C SER B 322 -7.78 -20.60 -42.98
N TYR B 323 -7.95 -19.67 -43.91
CA TYR B 323 -8.90 -18.60 -43.75
C TYR B 323 -10.21 -19.12 -43.19
N VAL B 324 -10.70 -20.23 -43.70
CA VAL B 324 -11.97 -20.76 -43.23
C VAL B 324 -11.85 -21.33 -41.82
N LEU B 325 -10.72 -21.97 -41.53
CA LEU B 325 -10.50 -22.55 -40.19
C LEU B 325 -10.33 -21.52 -39.07
N ASP B 326 -9.58 -20.46 -39.33
CA ASP B 326 -9.39 -19.42 -38.33
C ASP B 326 -10.76 -18.90 -37.90
N VAL B 327 -11.64 -18.71 -38.88
CA VAL B 327 -12.98 -18.20 -38.62
C VAL B 327 -13.76 -19.15 -37.73
N LEU B 328 -13.72 -20.44 -38.05
CA LEU B 328 -14.44 -21.43 -37.27
C LEU B 328 -13.90 -21.51 -35.85
N ASN B 329 -12.60 -21.26 -35.68
CA ASN B 329 -11.99 -21.28 -34.36
C ASN B 329 -12.41 -20.05 -33.60
N ALA B 330 -12.27 -18.89 -34.23
CA ALA B 330 -12.66 -17.64 -33.61
C ALA B 330 -14.09 -17.77 -33.14
N LEU B 331 -14.91 -18.45 -33.94
CA LEU B 331 -16.31 -18.69 -33.59
C LEU B 331 -16.37 -19.91 -32.67
N LYS B 332 -16.13 -19.69 -31.39
CA LYS B 332 -16.14 -20.77 -30.40
C LYS B 332 -17.54 -21.35 -30.17
N CYS B 333 -18.39 -21.27 -31.20
CA CYS B 333 -19.78 -21.74 -31.09
C CYS B 333 -20.03 -23.19 -31.53
N GLU B 334 -21.31 -23.49 -31.71
CA GLU B 334 -21.75 -24.81 -32.13
C GLU B 334 -22.18 -24.81 -33.59
N ASN B 335 -23.17 -23.99 -33.92
CA ASN B 335 -23.65 -23.89 -35.30
C ASN B 335 -23.20 -22.63 -36.00
N VAL B 336 -22.66 -22.81 -37.19
CA VAL B 336 -22.18 -21.70 -38.01
C VAL B 336 -23.08 -21.45 -39.20
N ARG B 337 -23.47 -20.19 -39.39
CA ARG B 337 -24.32 -19.80 -40.51
C ARG B 337 -23.41 -19.20 -41.56
N MET B 338 -23.83 -19.29 -42.81
CA MET B 338 -23.00 -18.79 -43.90
C MET B 338 -23.85 -18.17 -45.00
N MET B 339 -23.30 -17.20 -45.72
CA MET B 339 -24.04 -16.53 -46.77
C MET B 339 -23.19 -16.42 -48.01
N LEU B 340 -23.57 -17.14 -49.06
CA LEU B 340 -22.82 -17.12 -50.31
C LEU B 340 -23.59 -16.42 -51.41
N THR B 341 -22.99 -16.35 -52.58
CA THR B 341 -23.60 -15.68 -53.73
C THR B 341 -23.26 -16.39 -55.02
N ASP B 342 -22.00 -16.26 -55.42
CA ASP B 342 -21.09 -16.45 -56.45
C ASP B 342 -19.88 -17.28 -56.04
N SER B 343 -19.23 -17.92 -56.99
CA SER B 343 -18.07 -18.74 -56.69
C SER B 343 -16.83 -17.88 -56.80
N VAL B 344 -17.05 -16.59 -57.06
CA VAL B 344 -15.91 -15.70 -57.20
C VAL B 344 -16.13 -14.38 -56.50
N SER B 345 -16.93 -14.43 -55.44
CA SER B 345 -17.23 -13.25 -54.65
C SER B 345 -17.39 -13.57 -53.15
N SER B 346 -16.88 -12.67 -52.31
CA SER B 346 -16.88 -12.78 -50.87
C SER B 346 -18.02 -13.53 -50.18
N VAL B 347 -17.65 -14.29 -49.17
CA VAL B 347 -18.57 -15.10 -48.37
C VAL B 347 -18.60 -14.59 -46.94
N GLN B 348 -19.74 -14.72 -46.26
CA GLN B 348 -19.80 -14.22 -44.91
C GLN B 348 -20.12 -15.27 -43.86
N ILE B 349 -19.08 -15.82 -43.25
CA ILE B 349 -19.26 -16.81 -42.20
C ILE B 349 -19.62 -16.03 -40.95
N GLU B 350 -20.28 -16.69 -40.02
CA GLU B 350 -20.66 -16.07 -38.75
C GLU B 350 -21.45 -17.04 -37.87
N ASP B 351 -21.38 -16.86 -36.56
CA ASP B 351 -22.12 -17.72 -35.66
C ASP B 351 -23.60 -17.56 -35.93
N ALA B 352 -24.38 -18.61 -35.68
CA ALA B 352 -25.81 -18.53 -35.90
C ALA B 352 -26.41 -17.88 -34.65
N ALA B 353 -26.12 -18.50 -33.52
CA ALA B 353 -26.60 -18.05 -32.21
C ALA B 353 -26.55 -16.54 -31.95
N SER B 354 -25.51 -15.86 -32.42
CA SER B 354 -25.39 -14.42 -32.19
C SER B 354 -24.89 -13.67 -33.41
N GLN B 355 -24.74 -12.36 -33.26
CA GLN B 355 -24.25 -11.51 -34.34
C GLN B 355 -23.14 -10.56 -33.90
N SER B 356 -22.67 -10.73 -32.67
CA SER B 356 -21.61 -9.88 -32.13
C SER B 356 -20.48 -9.74 -33.14
N ALA B 357 -20.07 -10.86 -33.73
CA ALA B 357 -18.99 -10.85 -34.70
C ALA B 357 -19.46 -11.39 -36.04
N ALA B 358 -18.71 -11.06 -37.09
CA ALA B 358 -19.05 -11.52 -38.42
C ALA B 358 -17.76 -11.53 -39.22
N TYR B 359 -17.58 -12.55 -40.04
CA TYR B 359 -16.37 -12.66 -40.84
C TYR B 359 -16.70 -12.70 -42.32
N VAL B 360 -15.72 -12.40 -43.15
CA VAL B 360 -15.94 -12.42 -44.56
C VAL B 360 -14.69 -12.95 -45.20
N VAL B 361 -14.82 -13.99 -46.02
CA VAL B 361 -13.66 -14.58 -46.67
C VAL B 361 -13.82 -14.65 -48.17
N MET B 362 -12.84 -14.17 -48.90
CA MET B 362 -12.89 -14.24 -50.35
C MET B 362 -12.55 -15.66 -50.76
N PRO B 363 -13.35 -16.26 -51.65
CA PRO B 363 -13.07 -17.62 -52.09
C PRO B 363 -11.76 -17.60 -52.87
N MET B 364 -11.32 -18.76 -53.31
CA MET B 364 -10.08 -18.87 -54.05
C MET B 364 -10.32 -19.40 -55.45
N ARG B 365 -9.38 -19.10 -56.35
CA ARG B 365 -9.46 -19.55 -57.74
C ARG B 365 -9.44 -21.07 -57.80
N LEU B 366 -10.52 -21.68 -58.29
CA LEU B 366 -10.61 -23.13 -58.41
C LEU B 366 -9.78 -23.64 -59.58
N MET C 1 -45.56 14.40 43.28
CA MET C 1 -44.38 13.57 43.57
C MET C 1 -44.78 12.22 44.10
N ILE C 2 -43.91 11.24 43.88
CA ILE C 2 -44.13 9.88 44.35
C ILE C 2 -43.21 9.64 45.53
N ARG C 3 -43.77 9.36 46.70
CA ARG C 3 -42.94 9.07 47.86
C ARG C 3 -42.88 7.54 47.91
N LEU C 4 -41.66 7.01 47.95
CA LEU C 4 -41.45 5.58 47.93
C LEU C 4 -40.47 5.05 48.99
N TYR C 5 -40.46 3.74 49.16
CA TYR C 5 -39.54 3.07 50.08
C TYR C 5 -38.65 2.12 49.28
N PRO C 6 -37.36 2.05 49.61
CA PRO C 6 -36.39 1.19 48.92
C PRO C 6 -36.98 -0.09 48.32
N GLU C 7 -37.89 -0.72 49.04
CA GLU C 7 -38.48 -1.95 48.54
C GLU C 7 -39.76 -1.66 47.77
N GLN C 8 -39.70 -0.59 46.98
CA GLN C 8 -40.83 -0.16 46.13
C GLN C 8 -40.23 0.55 44.94
N LEU C 9 -38.98 0.96 45.07
CA LEU C 9 -38.30 1.66 44.01
C LEU C 9 -38.34 0.84 42.75
N ARG C 10 -37.63 -0.28 42.74
CA ARG C 10 -37.56 -1.16 41.56
C ARG C 10 -38.89 -1.28 40.81
N ALA C 11 -40.01 -1.21 41.52
CA ALA C 11 -41.31 -1.29 40.89
C ALA C 11 -41.58 0.02 40.15
N GLN C 12 -41.86 1.11 40.89
CA GLN C 12 -42.14 2.40 40.29
C GLN C 12 -40.94 2.94 39.55
N LEU C 13 -40.13 2.01 39.04
CA LEU C 13 -38.90 2.30 38.31
C LEU C 13 -38.90 1.46 37.05
N ASN C 14 -39.76 0.46 37.08
CA ASN C 14 -39.91 -0.47 35.97
C ASN C 14 -41.03 0.02 35.07
N GLU C 15 -42.00 0.70 35.69
CA GLU C 15 -43.11 1.27 34.97
C GLU C 15 -42.61 2.39 34.04
N GLY C 16 -41.54 3.08 34.44
CA GLY C 16 -40.99 4.12 33.60
C GLY C 16 -40.12 5.13 34.34
N LEU C 17 -38.90 5.34 33.88
CA LEU C 17 -38.04 6.30 34.53
C LEU C 17 -38.66 7.70 34.60
N ARG C 18 -38.59 8.32 35.77
CA ARG C 18 -39.09 9.66 35.93
C ARG C 18 -37.93 10.54 35.45
N ALA C 19 -37.96 11.82 35.76
CA ALA C 19 -36.89 12.71 35.28
C ALA C 19 -35.80 12.94 36.33
N ALA C 20 -36.17 12.77 37.58
CA ALA C 20 -35.23 13.01 38.66
C ALA C 20 -35.59 12.13 39.82
N TYR C 21 -34.56 11.76 40.59
CA TYR C 21 -34.76 10.91 41.77
C TYR C 21 -34.09 11.56 42.95
N LEU C 22 -34.81 11.58 44.07
CA LEU C 22 -34.33 12.17 45.30
C LEU C 22 -34.24 11.08 46.33
N LEU C 23 -32.99 10.74 46.64
CA LEU C 23 -32.70 9.68 47.62
C LEU C 23 -32.37 10.41 48.92
N LEU C 24 -33.36 10.53 49.80
CA LEU C 24 -33.22 11.27 51.05
C LEU C 24 -33.20 10.39 52.30
N GLY C 25 -32.11 10.45 53.07
CA GLY C 25 -32.05 9.63 54.26
C GLY C 25 -30.68 9.61 54.91
N ASN C 26 -30.62 9.04 56.10
CA ASN C 26 -29.38 8.97 56.85
C ASN C 26 -28.63 7.67 56.66
N ASP C 27 -29.30 6.64 56.14
CA ASP C 27 -28.64 5.36 55.94
C ASP C 27 -27.84 5.27 54.66
N PRO C 28 -26.54 4.97 54.78
CA PRO C 28 -25.65 4.87 53.64
C PRO C 28 -25.80 3.66 52.71
N LEU C 29 -26.25 2.52 53.24
CA LEU C 29 -26.41 1.34 52.39
C LEU C 29 -27.61 1.59 51.46
N LEU C 30 -28.76 1.86 52.09
CA LEU C 30 -30.01 2.16 51.39
C LEU C 30 -29.82 3.26 50.34
N LEU C 31 -29.06 4.29 50.65
CA LEU C 31 -28.86 5.32 49.63
C LEU C 31 -28.15 4.70 48.43
N GLN C 32 -27.04 4.01 48.69
CA GLN C 32 -26.25 3.38 47.64
C GLN C 32 -27.05 2.31 46.85
N GLU C 33 -27.91 1.58 47.53
CA GLU C 33 -28.68 0.58 46.83
C GLU C 33 -29.63 1.23 45.87
N SER C 34 -30.46 2.14 46.39
CA SER C 34 -31.38 2.87 45.55
C SER C 34 -30.69 3.59 44.38
N GLN C 35 -29.59 4.27 44.60
CA GLN C 35 -29.05 4.93 43.43
C GLN C 35 -28.54 3.91 42.43
N ASP C 36 -28.41 2.67 42.88
CA ASP C 36 -27.94 1.63 41.97
C ASP C 36 -29.11 1.05 41.24
N ALA C 37 -30.17 0.76 41.97
CA ALA C 37 -31.37 0.25 41.33
C ALA C 37 -31.65 1.18 40.12
N VAL C 38 -31.60 2.49 40.38
CA VAL C 38 -31.85 3.47 39.36
C VAL C 38 -30.86 3.38 38.20
N ARG C 39 -29.62 3.76 38.43
CA ARG C 39 -28.67 3.73 37.34
C ARG C 39 -28.57 2.39 36.64
N GLN C 40 -29.04 1.33 37.31
CA GLN C 40 -28.99 -0.01 36.73
C GLN C 40 -30.10 -0.04 35.70
N VAL C 41 -31.36 -0.02 36.18
CA VAL C 41 -32.50 -0.01 35.27
C VAL C 41 -32.23 1.01 34.14
N ALA C 42 -31.76 2.18 34.53
CA ALA C 42 -31.46 3.19 33.55
C ALA C 42 -30.45 2.68 32.55
N ALA C 43 -29.26 2.33 33.00
CA ALA C 43 -28.18 1.87 32.12
C ALA C 43 -28.67 0.89 31.07
N ALA C 44 -29.78 0.22 31.37
CA ALA C 44 -30.37 -0.72 30.43
C ALA C 44 -31.45 -0.04 29.62
N GLN C 45 -31.15 1.18 29.15
CA GLN C 45 -32.10 1.96 28.36
C GLN C 45 -31.34 3.05 27.68
N GLY C 46 -30.06 2.81 27.43
CA GLY C 46 -29.23 3.77 26.75
C GLY C 46 -28.38 4.68 27.61
N PHE C 47 -28.67 4.71 28.92
CA PHE C 47 -27.91 5.57 29.84
C PHE C 47 -26.53 5.00 30.16
N GLU C 48 -25.58 5.14 29.26
CA GLU C 48 -24.25 4.59 29.47
C GLU C 48 -23.24 5.58 30.07
N GLU C 49 -23.59 6.87 30.16
CA GLU C 49 -22.69 7.88 30.71
C GLU C 49 -23.14 8.31 32.10
N HIS C 50 -22.20 8.40 33.04
CA HIS C 50 -22.54 8.78 34.40
C HIS C 50 -21.52 9.76 34.97
N HIS C 51 -21.99 10.60 35.88
CA HIS C 51 -21.14 11.59 36.52
C HIS C 51 -21.68 11.87 37.90
N THR C 52 -20.77 12.04 38.86
CA THR C 52 -21.18 12.33 40.21
C THR C 52 -20.44 13.55 40.69
N PHE C 53 -21.16 14.43 41.37
CA PHE C 53 -20.58 15.66 41.90
C PHE C 53 -20.97 15.84 43.34
N SER C 54 -20.10 16.50 44.08
CA SER C 54 -20.37 16.77 45.49
C SER C 54 -20.76 18.24 45.54
N ILE C 55 -21.89 18.53 46.17
CA ILE C 55 -22.32 19.92 46.28
C ILE C 55 -21.81 20.46 47.61
N ASP C 56 -20.82 21.35 47.51
CA ASP C 56 -20.20 21.98 48.66
C ASP C 56 -19.86 23.40 48.21
N PRO C 57 -18.97 24.11 48.94
CA PRO C 57 -18.64 25.48 48.50
C PRO C 57 -17.53 25.55 47.43
N ASN C 58 -17.35 24.47 46.67
CA ASN C 58 -16.34 24.43 45.60
C ASN C 58 -16.88 23.87 44.29
N THR C 59 -18.12 23.38 44.34
CA THR C 59 -18.76 22.80 43.18
C THR C 59 -18.57 23.67 41.95
N ASP C 60 -17.80 23.19 40.99
CA ASP C 60 -17.58 23.94 39.76
C ASP C 60 -18.83 23.84 38.90
N TRP C 61 -19.93 24.39 39.40
CA TRP C 61 -21.20 24.34 38.69
C TRP C 61 -21.15 24.49 37.17
N ASN C 62 -20.18 25.23 36.64
CA ASN C 62 -20.07 25.36 35.19
C ASN C 62 -20.06 23.97 34.62
N ALA C 63 -18.99 23.22 34.90
CA ALA C 63 -18.85 21.85 34.40
C ALA C 63 -20.14 21.07 34.49
N ILE C 64 -20.83 21.13 35.63
CA ILE C 64 -22.08 20.41 35.77
C ILE C 64 -23.08 20.83 34.68
N PHE C 65 -23.25 22.15 34.54
CA PHE C 65 -24.15 22.72 33.56
C PHE C 65 -23.70 22.35 32.13
N SER C 66 -22.48 22.71 31.78
CA SER C 66 -21.95 22.39 30.47
C SER C 66 -22.24 20.93 30.12
N LEU C 67 -22.12 20.09 31.12
CA LEU C 67 -22.35 18.64 31.01
C LEU C 67 -23.76 18.37 30.50
N CYS C 68 -24.75 18.99 31.14
CA CYS C 68 -26.15 18.84 30.74
C CYS C 68 -26.38 19.23 29.27
N GLN C 69 -25.79 20.33 28.85
CA GLN C 69 -25.93 20.80 27.50
C GLN C 69 -25.16 19.98 26.50
N ALA C 70 -24.53 18.90 26.94
CA ALA C 70 -23.70 18.10 26.04
C ALA C 70 -24.41 17.03 25.26
N MET C 71 -23.84 16.69 24.11
CA MET C 71 -24.39 15.67 23.24
C MET C 71 -23.37 14.54 23.05
N SER C 72 -23.83 13.31 23.24
CA SER C 72 -22.98 12.13 23.14
C SER C 72 -22.54 11.78 21.72
N LEU C 73 -21.29 11.33 21.59
CA LEU C 73 -20.74 10.95 20.31
C LEU C 73 -21.28 9.58 19.93
N PHE C 74 -21.82 8.86 20.91
CA PHE C 74 -22.36 7.52 20.69
C PHE C 74 -23.81 7.53 21.12
N ALA C 75 -24.42 8.71 20.97
CA ALA C 75 -25.82 8.96 21.32
C ALA C 75 -26.30 8.36 22.63
N SER C 76 -25.37 8.05 23.52
CA SER C 76 -25.75 7.47 24.80
C SER C 76 -26.22 8.53 25.77
N ARG C 77 -27.36 8.26 26.38
CA ARG C 77 -27.96 9.13 27.36
C ARG C 77 -27.06 9.20 28.61
N GLN C 78 -27.33 10.12 29.53
CA GLN C 78 -26.48 10.25 30.72
C GLN C 78 -27.15 10.46 32.06
N THR C 79 -26.46 10.03 33.10
CA THR C 79 -26.91 10.18 34.48
C THR C 79 -26.05 11.21 35.21
N LEU C 80 -26.67 11.92 36.14
CA LEU C 80 -25.95 12.91 36.90
C LEU C 80 -26.36 12.75 38.32
N LEU C 81 -25.42 12.36 39.15
CA LEU C 81 -25.71 12.19 40.57
C LEU C 81 -25.16 13.38 41.34
N LEU C 82 -25.98 13.95 42.22
CA LEU C 82 -25.51 15.08 43.00
C LEU C 82 -25.54 14.76 44.48
N LEU C 83 -24.37 14.98 45.10
CA LEU C 83 -24.20 14.73 46.53
C LEU C 83 -24.30 16.01 47.36
N LEU C 84 -25.45 16.20 47.99
CA LEU C 84 -25.68 17.39 48.80
C LEU C 84 -24.77 17.46 50.02
N PRO C 85 -24.51 18.68 50.53
CA PRO C 85 -23.65 18.78 51.70
C PRO C 85 -24.40 18.18 52.87
N GLU C 86 -23.66 17.88 53.93
CA GLU C 86 -24.19 17.26 55.14
C GLU C 86 -25.49 17.88 55.67
N ASN C 87 -25.46 19.20 55.85
CA ASN C 87 -26.61 19.94 56.38
C ASN C 87 -27.82 19.91 55.46
N GLY C 88 -27.64 20.33 54.21
CA GLY C 88 -28.73 20.34 53.24
C GLY C 88 -28.50 21.37 52.16
N PRO C 89 -29.47 21.61 51.28
CA PRO C 89 -29.20 22.63 50.26
C PRO C 89 -28.95 23.99 50.90
N ASN C 90 -27.76 24.52 50.66
CA ASN C 90 -27.36 25.82 51.19
C ASN C 90 -28.27 26.87 50.58
N ALA C 91 -28.00 28.13 50.91
CA ALA C 91 -28.80 29.23 50.37
C ALA C 91 -28.37 29.56 48.95
N ALA C 92 -27.08 29.43 48.67
CA ALA C 92 -26.52 29.70 47.34
C ALA C 92 -26.80 28.49 46.47
N ILE C 93 -26.69 27.32 47.09
CA ILE C 93 -26.93 26.06 46.41
C ILE C 93 -28.34 26.04 45.84
N ASN C 94 -29.31 26.56 46.58
CA ASN C 94 -30.70 26.62 46.12
C ASN C 94 -30.76 27.33 44.77
N GLU C 95 -29.82 28.24 44.54
CA GLU C 95 -29.76 28.97 43.28
C GLU C 95 -29.35 28.06 42.13
N GLN C 96 -28.11 27.60 42.17
CA GLN C 96 -27.56 26.70 41.15
C GLN C 96 -28.49 25.52 40.85
N LEU C 97 -29.05 24.93 41.89
CA LEU C 97 -29.93 23.80 41.70
C LEU C 97 -31.06 24.26 40.79
N LEU C 98 -31.66 25.39 41.16
CA LEU C 98 -32.76 25.98 40.41
C LEU C 98 -32.38 26.07 38.92
N THR C 99 -31.24 26.70 38.62
CA THR C 99 -30.78 26.81 37.25
C THR C 99 -30.82 25.47 36.56
N LEU C 100 -30.22 24.47 37.20
CA LEU C 100 -30.12 23.10 36.70
C LEU C 100 -31.46 22.39 36.56
N THR C 101 -32.36 22.56 37.51
CA THR C 101 -33.66 21.92 37.38
C THR C 101 -34.32 22.43 36.11
N GLY C 102 -33.65 23.37 35.44
CA GLY C 102 -34.18 23.93 34.21
C GLY C 102 -33.42 23.42 33.00
N LEU C 103 -32.21 22.93 33.22
CA LEU C 103 -31.41 22.38 32.15
C LEU C 103 -31.71 20.88 32.00
N LEU C 104 -32.60 20.37 32.83
CA LEU C 104 -32.93 18.96 32.77
C LEU C 104 -33.63 18.57 31.49
N HIS C 105 -32.90 18.21 30.45
CA HIS C 105 -33.60 17.80 29.24
C HIS C 105 -34.05 16.35 29.31
N ASP C 106 -33.83 15.57 28.27
CA ASP C 106 -34.32 14.19 28.29
C ASP C 106 -33.29 13.07 28.42
N ASP C 107 -32.24 13.12 27.61
CA ASP C 107 -31.20 12.10 27.70
C ASP C 107 -30.33 12.51 28.89
N LEU C 108 -30.99 12.74 30.02
CA LEU C 108 -30.31 13.18 31.24
C LEU C 108 -31.17 12.96 32.47
N LEU C 109 -30.95 11.82 33.13
CA LEU C 109 -31.67 11.49 34.36
C LEU C 109 -30.90 12.21 35.47
N LEU C 110 -31.56 12.47 36.58
CA LEU C 110 -30.86 13.18 37.65
C LEU C 110 -31.18 12.64 39.01
N ILE C 111 -30.11 12.41 39.77
CA ILE C 111 -30.32 11.90 41.13
C ILE C 111 -29.69 12.84 42.13
N VAL C 112 -30.41 13.01 43.23
CA VAL C 112 -29.98 13.87 44.31
C VAL C 112 -30.01 13.06 45.57
N ARG C 113 -28.84 12.99 46.21
CA ARG C 113 -28.66 12.22 47.44
C ARG C 113 -28.38 13.09 48.67
N GLY C 114 -29.09 12.83 49.76
CA GLY C 114 -28.87 13.58 50.98
C GLY C 114 -29.75 13.18 52.15
N ASN C 115 -29.75 13.99 53.20
CA ASN C 115 -30.59 13.68 54.37
C ASN C 115 -31.94 14.37 54.23
N LYS C 116 -32.91 13.92 55.01
CA LYS C 116 -34.25 14.50 54.99
C LYS C 116 -34.09 15.99 54.71
N LEU C 117 -34.73 16.47 53.65
CA LEU C 117 -34.62 17.90 53.29
C LEU C 117 -35.04 18.80 54.44
N SER C 118 -34.10 19.64 54.89
CA SER C 118 -34.29 20.57 56.03
C SER C 118 -35.74 21.05 56.03
N LYS C 119 -36.49 20.62 57.02
CA LYS C 119 -37.90 20.93 57.09
C LYS C 119 -38.57 22.02 56.26
N ALA C 120 -38.03 23.19 56.09
CA ALA C 120 -38.82 24.06 55.23
C ALA C 120 -38.12 24.22 53.87
N GLN C 121 -37.02 23.49 53.68
CA GLN C 121 -36.24 23.54 52.45
C GLN C 121 -36.87 22.84 51.27
N GLU C 122 -38.02 22.21 51.47
CA GLU C 122 -38.72 21.55 50.36
C GLU C 122 -39.60 22.62 49.70
N ASN C 123 -39.35 23.86 50.11
CA ASN C 123 -40.05 25.01 49.57
C ASN C 123 -39.11 25.73 48.61
N ALA C 124 -37.83 25.38 48.70
CA ALA C 124 -36.82 25.97 47.84
C ALA C 124 -37.27 25.97 46.39
N ALA C 125 -36.72 26.89 45.60
CA ALA C 125 -37.08 27.01 44.19
C ALA C 125 -36.98 25.68 43.46
N TRP C 126 -35.74 25.22 43.31
CA TRP C 126 -35.46 23.97 42.60
C TRP C 126 -36.35 22.79 42.99
N PHE C 127 -36.56 22.60 44.29
CA PHE C 127 -37.38 21.48 44.73
C PHE C 127 -38.73 21.48 44.04
N THR C 128 -39.58 22.43 44.41
CA THR C 128 -40.91 22.54 43.82
C THR C 128 -40.89 22.43 42.30
N ALA C 129 -39.76 22.80 41.69
CA ALA C 129 -39.63 22.71 40.25
C ALA C 129 -39.76 21.25 39.79
N LEU C 130 -39.20 20.35 40.59
CA LEU C 130 -39.23 18.91 40.28
C LEU C 130 -40.38 18.16 40.94
N ALA C 131 -40.76 18.59 42.14
CA ALA C 131 -41.79 17.94 42.93
C ALA C 131 -42.85 17.01 42.27
N ASN C 132 -43.38 17.31 41.08
CA ASN C 132 -44.37 16.39 40.47
C ASN C 132 -43.79 15.68 39.28
N ARG C 133 -42.57 16.02 38.95
CA ARG C 133 -41.91 15.47 37.79
C ARG C 133 -40.73 14.63 38.27
N SER C 134 -40.90 14.03 39.44
CA SER C 134 -39.85 13.24 40.05
C SER C 134 -40.34 12.15 41.01
N VAL C 135 -39.39 11.41 41.56
CA VAL C 135 -39.65 10.35 42.52
C VAL C 135 -38.76 10.56 43.73
N GLN C 136 -39.30 10.25 44.91
CA GLN C 136 -38.55 10.43 46.15
C GLN C 136 -38.42 9.12 46.91
N VAL C 137 -37.19 8.70 47.16
CA VAL C 137 -36.95 7.48 47.91
C VAL C 137 -36.46 7.85 49.30
N THR C 138 -37.12 7.32 50.32
CA THR C 138 -36.75 7.58 51.70
C THR C 138 -35.89 6.45 52.25
N CYS C 139 -34.60 6.74 52.36
CA CYS C 139 -33.62 5.77 52.84
C CYS C 139 -33.24 5.99 54.30
N GLN C 140 -34.10 5.67 55.21
CA GLN C 140 -33.74 5.93 56.60
C GLN C 140 -33.18 4.65 57.26
N THR C 141 -32.28 4.79 58.25
CA THR C 141 -31.73 3.55 58.86
C THR C 141 -32.82 3.09 59.77
N PRO C 142 -33.24 1.87 59.61
CA PRO C 142 -34.32 1.42 60.50
C PRO C 142 -33.62 1.39 61.85
N GLU C 143 -34.26 0.89 62.89
CA GLU C 143 -33.56 0.86 64.17
C GLU C 143 -34.05 -0.29 65.06
N GLN C 144 -33.63 -0.24 66.32
CA GLN C 144 -33.98 -1.26 67.30
C GLN C 144 -35.05 -2.29 66.96
N ALA C 145 -36.32 -1.93 67.08
CA ALA C 145 -37.37 -2.90 66.83
C ALA C 145 -37.46 -3.28 65.36
N GLN C 146 -37.42 -2.26 64.51
CA GLN C 146 -37.55 -2.42 63.08
C GLN C 146 -36.34 -3.09 62.41
N LEU C 147 -35.19 -3.10 63.08
CA LEU C 147 -34.00 -3.70 62.48
C LEU C 147 -34.15 -5.20 62.23
N PRO C 148 -34.66 -5.95 63.22
CA PRO C 148 -34.81 -7.39 62.99
C PRO C 148 -35.51 -7.71 61.68
N ARG C 149 -36.78 -7.34 61.55
CA ARG C 149 -37.49 -7.65 60.31
C ARG C 149 -36.73 -7.21 59.07
N TRP C 150 -36.02 -6.09 59.15
CA TRP C 150 -35.26 -5.67 57.98
C TRP C 150 -34.25 -6.76 57.63
N VAL C 151 -33.72 -7.42 58.65
CA VAL C 151 -32.76 -8.49 58.42
C VAL C 151 -33.52 -9.75 58.02
N ALA C 152 -34.54 -10.10 58.80
CA ALA C 152 -35.35 -11.26 58.51
C ALA C 152 -35.69 -11.23 57.03
N ALA C 153 -36.18 -10.08 56.58
CA ALA C 153 -36.54 -9.86 55.18
C ALA C 153 -35.32 -10.12 54.32
N ARG C 154 -34.37 -9.19 54.36
CA ARG C 154 -33.14 -9.28 53.59
C ARG C 154 -32.66 -10.71 53.43
N ALA C 155 -32.71 -11.47 54.53
CA ALA C 155 -32.29 -12.87 54.50
C ALA C 155 -33.14 -13.60 53.49
N LYS C 156 -34.45 -13.55 53.72
CA LYS C 156 -35.42 -14.21 52.84
C LYS C 156 -35.21 -13.89 51.37
N GLN C 157 -35.07 -12.61 51.02
CA GLN C 157 -34.86 -12.26 49.63
C GLN C 157 -33.50 -12.74 49.12
N LEU C 158 -32.83 -13.53 49.95
CA LEU C 158 -31.54 -14.11 49.60
C LEU C 158 -31.72 -15.61 49.69
N ASN C 159 -32.94 -16.01 50.01
CA ASN C 159 -33.28 -17.41 50.13
C ASN C 159 -32.45 -18.08 51.22
N LEU C 160 -32.45 -17.46 52.39
CA LEU C 160 -31.71 -17.99 53.53
C LEU C 160 -32.68 -18.34 54.66
N GLU C 161 -32.30 -19.32 55.47
CA GLU C 161 -33.15 -19.81 56.56
C GLU C 161 -32.75 -19.36 57.97
N LEU C 162 -32.42 -18.07 58.10
CA LEU C 162 -32.01 -17.44 59.36
C LEU C 162 -32.93 -17.81 60.53
N ASP C 163 -32.36 -18.15 61.68
CA ASP C 163 -33.17 -18.49 62.85
C ASP C 163 -33.61 -17.24 63.58
N ASP C 164 -34.74 -17.34 64.28
CA ASP C 164 -35.26 -16.22 65.04
C ASP C 164 -34.13 -15.69 65.93
N ALA C 165 -33.57 -16.57 66.74
CA ALA C 165 -32.48 -16.21 67.66
C ALA C 165 -31.28 -15.59 66.95
N ALA C 166 -30.71 -16.31 66.00
CA ALA C 166 -29.54 -15.82 65.27
C ALA C 166 -29.77 -14.45 64.64
N ASN C 167 -31.00 -14.15 64.28
CA ASN C 167 -31.31 -12.85 63.69
C ASN C 167 -31.02 -11.78 64.72
N GLN C 168 -31.53 -12.00 65.93
CA GLN C 168 -31.33 -11.08 67.03
C GLN C 168 -29.84 -10.87 67.29
N VAL C 169 -29.08 -11.97 67.34
CA VAL C 169 -27.64 -11.88 67.56
C VAL C 169 -27.03 -10.90 66.58
N LEU C 170 -27.17 -11.20 65.28
CA LEU C 170 -26.64 -10.32 64.23
C LEU C 170 -27.05 -8.89 64.49
N CYS C 171 -28.29 -8.72 64.96
CA CYS C 171 -28.81 -7.40 65.25
C CYS C 171 -28.08 -6.74 66.41
N TYR C 172 -27.73 -7.53 67.42
CA TYR C 172 -27.04 -7.00 68.58
C TYR C 172 -25.61 -6.49 68.32
N CYS C 173 -24.87 -7.20 67.48
CA CYS C 173 -23.48 -6.82 67.20
C CYS C 173 -23.21 -5.88 66.04
N TYR C 174 -24.15 -5.75 65.10
CA TYR C 174 -23.94 -4.87 63.97
C TYR C 174 -24.97 -3.76 64.03
N GLU C 175 -25.85 -3.88 65.02
CA GLU C 175 -26.93 -2.93 65.26
C GLU C 175 -26.70 -1.52 64.73
N GLY C 176 -27.51 -1.14 63.75
CA GLY C 176 -27.41 0.19 63.16
C GLY C 176 -26.63 0.24 61.87
N ASN C 177 -25.77 -0.74 61.64
CA ASN C 177 -24.95 -0.78 60.43
C ASN C 177 -25.49 -1.77 59.40
N LEU C 178 -26.28 -1.28 58.45
CA LEU C 178 -26.85 -2.14 57.43
C LEU C 178 -25.80 -2.82 56.56
N LEU C 179 -24.78 -2.08 56.12
CA LEU C 179 -23.74 -2.67 55.28
C LEU C 179 -23.09 -3.90 55.92
N ALA C 180 -22.85 -3.82 57.22
CA ALA C 180 -22.23 -4.94 57.93
C ALA C 180 -23.15 -6.14 57.92
N LEU C 181 -24.41 -5.93 58.31
CA LEU C 181 -25.40 -6.99 58.34
C LEU C 181 -25.57 -7.62 56.96
N ALA C 182 -25.55 -6.78 55.94
CA ALA C 182 -25.70 -7.26 54.57
C ALA C 182 -24.51 -8.16 54.25
N GLN C 183 -23.33 -7.57 54.18
CA GLN C 183 -22.11 -8.32 53.88
C GLN C 183 -21.95 -9.52 54.81
N ALA C 184 -22.46 -9.41 56.03
CA ALA C 184 -22.37 -10.52 56.96
C ALA C 184 -23.08 -11.67 56.26
N LEU C 185 -24.39 -11.50 56.05
CA LEU C 185 -25.21 -12.50 55.39
C LEU C 185 -24.59 -13.01 54.09
N GLU C 186 -24.18 -12.10 53.21
CA GLU C 186 -23.56 -12.50 51.95
C GLU C 186 -22.49 -13.55 52.25
N ARG C 187 -21.71 -13.27 53.29
CA ARG C 187 -20.61 -14.13 53.72
C ARG C 187 -21.03 -15.49 54.26
N LEU C 188 -21.88 -15.53 55.29
CA LEU C 188 -22.32 -16.81 55.83
C LEU C 188 -22.90 -17.61 54.68
N SER C 189 -23.56 -16.91 53.77
CA SER C 189 -24.17 -17.51 52.60
C SER C 189 -23.20 -18.44 51.86
N LEU C 190 -22.00 -17.92 51.59
CA LEU C 190 -20.98 -18.70 50.89
C LEU C 190 -20.36 -19.77 51.78
N LEU C 191 -20.31 -19.50 53.08
CA LEU C 191 -19.73 -20.46 54.01
C LEU C 191 -20.64 -21.65 54.20
N TRP C 192 -21.90 -21.50 53.82
CA TRP C 192 -22.85 -22.59 53.94
C TRP C 192 -23.89 -22.56 52.82
N PRO C 193 -23.57 -23.23 51.70
CA PRO C 193 -24.48 -23.29 50.55
C PRO C 193 -25.72 -23.97 51.07
N ASP C 194 -25.53 -24.66 52.19
CA ASP C 194 -26.57 -25.37 52.90
C ASP C 194 -27.75 -24.41 53.02
N GLY C 195 -27.44 -23.15 53.30
CA GLY C 195 -28.46 -22.12 53.43
C GLY C 195 -29.02 -21.87 54.81
N LYS C 196 -28.69 -22.73 55.78
CA LYS C 196 -29.23 -22.58 57.12
C LYS C 196 -28.33 -21.86 58.13
N LEU C 197 -28.61 -20.57 58.33
CA LEU C 197 -27.84 -19.76 59.26
C LEU C 197 -28.40 -19.94 60.67
N THR C 198 -27.93 -20.97 61.36
CA THR C 198 -28.39 -21.23 62.72
C THR C 198 -27.64 -20.36 63.70
N LEU C 199 -28.15 -20.28 64.93
CA LEU C 199 -27.51 -19.46 65.95
C LEU C 199 -26.02 -19.77 66.00
N PRO C 200 -25.65 -21.04 66.22
CA PRO C 200 -24.24 -21.43 66.27
C PRO C 200 -23.40 -20.81 65.15
N ARG C 201 -23.87 -20.89 63.92
CA ARG C 201 -23.12 -20.33 62.80
C ARG C 201 -22.99 -18.81 62.86
N VAL C 202 -24.06 -18.12 63.26
CA VAL C 202 -24.00 -16.67 63.37
C VAL C 202 -22.94 -16.34 64.41
N GLU C 203 -23.09 -16.94 65.59
CA GLU C 203 -22.16 -16.78 66.70
C GLU C 203 -20.74 -17.04 66.17
N GLN C 204 -20.56 -18.20 65.56
CA GLN C 204 -19.26 -18.57 65.01
C GLN C 204 -18.81 -17.54 63.99
N ALA C 205 -19.76 -16.93 63.30
CA ALA C 205 -19.46 -15.91 62.30
C ALA C 205 -19.00 -14.62 62.93
N VAL C 206 -19.58 -14.29 64.09
CA VAL C 206 -19.22 -13.06 64.80
C VAL C 206 -18.00 -13.31 65.68
N ASN C 207 -18.01 -14.44 66.40
CA ASN C 207 -16.92 -14.82 67.29
C ASN C 207 -15.66 -15.20 66.51
N ASP C 208 -15.48 -16.51 66.36
CA ASP C 208 -14.34 -17.11 65.66
C ASP C 208 -13.75 -16.19 64.59
N ALA C 209 -14.62 -15.68 63.71
CA ALA C 209 -14.18 -14.78 62.66
C ALA C 209 -13.87 -13.41 63.26
N ALA C 210 -12.72 -12.86 62.91
CA ALA C 210 -12.31 -11.56 63.42
C ALA C 210 -12.74 -10.44 62.48
N HIS C 211 -13.89 -10.60 61.85
CA HIS C 211 -14.42 -9.59 60.93
C HIS C 211 -15.49 -8.79 61.67
N PHE C 212 -15.28 -8.68 62.97
CA PHE C 212 -16.13 -7.92 63.89
C PHE C 212 -15.23 -6.69 64.00
N THR C 213 -15.41 -5.78 63.04
CA THR C 213 -14.65 -4.56 62.90
C THR C 213 -14.16 -3.81 64.15
N PRO C 214 -15.06 -3.54 65.11
CA PRO C 214 -14.55 -2.84 66.29
C PRO C 214 -13.29 -3.50 66.85
N PHE C 215 -13.20 -4.82 66.73
CA PHE C 215 -12.03 -5.55 67.21
C PHE C 215 -10.77 -5.01 66.54
N HIS C 216 -10.93 -4.46 65.34
CA HIS C 216 -9.81 -3.88 64.60
C HIS C 216 -9.41 -2.57 65.27
N TRP C 217 -10.41 -1.85 65.76
CA TRP C 217 -10.20 -0.57 66.44
C TRP C 217 -9.64 -0.85 67.84
N VAL C 218 -10.35 -1.66 68.61
CA VAL C 218 -9.91 -2.02 69.96
C VAL C 218 -8.48 -2.54 69.85
N ASP C 219 -8.15 -3.05 68.67
CA ASP C 219 -6.83 -3.58 68.39
C ASP C 219 -5.82 -2.44 68.35
N ALA C 220 -6.14 -1.42 67.56
CA ALA C 220 -5.28 -0.25 67.41
C ALA C 220 -5.03 0.41 68.76
N LEU C 221 -6.02 0.33 69.65
CA LEU C 221 -5.89 0.92 70.97
C LEU C 221 -4.78 0.24 71.74
N LEU C 222 -4.87 -1.09 71.85
CA LEU C 222 -3.83 -1.84 72.55
C LEU C 222 -2.50 -1.42 71.94
N MET C 223 -2.31 -1.72 70.66
CA MET C 223 -1.08 -1.37 69.96
C MET C 223 -0.77 0.12 69.95
N GLY C 224 -1.57 0.92 70.66
CA GLY C 224 -1.33 2.35 70.70
C GLY C 224 -1.16 2.89 69.29
N LYS C 225 -2.04 2.44 68.40
CA LYS C 225 -2.05 2.83 66.99
C LYS C 225 -3.06 3.95 66.78
N SER C 226 -2.79 5.13 67.32
CA SER C 226 -3.69 6.27 67.22
C SER C 226 -4.15 6.66 65.81
N LYS C 227 -3.21 7.09 64.98
CA LYS C 227 -3.53 7.52 63.62
C LYS C 227 -4.41 6.49 62.93
N ARG C 228 -3.78 5.42 62.47
CA ARG C 228 -4.50 4.36 61.79
C ARG C 228 -5.72 3.90 62.61
N ALA C 229 -5.72 4.18 63.92
CA ALA C 229 -6.85 3.82 64.78
C ALA C 229 -8.03 4.72 64.50
N LEU C 230 -7.76 6.03 64.42
CA LEU C 230 -8.80 7.00 64.14
C LEU C 230 -9.44 6.71 62.80
N HIS C 231 -8.60 6.38 61.81
CA HIS C 231 -9.09 6.03 60.48
C HIS C 231 -10.23 5.02 60.66
N ILE C 232 -9.91 3.89 61.27
CA ILE C 232 -10.91 2.84 61.51
C ILE C 232 -12.14 3.40 62.19
N LEU C 233 -11.91 4.29 63.15
CA LEU C 233 -13.00 4.91 63.89
C LEU C 233 -13.87 5.71 62.91
N GLN C 234 -13.23 6.37 61.96
CA GLN C 234 -13.94 7.15 60.95
C GLN C 234 -14.82 6.25 60.12
N GLN C 235 -14.20 5.37 59.34
CA GLN C 235 -14.91 4.43 58.49
C GLN C 235 -16.05 3.80 59.29
N LEU C 236 -15.71 3.34 60.49
CA LEU C 236 -16.70 2.71 61.36
C LEU C 236 -18.01 3.47 61.43
N ARG C 237 -18.01 4.73 60.99
CA ARG C 237 -19.25 5.49 61.00
C ARG C 237 -19.63 6.02 59.62
N LEU C 238 -18.91 5.57 58.60
CA LEU C 238 -19.20 5.92 57.21
C LEU C 238 -19.73 4.61 56.64
N GLU C 239 -20.26 3.79 57.55
CA GLU C 239 -20.83 2.50 57.22
C GLU C 239 -22.17 2.50 57.94
N GLY C 240 -22.33 3.46 58.85
CA GLY C 240 -23.56 3.61 59.60
C GLY C 240 -23.59 2.88 60.92
N SER C 241 -22.43 2.41 61.38
CA SER C 241 -22.35 1.68 62.64
C SER C 241 -22.57 2.56 63.86
N GLU C 242 -23.43 2.09 64.77
CA GLU C 242 -23.77 2.80 66.00
C GLU C 242 -22.73 2.57 67.10
N PRO C 243 -22.20 3.65 67.70
CA PRO C 243 -21.19 3.62 68.76
C PRO C 243 -21.49 2.78 70.01
N VAL C 244 -22.76 2.69 70.37
CA VAL C 244 -23.17 1.93 71.55
C VAL C 244 -22.59 0.51 71.54
N ILE C 245 -21.89 0.18 70.46
CA ILE C 245 -21.30 -1.14 70.29
C ILE C 245 -19.79 -1.15 70.53
N LEU C 246 -19.08 -0.19 69.96
CA LEU C 246 -17.64 -0.10 70.11
C LEU C 246 -17.23 -0.08 71.57
N LEU C 247 -18.04 0.59 72.40
CA LEU C 247 -17.74 0.66 73.82
C LEU C 247 -17.81 -0.72 74.46
N ARG C 248 -19.00 -1.31 74.48
CA ARG C 248 -19.19 -2.62 75.08
C ARG C 248 -18.05 -3.63 74.82
N THR C 249 -17.52 -3.67 73.61
CA THR C 249 -16.44 -4.62 73.32
C THR C 249 -15.17 -4.18 74.06
N LEU C 250 -14.70 -2.97 73.76
CA LEU C 250 -13.51 -2.42 74.41
C LEU C 250 -13.68 -2.41 75.91
N GLN C 251 -14.88 -2.04 76.36
CA GLN C 251 -15.20 -1.98 77.78
C GLN C 251 -15.00 -3.34 78.44
N ARG C 252 -14.54 -4.31 77.66
CA ARG C 252 -14.26 -5.65 78.16
C ARG C 252 -12.76 -5.87 78.02
N GLU C 253 -12.28 -5.77 76.79
CA GLU C 253 -10.85 -5.91 76.54
C GLU C 253 -10.14 -5.12 77.60
N LEU C 254 -10.55 -3.86 77.71
CA LEU C 254 -10.00 -2.92 78.68
C LEU C 254 -10.11 -3.46 80.10
N LEU C 255 -11.32 -3.90 80.47
CA LEU C 255 -11.54 -4.44 81.81
C LEU C 255 -10.53 -5.56 82.08
N LEU C 256 -10.23 -6.35 81.05
CA LEU C 256 -9.28 -7.45 81.19
C LEU C 256 -7.89 -6.88 81.47
N LEU C 257 -7.48 -5.90 80.67
CA LEU C 257 -6.17 -5.28 80.86
C LEU C 257 -6.02 -4.75 82.28
N VAL C 258 -7.14 -4.52 82.96
CA VAL C 258 -7.09 -4.06 84.34
C VAL C 258 -6.80 -5.27 85.19
N ASN C 259 -7.50 -6.37 84.91
CA ASN C 259 -7.31 -7.61 85.64
C ASN C 259 -5.87 -8.04 85.41
N LEU C 260 -5.43 -7.94 84.17
CA LEU C 260 -4.08 -8.31 83.79
C LEU C 260 -3.07 -7.39 84.50
N LYS C 261 -3.24 -6.09 84.35
CA LYS C 261 -2.36 -5.09 84.96
C LYS C 261 -2.17 -5.28 86.46
N ARG C 262 -3.27 -5.51 87.16
CA ARG C 262 -3.26 -5.71 88.61
C ARG C 262 -2.45 -6.95 88.99
N GLN C 263 -1.74 -7.51 88.01
CA GLN C 263 -0.93 -8.70 88.25
C GLN C 263 0.32 -8.77 87.38
N SER C 264 1.09 -7.68 87.37
CA SER C 264 2.32 -7.66 86.59
C SER C 264 3.34 -8.61 87.21
N ALA C 265 3.33 -8.67 88.54
CA ALA C 265 4.23 -9.54 89.29
C ALA C 265 3.45 -10.48 90.22
N HIS C 266 2.13 -10.44 90.10
CA HIS C 266 1.22 -11.27 90.89
C HIS C 266 1.27 -12.68 90.29
N THR C 267 1.46 -12.69 88.97
CA THR C 267 1.57 -13.87 88.11
C THR C 267 1.91 -13.13 86.81
N PRO C 268 3.10 -13.39 86.24
CA PRO C 268 3.54 -12.72 85.01
C PRO C 268 3.57 -13.30 83.59
N LEU C 269 3.90 -12.38 82.64
CA LEU C 269 3.75 -12.63 81.20
C LEU C 269 4.10 -14.08 80.85
N ARG C 270 3.80 -14.89 80.51
CA ARG C 270 3.19 -16.16 80.08
C ARG C 270 2.47 -17.01 81.17
N ALA C 271 2.70 -16.67 82.40
CA ALA C 271 2.01 -17.28 83.52
C ALA C 271 0.52 -17.01 83.56
N LEU C 272 0.13 -15.75 83.66
CA LEU C 272 -1.28 -15.42 83.71
C LEU C 272 -1.82 -15.24 82.29
N PHE C 273 -0.91 -15.04 81.34
CA PHE C 273 -1.28 -14.88 79.94
C PHE C 273 -1.81 -16.21 79.43
N ASP C 274 -1.30 -17.29 80.01
CA ASP C 274 -1.72 -18.62 79.63
C ASP C 274 -2.88 -19.04 80.53
N LYS C 275 -3.69 -18.05 80.91
CA LYS C 275 -4.84 -18.27 81.78
C LYS C 275 -6.14 -17.73 81.13
N HIS C 276 -6.23 -16.42 80.95
CA HIS C 276 -7.41 -15.84 80.30
C HIS C 276 -7.22 -16.08 78.80
N ARG C 277 -8.15 -16.83 78.21
CA ARG C 277 -8.10 -17.23 76.81
C ARG C 277 -7.87 -16.24 75.66
N VAL C 278 -7.75 -14.96 75.99
CA VAL C 278 -6.48 -14.22 75.05
C VAL C 278 -5.06 -14.34 74.47
N TRP C 279 -4.29 -15.37 74.87
CA TRP C 279 -2.91 -15.51 74.36
C TRP C 279 -2.84 -15.72 72.85
N ARG C 282 -2.10 -12.54 70.47
CA ARG C 282 -2.19 -11.13 70.86
C ARG C 282 -0.97 -10.70 71.64
N ARG C 283 -0.29 -11.68 72.21
CA ARG C 283 0.82 -11.46 73.15
C ARG C 283 1.38 -10.06 72.95
N GLY C 284 1.99 -9.83 71.79
CA GLY C 284 2.57 -8.53 71.49
C GLY C 284 1.64 -7.37 71.74
N MET C 285 0.33 -7.61 71.60
CA MET C 285 -0.67 -6.57 71.82
C MET C 285 -0.93 -6.33 73.30
N MET C 286 -1.60 -7.28 73.95
CA MET C 286 -1.88 -7.17 75.37
C MET C 286 -0.53 -6.93 76.04
N GLY C 287 0.51 -7.47 75.42
CA GLY C 287 1.86 -7.31 75.93
C GLY C 287 2.38 -5.91 75.71
N GLU C 288 1.87 -5.24 74.69
CA GLU C 288 2.29 -3.87 74.40
C GLU C 288 1.49 -2.93 75.31
N ALA C 289 0.19 -3.21 75.43
CA ALA C 289 -0.70 -2.42 76.25
C ALA C 289 -0.17 -2.32 77.69
N LEU C 290 -0.47 -3.33 78.50
CA LEU C 290 -0.02 -3.36 79.89
C LEU C 290 1.39 -2.82 80.00
N ASN C 291 2.21 -3.14 79.01
CA ASN C 291 3.60 -2.70 78.99
C ASN C 291 3.69 -1.18 78.94
N ARG C 292 3.59 -0.63 77.74
CA ARG C 292 3.69 0.81 77.51
C ARG C 292 2.67 1.67 78.27
N LEU C 293 1.52 1.09 78.59
CA LEU C 293 0.42 1.78 79.28
C LEU C 293 0.34 1.42 80.77
N SER C 294 0.02 2.40 81.62
CA SER C 294 -0.05 2.18 83.07
C SER C 294 -1.47 1.96 83.62
N GLN C 295 -1.59 1.91 84.95
CA GLN C 295 -2.91 1.71 85.55
C GLN C 295 -3.55 3.03 85.93
N THR C 296 -2.74 4.08 86.03
CA THR C 296 -3.26 5.40 86.34
C THR C 296 -3.99 5.84 85.08
N GLN C 297 -3.46 5.45 83.93
CA GLN C 297 -4.06 5.76 82.64
C GLN C 297 -5.27 4.84 82.43
N LEU C 298 -5.06 3.55 82.65
CA LEU C 298 -6.13 2.56 82.49
C LEU C 298 -7.46 2.92 83.13
N ARG C 299 -7.43 3.31 84.40
CA ARG C 299 -8.67 3.65 85.09
C ARG C 299 -9.36 4.86 84.48
N GLN C 300 -8.58 5.85 84.06
CA GLN C 300 -9.18 7.03 83.43
C GLN C 300 -9.98 6.56 82.24
N ALA C 301 -9.36 5.72 81.41
CA ALA C 301 -10.01 5.17 80.22
C ALA C 301 -11.29 4.42 80.55
N VAL C 302 -11.24 3.63 81.62
CA VAL C 302 -12.41 2.86 82.05
C VAL C 302 -13.48 3.81 82.62
N GLN C 303 -13.01 4.85 83.28
CA GLN C 303 -13.90 5.85 83.88
C GLN C 303 -14.61 6.57 82.72
N LEU C 304 -13.82 6.93 81.71
CA LEU C 304 -14.31 7.64 80.54
C LEU C 304 -15.36 6.83 79.78
N LEU C 305 -14.91 5.73 79.18
CA LEU C 305 -15.79 4.86 78.42
C LEU C 305 -17.04 4.55 79.24
N THR C 306 -16.84 4.15 80.49
CA THR C 306 -17.96 3.84 81.36
C THR C 306 -18.99 4.96 81.24
N ARG C 307 -18.53 6.20 81.37
CA ARG C 307 -19.42 7.35 81.31
C ARG C 307 -19.97 7.63 79.92
N THR C 308 -19.11 7.61 78.90
CA THR C 308 -19.56 7.85 77.53
C THR C 308 -20.77 6.96 77.24
N GLU C 309 -20.78 5.76 77.79
CA GLU C 309 -21.88 4.84 77.57
C GLU C 309 -22.97 4.98 78.62
N LEU C 310 -22.96 6.09 79.34
CA LEU C 310 -23.95 6.36 80.35
C LEU C 310 -24.58 7.68 79.92
N THR C 311 -23.87 8.40 79.07
CA THR C 311 -24.38 9.67 78.58
C THR C 311 -25.48 9.38 77.56
N LEU C 312 -25.13 8.72 76.46
CA LEU C 312 -26.11 8.40 75.43
C LEU C 312 -27.36 7.68 75.95
N LYS C 313 -27.37 7.32 77.23
CA LYS C 313 -28.51 6.66 77.85
C LYS C 313 -29.16 7.57 78.89
N GLN C 314 -28.33 8.41 79.52
CA GLN C 314 -28.79 9.35 80.53
C GLN C 314 -28.38 10.78 80.17
N ASP C 315 -28.26 11.03 78.87
CA ASP C 315 -27.88 12.34 78.31
C ASP C 315 -28.32 12.31 76.87
N TYR C 316 -29.21 11.36 76.61
CA TYR C 316 -29.83 11.11 75.32
C TYR C 316 -30.04 12.35 74.46
N GLY C 317 -30.18 12.12 73.15
CA GLY C 317 -30.40 13.22 72.24
C GLY C 317 -29.16 13.76 71.55
N GLN C 318 -28.16 14.18 72.32
CA GLN C 318 -26.95 14.74 71.73
C GLN C 318 -25.66 14.25 72.39
N ALA C 322 -17.31 12.43 69.29
CA ALA C 322 -16.14 13.10 69.83
C ALA C 322 -15.63 12.38 71.10
N GLU C 323 -16.55 12.02 72.01
CA GLU C 323 -16.21 11.28 73.22
C GLU C 323 -15.67 9.87 72.96
N LEU C 324 -15.15 9.62 71.76
CA LEU C 324 -14.58 8.32 71.40
C LEU C 324 -13.16 8.54 70.89
N GLU C 325 -12.88 9.73 70.37
CA GLU C 325 -11.54 10.06 69.92
C GLU C 325 -10.82 10.35 71.21
N GLY C 326 -11.62 10.65 72.23
CA GLY C 326 -11.06 10.90 73.54
C GLY C 326 -10.38 9.59 73.88
N LEU C 327 -11.17 8.56 74.14
CA LEU C 327 -10.65 7.25 74.45
C LEU C 327 -9.50 6.88 73.53
N SER C 328 -9.73 7.01 72.22
CA SER C 328 -8.70 6.69 71.24
C SER C 328 -7.38 7.35 71.63
N LEU C 329 -7.32 8.67 71.48
CA LEU C 329 -6.11 9.42 71.82
C LEU C 329 -5.70 9.17 73.28
N LEU C 330 -6.69 8.94 74.13
CA LEU C 330 -6.47 8.70 75.55
C LEU C 330 -5.59 7.46 75.76
N LEU C 331 -6.02 6.31 75.24
CA LEU C 331 -5.25 5.08 75.39
C LEU C 331 -3.81 5.22 74.91
N CYS C 332 -3.55 6.24 74.11
CA CYS C 332 -2.21 6.47 73.60
C CYS C 332 -1.57 7.61 74.39
N HIS C 333 -0.92 8.55 73.70
CA HIS C 333 -0.27 9.69 74.33
C HIS C 333 -0.05 9.54 75.84
N MET D 1 10.87 -12.74 -76.73
CA MET D 1 11.20 -11.90 -75.58
C MET D 1 11.74 -10.55 -76.01
N ILE D 2 11.55 -9.55 -75.15
CA ILE D 2 12.03 -8.22 -75.42
C ILE D 2 13.24 -7.97 -74.53
N ARG D 3 14.40 -7.73 -75.12
CA ARG D 3 15.58 -7.44 -74.33
C ARG D 3 15.66 -5.91 -74.30
N LEU D 4 15.76 -5.36 -73.08
CA LEU D 4 15.76 -3.92 -72.90
C LEU D 4 16.84 -3.42 -71.96
N TYR D 5 17.02 -2.09 -71.94
CA TYR D 5 17.96 -1.42 -71.08
C TYR D 5 17.20 -0.44 -70.21
N PRO D 6 17.58 -0.33 -68.92
CA PRO D 6 16.93 0.57 -67.97
C PRO D 6 16.33 1.84 -68.57
N GLU D 7 17.06 2.44 -69.50
CA GLU D 7 16.57 3.66 -70.12
C GLU D 7 15.76 3.35 -71.37
N GLN D 8 14.96 2.29 -71.29
CA GLN D 8 14.08 1.84 -72.36
C GLN D 8 12.87 1.17 -71.73
N LEU D 9 13.02 0.79 -70.47
CA LEU D 9 11.96 0.13 -69.76
C LEU D 9 10.70 0.97 -69.78
N ARG D 10 10.73 2.12 -69.10
CA ARG D 10 9.58 3.02 -69.03
C ARG D 10 8.82 3.12 -70.34
N ALA D 11 9.52 2.99 -71.47
CA ALA D 11 8.86 3.05 -72.77
C ALA D 11 8.08 1.75 -73.01
N GLN D 12 8.78 0.66 -73.26
CA GLN D 12 8.15 -0.64 -73.52
C GLN D 12 7.41 -1.14 -72.28
N LEU D 13 6.96 -0.19 -71.46
CA LEU D 13 6.25 -0.45 -70.23
C LEU D 13 5.00 0.43 -70.23
N ASN D 14 5.03 1.44 -71.11
CA ASN D 14 3.94 2.38 -71.26
C ASN D 14 3.00 1.88 -72.35
N GLU D 15 3.57 1.16 -73.30
CA GLU D 15 2.82 0.58 -74.39
C GLU D 15 1.87 -0.49 -73.85
N GLY D 16 2.29 -1.16 -72.77
CA GLY D 16 1.45 -2.19 -72.18
C GLY D 16 2.19 -3.21 -71.33
N LEU D 17 1.76 -3.38 -70.08
CA LEU D 17 2.41 -4.33 -69.19
C LEU D 17 2.44 -5.73 -69.79
N ARG D 18 3.60 -6.38 -69.70
CA ARG D 18 3.74 -7.72 -70.18
C ARG D 18 3.24 -8.58 -69.01
N ALA D 19 3.53 -9.87 -69.04
CA ALA D 19 3.07 -10.73 -67.95
C ALA D 19 4.13 -10.97 -66.87
N ALA D 20 5.39 -10.85 -67.27
CA ALA D 20 6.48 -11.06 -66.34
C ALA D 20 7.66 -10.21 -66.74
N TYR D 21 8.46 -9.82 -65.74
CA TYR D 21 9.64 -9.01 -65.98
C TYR D 21 10.82 -9.65 -65.32
N LEU D 22 11.92 -9.73 -66.08
CA LEU D 22 13.16 -10.32 -65.59
C LEU D 22 14.22 -9.24 -65.51
N LEU D 23 14.53 -8.86 -64.29
CA LEU D 23 15.54 -7.83 -64.06
C LEU D 23 16.83 -8.60 -63.73
N LEU D 24 17.69 -8.74 -64.73
CA LEU D 24 18.93 -9.50 -64.59
C LEU D 24 20.18 -8.62 -64.64
N GLY D 25 20.97 -8.69 -63.58
CA GLY D 25 22.19 -7.89 -63.53
C GLY D 25 22.88 -7.87 -62.17
N ASN D 26 24.08 -7.31 -62.15
CA ASN D 26 24.85 -7.23 -60.93
C ASN D 26 24.71 -5.90 -60.19
N ASP D 27 24.18 -4.88 -60.87
CA ASP D 27 24.01 -3.56 -60.25
C ASP D 27 22.75 -3.45 -59.43
N PRO D 28 22.89 -3.13 -58.15
CA PRO D 28 21.77 -2.98 -57.23
C PRO D 28 20.86 -1.76 -57.39
N LEU D 29 21.40 -0.63 -57.86
CA LEU D 29 20.58 0.57 -58.06
C LEU D 29 19.62 0.32 -59.24
N LEU D 30 20.23 0.03 -60.41
CA LEU D 30 19.48 -0.28 -61.60
C LEU D 30 18.42 -1.37 -61.36
N LEU D 31 18.74 -2.41 -60.60
CA LEU D 31 17.71 -3.41 -60.36
C LEU D 31 16.53 -2.77 -59.64
N GLN D 32 16.84 -2.05 -58.56
CA GLN D 32 15.82 -1.38 -57.75
C GLN D 32 15.03 -0.34 -58.55
N GLU D 33 15.70 0.39 -59.43
CA GLU D 33 15.00 1.39 -60.21
C GLU D 33 14.00 0.70 -61.16
N SER D 34 14.48 -0.23 -61.98
CA SER D 34 13.60 -0.94 -62.85
C SER D 34 12.44 -1.63 -62.15
N GLN D 35 12.66 -2.30 -61.02
CA GLN D 35 11.50 -2.95 -60.45
C GLN D 35 10.54 -1.89 -59.94
N ASP D 36 11.02 -0.66 -59.83
CA ASP D 36 10.14 0.41 -59.36
C ASP D 36 9.38 0.97 -60.52
N ALA D 37 10.09 1.25 -61.61
CA ALA D 37 9.44 1.74 -62.82
C ALA D 37 8.23 0.84 -63.06
N VAL D 38 8.46 -0.46 -63.01
CA VAL D 38 7.39 -1.43 -63.22
C VAL D 38 6.26 -1.32 -62.21
N ARG D 39 6.54 -1.62 -60.94
CA ARG D 39 5.47 -1.58 -59.95
C ARG D 39 4.78 -0.23 -59.87
N GLN D 40 5.46 0.81 -60.36
CA GLN D 40 4.91 2.15 -60.36
C GLN D 40 3.86 2.18 -61.45
N VAL D 41 4.30 2.12 -62.70
CA VAL D 41 3.36 2.10 -63.81
C VAL D 41 2.25 1.13 -63.50
N ALA D 42 2.62 -0.05 -63.01
CA ALA D 42 1.63 -1.07 -62.67
C ALA D 42 0.65 -0.54 -61.65
N ALA D 43 1.14 -0.16 -60.48
CA ALA D 43 0.29 0.34 -59.39
C ALA D 43 -0.78 1.31 -59.90
N ALA D 44 -0.46 1.98 -61.01
CA ALA D 44 -1.38 2.92 -61.62
C ALA D 44 -2.22 2.22 -62.68
N GLN D 45 -2.73 1.03 -62.33
CA GLN D 45 -3.56 0.25 -63.24
C GLN D 45 -4.24 -0.83 -62.42
N GLY D 46 -4.48 -0.54 -61.14
CA GLY D 46 -5.16 -1.49 -60.28
C GLY D 46 -4.29 -2.39 -59.43
N PHE D 47 -3.00 -2.46 -59.75
CA PHE D 47 -2.07 -3.30 -58.99
C PHE D 47 -1.71 -2.68 -57.64
N GLU D 48 -2.61 -2.80 -56.67
CA GLU D 48 -2.34 -2.21 -55.37
C GLU D 48 -1.74 -3.19 -54.35
N GLU D 49 -1.70 -4.49 -54.67
CA GLU D 49 -1.13 -5.50 -53.75
C GLU D 49 0.25 -5.96 -54.23
N HIS D 50 1.20 -6.04 -53.31
CA HIS D 50 2.56 -6.46 -53.65
C HIS D 50 3.13 -7.44 -52.63
N HIS D 51 4.02 -8.31 -53.09
CA HIS D 51 4.65 -9.31 -52.24
C HIS D 51 6.01 -9.63 -52.80
N THR D 52 6.99 -9.78 -51.91
CA THR D 52 8.34 -10.10 -52.33
C THR D 52 8.80 -11.31 -51.57
N PHE D 53 9.45 -12.22 -52.28
CA PHE D 53 9.97 -13.43 -51.68
C PHE D 53 11.40 -13.64 -52.10
N SER D 54 12.16 -14.31 -51.24
CA SER D 54 13.55 -14.61 -51.53
C SER D 54 13.58 -16.09 -51.88
N ILE D 55 14.16 -16.42 -53.03
CA ILE D 55 14.25 -17.81 -53.44
C ILE D 55 15.58 -18.36 -52.95
N ASP D 56 15.49 -19.23 -51.94
CA ASP D 56 16.64 -19.87 -51.32
C ASP D 56 16.17 -21.28 -50.94
N PRO D 57 16.90 -21.97 -50.05
CA PRO D 57 16.43 -23.32 -49.67
C PRO D 57 15.38 -23.35 -48.55
N ASN D 58 14.66 -22.25 -48.37
CA ASN D 58 13.61 -22.16 -47.34
C ASN D 58 12.31 -21.60 -47.87
N THR D 59 12.33 -21.14 -49.12
CA THR D 59 11.16 -20.55 -49.76
C THR D 59 9.91 -21.41 -49.53
N ASP D 60 8.98 -20.89 -48.75
CA ASP D 60 7.74 -21.60 -48.47
C ASP D 60 6.86 -21.52 -49.71
N TRP D 61 7.32 -22.11 -50.81
CA TRP D 61 6.60 -22.07 -52.06
C TRP D 61 5.09 -22.19 -51.97
N ASN D 62 4.57 -22.88 -50.95
CA ASN D 62 3.12 -22.99 -50.81
C ASN D 62 2.55 -21.59 -50.83
N ALA D 63 2.86 -20.83 -49.79
CA ALA D 63 2.39 -19.46 -49.67
C ALA D 63 2.45 -18.71 -51.00
N ILE D 64 3.58 -18.80 -51.70
CA ILE D 64 3.71 -18.12 -52.99
C ILE D 64 2.61 -18.54 -53.96
N PHE D 65 2.44 -19.85 -54.09
CA PHE D 65 1.42 -20.40 -54.96
C PHE D 65 0.02 -20.02 -54.49
N SER D 66 -0.30 -20.32 -53.24
CA SER D 66 -1.60 -19.98 -52.69
C SER D 66 -1.94 -18.53 -52.99
N LEU D 67 -0.90 -17.69 -52.92
CA LEU D 67 -0.99 -16.26 -53.17
C LEU D 67 -1.54 -16.02 -54.58
N CYS D 68 -0.93 -16.66 -55.58
CA CYS D 68 -1.37 -16.52 -56.96
C CYS D 68 -2.84 -16.89 -57.15
N GLN D 69 -3.26 -17.97 -56.53
CA GLN D 69 -4.64 -18.42 -56.66
C GLN D 69 -5.61 -17.58 -55.86
N ALA D 70 -5.13 -16.52 -55.24
CA ALA D 70 -5.99 -15.68 -54.41
C ALA D 70 -6.79 -14.61 -55.16
N MET D 71 -7.92 -14.25 -54.56
CA MET D 71 -8.78 -13.22 -55.10
C MET D 71 -8.89 -12.06 -54.10
N SER D 72 -8.69 -10.84 -54.59
CA SER D 72 -8.75 -9.63 -53.78
C SER D 72 -10.16 -9.24 -53.30
N LEU D 73 -10.23 -8.77 -52.07
CA LEU D 73 -11.50 -8.36 -51.49
C LEU D 73 -11.87 -6.98 -52.03
N PHE D 74 -10.90 -6.31 -52.64
CA PHE D 74 -11.10 -4.99 -53.20
C PHE D 74 -10.70 -5.05 -54.66
N ALA D 75 -10.90 -6.22 -55.26
CA ALA D 75 -10.59 -6.52 -56.65
C ALA D 75 -9.27 -5.95 -57.16
N SER D 76 -8.36 -5.62 -56.27
CA SER D 76 -7.09 -5.06 -56.68
C SER D 76 -6.14 -6.14 -57.15
N ARG D 77 -5.55 -5.91 -58.31
CA ARG D 77 -4.61 -6.83 -58.91
C ARG D 77 -3.34 -6.88 -58.04
N GLN D 78 -2.43 -7.81 -58.30
CA GLN D 78 -1.23 -7.93 -57.47
C GLN D 78 0.09 -8.20 -58.17
N THR D 79 1.16 -7.76 -57.52
CA THR D 79 2.51 -7.97 -58.01
C THR D 79 3.23 -8.97 -57.13
N LEU D 80 4.13 -9.73 -57.75
CA LEU D 80 4.89 -10.71 -57.03
C LEU D 80 6.33 -10.57 -57.48
N LEU D 81 7.19 -10.15 -56.56
CA LEU D 81 8.60 -10.02 -56.87
C LEU D 81 9.38 -11.22 -56.31
N LEU D 82 10.22 -11.84 -57.13
CA LEU D 82 10.99 -12.97 -56.67
C LEU D 82 12.47 -12.70 -56.73
N LEU D 83 13.11 -12.89 -55.58
CA LEU D 83 14.54 -12.66 -55.43
C LEU D 83 15.34 -13.97 -55.52
N LEU D 84 15.94 -14.20 -56.68
CA LEU D 84 16.74 -15.40 -56.91
C LEU D 84 17.96 -15.48 -55.99
N PRO D 85 18.46 -16.70 -55.74
CA PRO D 85 19.64 -16.80 -54.89
C PRO D 85 20.81 -16.24 -55.68
N GLU D 86 21.89 -15.94 -54.97
CA GLU D 86 23.10 -15.36 -55.54
C GLU D 86 23.61 -16.02 -56.83
N ASN D 87 23.75 -17.34 -56.80
CA ASN D 87 24.23 -18.12 -57.94
C ASN D 87 23.29 -18.10 -59.14
N GLY D 88 22.03 -18.46 -58.90
CA GLY D 88 21.05 -18.48 -59.97
C GLY D 88 19.97 -19.49 -59.69
N PRO D 89 19.05 -19.74 -60.64
CA PRO D 89 18.01 -20.72 -60.34
C PRO D 89 18.62 -22.09 -60.07
N ASN D 90 18.39 -22.59 -58.85
CA ASN D 90 18.91 -23.90 -58.44
C ASN D 90 18.25 -24.96 -59.31
N ALA D 91 18.57 -26.22 -59.04
CA ALA D 91 18.01 -27.34 -59.79
C ALA D 91 16.59 -27.62 -59.33
N ALA D 92 16.35 -27.47 -58.03
CA ALA D 92 15.04 -27.69 -57.44
C ALA D 92 14.18 -26.46 -57.72
N ILE D 93 14.83 -25.30 -57.66
CA ILE D 93 14.16 -24.04 -57.91
C ILE D 93 13.56 -24.04 -59.30
N ASN D 94 14.28 -24.60 -60.28
CA ASN D 94 13.78 -24.67 -61.65
C ASN D 94 12.41 -25.36 -61.67
N GLU D 95 12.18 -26.25 -60.71
CA GLU D 95 10.92 -26.97 -60.63
C GLU D 95 9.80 -26.02 -60.21
N GLN D 96 9.88 -25.54 -58.98
CA GLN D 96 8.89 -24.62 -58.42
C GLN D 96 8.56 -23.46 -59.37
N LEU D 97 9.61 -22.87 -59.93
CA LEU D 97 9.41 -21.76 -60.86
C LEU D 97 8.48 -22.24 -61.97
N LEU D 98 8.82 -23.39 -62.54
CA LEU D 98 8.03 -23.99 -63.61
C LEU D 98 6.56 -24.04 -63.21
N THR D 99 6.28 -24.62 -62.05
CA THR D 99 4.91 -24.71 -61.55
C THR D 99 4.24 -23.35 -61.62
N LEU D 100 4.91 -22.37 -61.04
CA LEU D 100 4.44 -21.00 -60.96
C LEU D 100 4.27 -20.31 -62.31
N THR D 101 5.19 -20.53 -63.24
CA THR D 101 5.06 -19.90 -64.55
C THR D 101 3.77 -20.42 -65.19
N GLY D 102 3.09 -21.31 -64.47
CA GLY D 102 1.85 -21.87 -64.95
C GLY D 102 0.67 -21.33 -64.18
N LEU D 103 0.93 -20.79 -63.00
CA LEU D 103 -0.13 -20.21 -62.18
C LEU D 103 -0.27 -18.73 -62.50
N LEU D 104 0.57 -18.23 -63.40
CA LEU D 104 0.53 -16.83 -63.78
C LEU D 104 -0.76 -16.43 -64.49
N HIS D 105 -1.80 -16.04 -63.75
CA HIS D 105 -3.02 -15.63 -64.41
C HIS D 105 -2.91 -14.20 -64.89
N ASP D 106 -3.96 -13.40 -64.69
CA ASP D 106 -3.91 -12.04 -65.19
C ASP D 106 -3.75 -10.90 -64.18
N ASP D 107 -4.54 -10.91 -63.11
CA ASP D 107 -4.40 -9.88 -62.10
C ASP D 107 -3.20 -10.28 -61.26
N LEU D 108 -2.09 -10.55 -61.94
CA LEU D 108 -0.86 -10.97 -61.27
C LEU D 108 0.36 -10.78 -62.15
N LEU D 109 1.05 -9.65 -61.96
CA LEU D 109 2.26 -9.36 -62.69
C LEU D 109 3.38 -10.09 -61.95
N LEU D 110 4.48 -10.39 -62.63
CA LEU D 110 5.55 -11.11 -61.95
C LEU D 110 6.90 -10.58 -62.30
N ILE D 111 7.71 -10.37 -61.27
CA ILE D 111 9.06 -9.88 -61.51
C ILE D 111 10.07 -10.81 -60.88
N VAL D 112 11.16 -11.03 -61.61
CA VAL D 112 12.23 -11.90 -61.17
C VAL D 112 13.50 -11.11 -61.26
N ARG D 113 14.17 -11.03 -60.11
CA ARG D 113 15.40 -10.26 -59.98
C ARG D 113 16.62 -11.14 -59.70
N GLY D 114 17.71 -10.91 -60.42
CA GLY D 114 18.92 -11.70 -60.20
C GLY D 114 20.06 -11.34 -61.12
N ASN D 115 21.12 -12.16 -61.13
CA ASN D 115 22.26 -11.91 -61.99
C ASN D 115 22.07 -12.62 -63.33
N LYS D 116 22.86 -12.22 -64.32
CA LYS D 116 22.80 -12.82 -65.64
C LYS D 116 22.49 -14.30 -65.46
N LEU D 117 21.39 -14.77 -66.05
CA LEU D 117 21.01 -16.17 -65.90
C LEU D 117 22.15 -17.10 -66.31
N SER D 118 22.62 -17.95 -65.37
CA SER D 118 23.73 -18.90 -65.59
C SER D 118 23.67 -19.41 -67.02
N LYS D 119 24.66 -19.02 -67.81
CA LYS D 119 24.70 -19.35 -69.23
C LYS D 119 23.82 -20.43 -69.85
N ALA D 120 23.69 -21.63 -69.29
CA ALA D 120 22.77 -22.49 -70.02
C ALA D 120 21.42 -22.59 -69.30
N GLN D 121 21.26 -21.83 -68.21
CA GLN D 121 20.05 -21.85 -67.40
C GLN D 121 18.87 -21.14 -68.01
N GLU D 122 19.05 -20.54 -69.19
CA GLU D 122 17.94 -19.88 -69.88
C GLU D 122 17.24 -20.95 -70.71
N ASN D 123 17.63 -22.19 -70.44
CA ASN D 123 17.06 -23.35 -71.11
C ASN D 123 16.11 -24.02 -70.13
N ALA D 124 16.23 -23.65 -68.87
CA ALA D 124 15.38 -24.21 -67.82
C ALA D 124 13.93 -24.19 -68.25
N ALA D 125 13.14 -25.08 -67.67
CA ALA D 125 11.72 -25.19 -67.99
C ALA D 125 11.01 -23.85 -67.90
N TRP D 126 10.88 -23.35 -66.68
CA TRP D 126 10.21 -22.08 -66.40
C TRP D 126 10.61 -20.94 -67.33
N PHE D 127 11.91 -20.76 -67.57
CA PHE D 127 12.34 -19.66 -68.43
C PHE D 127 11.62 -19.68 -69.76
N THR D 128 11.96 -20.66 -70.59
CA THR D 128 11.34 -20.80 -71.90
C THR D 128 9.82 -20.66 -71.85
N ALA D 129 9.23 -20.99 -70.71
CA ALA D 129 7.79 -20.87 -70.55
C ALA D 129 7.37 -19.42 -70.71
N LEU D 130 8.18 -18.50 -70.18
CA LEU D 130 7.90 -17.07 -70.23
C LEU D 130 8.54 -16.35 -71.42
N ALA D 131 9.73 -16.81 -71.80
CA ALA D 131 10.51 -16.20 -72.88
C ALA D 131 9.86 -15.29 -73.94
N ASN D 132 8.64 -15.58 -74.44
CA ASN D 132 8.04 -14.66 -75.44
C ASN D 132 6.86 -13.92 -74.86
N ARG D 133 6.56 -14.22 -73.61
CA ARG D 133 5.43 -13.64 -72.94
C ARG D 133 5.93 -12.79 -71.78
N SER D 134 7.12 -12.21 -72.00
CA SER D 134 7.77 -11.40 -70.98
C SER D 134 8.73 -10.35 -71.51
N VAL D 135 9.31 -9.59 -70.58
CA VAL D 135 10.28 -8.56 -70.90
C VAL D 135 11.51 -8.78 -70.02
N GLN D 136 12.69 -8.50 -70.59
CA GLN D 136 13.94 -8.68 -69.86
C GLN D 136 14.73 -7.38 -69.78
N VAL D 137 15.01 -6.95 -68.56
CA VAL D 137 15.78 -5.73 -68.36
C VAL D 137 17.17 -6.12 -67.90
N THR D 138 18.19 -5.61 -68.58
CA THR D 138 19.58 -5.90 -68.25
C THR D 138 20.16 -4.76 -67.42
N CYS D 139 20.30 -5.02 -66.12
CA CYS D 139 20.81 -4.03 -65.18
C CYS D 139 22.26 -4.28 -64.82
N GLN D 140 23.18 -3.99 -65.70
CA GLN D 140 24.60 -4.23 -65.34
C GLN D 140 25.29 -2.92 -64.80
N THR D 141 26.27 -3.01 -63.88
CA THR D 141 26.95 -1.77 -63.33
C THR D 141 27.82 -1.28 -64.45
N PRO D 142 27.71 -0.02 -64.78
CA PRO D 142 28.54 0.43 -65.90
C PRO D 142 29.93 0.40 -65.28
N GLU D 143 30.95 0.90 -65.96
CA GLU D 143 32.26 0.88 -65.33
C GLU D 143 33.16 2.00 -65.84
N GLN D 144 34.44 1.91 -65.50
CA GLN D 144 35.43 2.92 -65.87
C GLN D 144 35.11 3.98 -66.91
N ALA D 145 35.10 3.62 -68.18
CA ALA D 145 34.82 4.64 -69.20
C ALA D 145 33.35 5.06 -69.20
N GLN D 146 32.48 4.07 -69.14
CA GLN D 146 31.05 4.29 -69.17
C GLN D 146 30.46 4.92 -67.92
N LEU D 147 31.19 4.91 -66.81
CA LEU D 147 30.68 5.50 -65.57
C LEU D 147 30.47 7.00 -65.66
N PRO D 148 31.45 7.73 -66.22
CA PRO D 148 31.25 9.18 -66.32
C PRO D 148 29.91 9.55 -66.95
N ARG D 149 29.71 9.21 -68.21
CA ARG D 149 28.45 9.58 -68.85
C ARG D 149 27.24 9.14 -68.03
N TRP D 150 27.31 8.01 -67.36
CA TRP D 150 26.18 7.59 -66.54
C TRP D 150 25.91 8.66 -65.50
N VAL D 151 26.97 9.29 -65.01
CA VAL D 151 26.83 10.35 -64.01
C VAL D 151 26.42 11.63 -64.72
N ALA D 152 27.16 11.99 -65.76
CA ALA D 152 26.86 13.18 -66.53
C ALA D 152 25.36 13.19 -66.80
N ALA D 153 24.86 12.06 -67.29
CA ALA D 153 23.43 11.90 -67.59
C ALA D 153 22.64 12.14 -66.32
N ARG D 154 22.70 11.19 -65.39
CA ARG D 154 22.00 11.27 -64.12
C ARG D 154 21.92 12.70 -63.59
N ALA D 155 23.02 13.43 -63.68
CA ALA D 155 23.06 14.81 -63.23
C ALA D 155 22.02 15.59 -64.01
N LYS D 156 22.17 15.57 -65.33
CA LYS D 156 21.27 16.26 -66.25
C LYS D 156 19.80 15.98 -65.96
N GLN D 157 19.43 14.71 -65.83
CA GLN D 157 18.03 14.40 -65.56
C GLN D 157 17.61 14.85 -64.16
N LEU D 158 18.50 15.59 -63.52
CA LEU D 158 18.23 16.15 -62.20
C LEU D 158 18.35 17.66 -62.35
N ASN D 159 18.62 18.08 -63.58
CA ASN D 159 18.76 19.48 -63.89
C ASN D 159 19.90 20.11 -63.10
N LEU D 160 21.07 19.47 -63.17
CA LEU D 160 22.26 19.95 -62.49
C LEU D 160 23.34 20.29 -63.50
N GLU D 161 24.19 21.24 -63.14
CA GLU D 161 25.25 21.71 -64.03
C GLU D 161 26.67 21.23 -63.71
N LEU D 162 26.78 19.93 -63.43
CA LEU D 162 28.04 19.25 -63.10
C LEU D 162 29.17 19.60 -64.07
N ASP D 163 30.37 19.90 -63.55
CA ASP D 163 31.49 20.24 -64.42
C ASP D 163 32.18 18.99 -64.93
N ASP D 164 32.81 19.09 -66.08
CA ASP D 164 33.51 17.96 -66.67
C ASP D 164 34.44 17.38 -65.61
N ALA D 165 35.31 18.23 -65.07
CA ALA D 165 36.27 17.83 -64.05
C ALA D 165 35.61 17.19 -62.82
N ALA D 166 34.70 17.92 -62.18
CA ALA D 166 34.02 17.42 -60.99
C ALA D 166 33.35 16.07 -61.20
N ASN D 167 32.92 15.80 -62.43
CA ASN D 167 32.27 14.54 -62.74
C ASN D 167 33.29 13.43 -62.53
N GLN D 168 34.48 13.64 -63.10
CA GLN D 168 35.56 12.69 -62.98
C GLN D 168 35.91 12.43 -61.50
N VAL D 169 36.02 13.51 -60.72
CA VAL D 169 36.32 13.37 -59.30
C VAL D 169 35.34 12.41 -58.66
N LEU D 170 34.05 12.74 -58.72
CA LEU D 170 32.99 11.89 -58.17
C LEU D 170 33.19 10.46 -58.63
N CYS D 171 33.60 10.30 -59.88
CA CYS D 171 33.82 8.99 -60.44
C CYS D 171 35.00 8.29 -59.80
N TYR D 172 36.05 9.03 -59.49
CA TYR D 172 37.23 8.45 -58.87
C TYR D 172 37.02 7.92 -57.45
N CYS D 173 36.25 8.63 -56.63
CA CYS D 173 36.03 8.22 -55.25
C CYS D 173 34.86 7.30 -54.93
N TYR D 174 33.87 7.23 -55.82
CA TYR D 174 32.72 6.38 -55.58
C TYR D 174 32.70 5.28 -56.64
N GLU D 175 33.65 5.39 -57.56
CA GLU D 175 33.80 4.47 -58.67
C GLU D 175 33.25 3.07 -58.45
N GLY D 176 32.21 2.73 -59.21
CA GLY D 176 31.61 1.43 -59.12
C GLY D 176 30.35 1.37 -58.27
N ASN D 177 30.20 2.35 -57.37
CA ASN D 177 29.03 2.39 -56.50
C ASN D 177 28.01 3.43 -56.95
N LEU D 178 27.01 2.98 -57.71
CA LEU D 178 25.98 3.88 -58.20
C LEU D 178 25.17 4.57 -57.10
N LEU D 179 24.78 3.81 -56.07
CA LEU D 179 24.00 4.39 -54.97
C LEU D 179 24.70 5.57 -54.33
N ALA D 180 26.02 5.48 -54.16
CA ALA D 180 26.78 6.54 -53.55
C ALA D 180 26.77 7.78 -54.45
N LEU D 181 27.07 7.57 -55.73
CA LEU D 181 27.08 8.67 -56.70
C LEU D 181 25.71 9.34 -56.77
N ALA D 182 24.66 8.52 -56.73
CA ALA D 182 23.31 9.04 -56.78
C ALA D 182 23.09 9.92 -55.57
N GLN D 183 23.05 9.30 -54.39
CA GLN D 183 22.83 10.04 -53.16
C GLN D 183 23.81 11.20 -53.00
N ALA D 184 25.00 11.08 -53.59
CA ALA D 184 25.96 12.15 -53.51
C ALA D 184 25.26 13.34 -54.16
N LEU D 185 24.97 13.20 -55.45
CA LEU D 185 24.29 14.24 -56.22
C LEU D 185 23.05 14.78 -55.52
N GLU D 186 22.17 13.88 -55.09
CA GLU D 186 20.95 14.30 -54.39
C GLU D 186 21.34 15.31 -53.32
N ARG D 187 22.41 14.99 -52.60
CA ARG D 187 22.91 15.80 -51.50
C ARG D 187 23.47 17.16 -51.92
N LEU D 188 24.45 17.19 -52.81
CA LEU D 188 25.00 18.47 -53.25
C LEU D 188 23.85 19.32 -53.75
N SER D 189 22.89 18.65 -54.38
CA SER D 189 21.71 19.30 -54.92
C SER D 189 21.04 20.21 -53.89
N LEU D 190 20.81 19.68 -52.69
CA LEU D 190 20.19 20.44 -51.61
C LEU D 190 21.14 21.48 -51.01
N LEU D 191 22.43 21.18 -51.04
CA LEU D 191 23.42 22.10 -50.49
C LEU D 191 23.60 23.31 -51.38
N TRP D 192 23.14 23.20 -52.62
CA TRP D 192 23.25 24.31 -53.56
C TRP D 192 22.07 24.34 -54.52
N PRO D 193 20.99 25.03 -54.14
CA PRO D 193 19.79 25.14 -54.98
C PRO D 193 20.26 25.84 -56.24
N ASP D 194 21.42 26.49 -56.08
CA ASP D 194 22.09 27.20 -57.15
C ASP D 194 22.12 26.28 -58.36
N GLY D 195 22.39 25.00 -58.09
CA GLY D 195 22.42 23.99 -59.14
C GLY D 195 23.76 23.72 -59.78
N LYS D 196 24.77 24.54 -59.48
CA LYS D 196 26.08 24.37 -60.09
C LYS D 196 27.12 23.61 -59.26
N LEU D 197 27.27 22.32 -59.57
CA LEU D 197 28.23 21.47 -58.89
C LEU D 197 29.60 21.62 -59.50
N THR D 198 30.35 22.62 -59.05
CA THR D 198 31.68 22.87 -59.57
C THR D 198 32.69 21.95 -58.90
N LEU D 199 33.88 21.85 -59.48
CA LEU D 199 34.91 21.00 -58.91
C LEU D 199 35.05 21.26 -57.42
N PRO D 200 35.33 22.52 -57.02
CA PRO D 200 35.48 22.87 -55.61
C PRO D 200 34.36 22.31 -54.73
N ARG D 201 33.13 22.59 -55.12
CA ARG D 201 31.96 22.16 -54.38
C ARG D 201 31.91 20.66 -54.19
N VAL D 202 32.28 19.91 -55.22
CA VAL D 202 32.28 18.46 -55.11
C VAL D 202 33.45 18.07 -54.22
N GLU D 203 34.63 18.63 -54.52
CA GLU D 203 35.83 18.36 -53.72
C GLU D 203 35.41 18.41 -52.27
N GLN D 204 35.13 19.64 -51.85
CA GLN D 204 34.70 20.00 -50.50
C GLN D 204 33.51 19.15 -50.03
N ALA D 205 33.28 18.02 -50.70
CA ALA D 205 32.20 17.12 -50.34
C ALA D 205 32.74 15.70 -50.28
N VAL D 206 33.75 15.43 -51.10
CA VAL D 206 34.39 14.12 -51.13
C VAL D 206 35.21 13.98 -49.85
N ASN D 207 36.30 14.74 -49.79
CA ASN D 207 37.17 14.71 -48.63
C ASN D 207 36.51 15.32 -47.41
N ASP D 208 35.55 16.22 -47.62
CA ASP D 208 34.84 16.83 -46.51
C ASP D 208 33.73 15.86 -46.11
N ALA D 209 34.00 14.57 -46.33
CA ALA D 209 33.07 13.51 -46.00
C ALA D 209 33.78 12.39 -45.23
N THR D 213 42.48 4.66 -42.99
CA THR D 213 41.98 3.82 -41.90
C THR D 213 42.50 2.39 -42.07
N PRO D 214 43.83 2.23 -42.21
CA PRO D 214 44.47 0.93 -42.37
C PRO D 214 43.98 -0.18 -41.45
N PHE D 215 43.30 0.19 -40.37
CA PHE D 215 42.83 -0.82 -39.43
C PHE D 215 41.41 -1.30 -39.69
N HIS D 216 40.58 -0.45 -40.32
CA HIS D 216 39.21 -0.85 -40.65
C HIS D 216 39.36 -2.08 -41.53
N TRP D 217 40.37 -2.03 -42.39
CA TRP D 217 40.69 -3.11 -43.31
C TRP D 217 40.95 -4.42 -42.56
N VAL D 218 42.03 -4.44 -41.79
CA VAL D 218 42.39 -5.63 -41.02
C VAL D 218 41.27 -6.12 -40.12
N ASP D 219 40.64 -5.21 -39.37
CA ASP D 219 39.56 -5.59 -38.47
C ASP D 219 38.39 -6.20 -39.24
N ALA D 220 38.52 -6.24 -40.56
CA ALA D 220 37.51 -6.80 -41.43
C ALA D 220 38.12 -7.97 -42.19
N LEU D 221 39.44 -7.87 -42.41
CA LEU D 221 40.19 -8.90 -43.12
C LEU D 221 40.39 -10.04 -42.14
N LEU D 222 39.79 -9.93 -40.96
CA LEU D 222 39.89 -10.97 -39.95
C LEU D 222 39.06 -12.10 -40.56
N MET D 223 39.30 -12.31 -41.84
CA MET D 223 38.62 -13.30 -42.66
C MET D 223 37.17 -12.93 -42.80
N GLY D 224 36.83 -11.75 -42.29
CA GLY D 224 35.46 -11.28 -42.39
C GLY D 224 35.13 -11.30 -43.87
N LYS D 225 33.86 -11.08 -44.20
CA LYS D 225 33.45 -11.09 -45.59
C LYS D 225 34.47 -10.40 -46.50
N SER D 226 35.19 -11.20 -47.28
CA SER D 226 36.20 -10.69 -48.20
C SER D 226 35.55 -9.75 -49.22
N LYS D 227 34.22 -9.78 -49.24
CA LYS D 227 33.43 -8.94 -50.13
C LYS D 227 33.76 -7.48 -49.82
N ARG D 228 33.35 -7.07 -48.64
CA ARG D 228 33.55 -5.71 -48.14
C ARG D 228 35.02 -5.44 -47.82
N ALA D 229 35.74 -6.49 -47.41
CA ALA D 229 37.14 -6.37 -47.06
C ALA D 229 37.95 -5.67 -48.16
N LEU D 230 37.67 -6.02 -49.41
CA LEU D 230 38.38 -5.42 -50.54
C LEU D 230 37.84 -4.03 -50.85
N HIS D 231 36.69 -3.71 -50.28
CA HIS D 231 36.06 -2.41 -50.47
C HIS D 231 36.95 -1.35 -49.84
N ILE D 232 37.19 -1.50 -48.56
CA ILE D 232 38.02 -0.60 -47.76
C ILE D 232 39.25 -0.08 -48.51
N LEU D 233 40.10 -0.99 -48.95
CA LEU D 233 41.33 -0.68 -49.68
C LEU D 233 41.23 0.50 -50.64
N GLN D 234 40.24 0.49 -51.53
CA GLN D 234 40.06 1.56 -52.49
C GLN D 234 40.04 2.91 -51.77
N GLN D 235 39.14 3.01 -50.78
CA GLN D 235 39.01 4.22 -49.99
C GLN D 235 40.37 4.70 -49.51
N LEU D 236 41.22 3.75 -49.13
CA LEU D 236 42.56 4.05 -48.65
C LEU D 236 43.45 4.66 -49.72
N ARG D 237 43.62 3.95 -50.83
CA ARG D 237 44.47 4.45 -51.91
C ARG D 237 44.04 5.85 -52.35
N LEU D 238 42.81 6.23 -52.03
CA LEU D 238 42.29 7.54 -52.39
C LEU D 238 42.92 8.59 -51.48
N GLU D 239 42.69 8.45 -50.18
CA GLU D 239 43.21 9.37 -49.17
C GLU D 239 44.70 9.63 -49.35
N GLY D 240 45.38 8.71 -50.04
CA GLY D 240 46.81 8.85 -50.23
C GLY D 240 47.52 8.22 -49.05
N SER D 241 46.87 7.23 -48.45
CA SER D 241 47.40 6.53 -47.30
C SER D 241 48.47 5.49 -47.63
N GLU D 242 49.73 5.89 -47.47
CA GLU D 242 50.89 5.05 -47.72
C GLU D 242 50.64 3.56 -47.45
N PRO D 243 50.88 2.70 -48.45
CA PRO D 243 50.68 1.25 -48.33
C PRO D 243 51.53 0.60 -47.24
N VAL D 244 52.76 1.08 -47.08
CA VAL D 244 53.67 0.56 -46.06
C VAL D 244 52.92 0.32 -44.75
N ILE D 245 52.25 1.37 -44.28
CA ILE D 245 51.47 1.31 -43.05
C ILE D 245 50.46 0.19 -43.08
N LEU D 246 49.81 0.01 -44.25
CA LEU D 246 48.83 -1.04 -44.41
C LEU D 246 49.50 -2.39 -44.25
N LEU D 247 50.68 -2.50 -44.83
CA LEU D 247 51.45 -3.74 -44.74
C LEU D 247 51.75 -3.99 -43.27
N ARG D 248 52.39 -3.03 -42.62
CA ARG D 248 52.73 -3.15 -41.21
C ARG D 248 51.51 -3.39 -40.33
N THR D 249 50.47 -2.59 -40.52
CA THR D 249 49.24 -2.74 -39.74
C THR D 249 48.76 -4.18 -39.71
N LEU D 250 48.89 -4.88 -40.84
CA LEU D 250 48.47 -6.28 -40.94
C LEU D 250 49.57 -7.19 -40.40
N GLN D 251 50.80 -6.89 -40.77
CA GLN D 251 51.95 -7.67 -40.35
C GLN D 251 51.89 -7.92 -38.84
N ARG D 252 51.97 -6.84 -38.07
CA ARG D 252 51.92 -6.92 -36.62
C ARG D 252 50.73 -7.74 -36.16
N GLU D 253 49.61 -7.62 -36.87
CA GLU D 253 48.40 -8.34 -36.52
C GLU D 253 48.47 -9.79 -36.97
N LEU D 254 49.20 -10.05 -38.04
CA LEU D 254 49.37 -11.40 -38.54
C LEU D 254 50.36 -12.07 -37.59
N LEU D 255 51.40 -11.33 -37.24
CA LEU D 255 52.42 -11.80 -36.32
C LEU D 255 51.79 -12.14 -34.97
N LEU D 256 50.54 -11.74 -34.79
CA LEU D 256 49.82 -12.02 -33.55
C LEU D 256 49.18 -13.39 -33.68
N LEU D 257 48.53 -13.63 -34.82
CA LEU D 257 47.86 -14.89 -35.09
C LEU D 257 48.88 -16.02 -35.17
N VAL D 258 50.12 -15.67 -35.54
CA VAL D 258 51.19 -16.65 -35.65
C VAL D 258 51.52 -17.23 -34.29
N ASN D 259 51.70 -16.36 -33.29
CA ASN D 259 52.00 -16.82 -31.93
C ASN D 259 50.73 -17.52 -31.44
N LEU D 260 49.60 -16.90 -31.72
CA LEU D 260 48.29 -17.42 -31.33
C LEU D 260 48.00 -18.71 -32.10
N LYS D 261 49.05 -19.29 -32.68
CA LYS D 261 48.92 -20.52 -33.44
C LYS D 261 49.87 -21.55 -32.84
N ARG D 262 51.11 -21.10 -32.57
CA ARG D 262 52.13 -21.97 -31.99
C ARG D 262 51.92 -22.12 -30.48
N GLN D 263 51.81 -21.00 -29.78
CA GLN D 263 51.62 -21.03 -28.32
C GLN D 263 50.22 -21.45 -27.90
N SER D 264 49.44 -21.97 -28.85
CA SER D 264 48.09 -22.43 -28.53
C SER D 264 48.20 -23.86 -28.01
N ALA D 265 49.34 -24.16 -27.42
CA ALA D 265 49.63 -25.48 -26.85
C ALA D 265 50.23 -25.32 -25.46
N HIS D 266 51.16 -24.36 -25.32
CA HIS D 266 51.81 -24.10 -24.05
C HIS D 266 50.87 -23.30 -23.13
N THR D 267 51.05 -21.98 -23.11
CA THR D 267 50.21 -21.12 -22.27
C THR D 267 48.80 -21.10 -22.88
N PRO D 268 47.76 -21.28 -22.05
CA PRO D 268 46.38 -21.28 -22.54
C PRO D 268 46.07 -20.05 -23.42
N LEU D 269 44.92 -20.07 -24.07
CA LEU D 269 44.53 -18.96 -24.93
C LEU D 269 43.88 -17.84 -24.13
N ARG D 270 43.20 -18.20 -23.04
CA ARG D 270 42.54 -17.21 -22.19
C ARG D 270 43.54 -16.57 -21.23
N ALA D 271 44.81 -16.51 -21.63
CA ALA D 271 45.84 -15.93 -20.78
C ALA D 271 46.86 -15.13 -21.59
N LEU D 272 47.07 -15.54 -22.83
CA LEU D 272 48.03 -14.85 -23.69
C LEU D 272 47.53 -13.41 -23.86
N PHE D 273 46.31 -13.17 -23.38
CA PHE D 273 45.68 -11.85 -23.43
C PHE D 273 46.55 -10.81 -22.75
N ASP D 274 47.01 -11.13 -21.55
CA ASP D 274 47.84 -10.22 -20.77
C ASP D 274 49.30 -10.69 -20.77
N LYS D 275 49.66 -11.53 -21.74
CA LYS D 275 51.01 -12.04 -21.85
C LYS D 275 51.85 -10.99 -22.57
N HIS D 276 51.30 -10.46 -23.65
CA HIS D 276 51.97 -9.44 -24.43
C HIS D 276 51.17 -8.14 -24.27
N ARG D 277 49.99 -8.28 -23.66
CA ARG D 277 49.08 -7.17 -23.38
C ARG D 277 48.29 -6.63 -24.58
N VAL D 278 48.35 -7.34 -25.70
CA VAL D 278 47.64 -6.92 -26.91
C VAL D 278 46.26 -7.56 -27.06
N TRP D 279 45.48 -7.53 -25.99
CA TRP D 279 44.13 -8.11 -26.00
C TRP D 279 43.09 -7.00 -25.83
N ARG D 282 40.63 -6.72 -27.74
CA ARG D 282 41.04 -7.61 -28.82
C ARG D 282 41.12 -9.01 -28.28
N ARG D 283 40.26 -9.21 -27.30
CA ARG D 283 40.00 -10.50 -26.68
C ARG D 283 38.76 -11.10 -27.34
N GLY D 284 38.74 -11.03 -28.66
CA GLY D 284 37.63 -11.55 -29.43
C GLY D 284 37.75 -11.14 -30.88
N MET D 285 38.75 -10.31 -31.19
CA MET D 285 38.97 -9.83 -32.55
C MET D 285 39.80 -10.80 -33.39
N MET D 286 41.09 -10.88 -33.12
CA MET D 286 41.99 -11.76 -33.87
C MET D 286 42.04 -13.18 -33.32
N GLY D 287 40.89 -13.83 -33.28
CA GLY D 287 40.82 -15.19 -32.77
C GLY D 287 40.23 -16.17 -33.76
N GLU D 288 39.16 -15.77 -34.43
CA GLU D 288 38.50 -16.65 -35.39
C GLU D 288 39.47 -17.06 -36.51
N ALA D 289 40.41 -16.19 -36.83
CA ALA D 289 41.40 -16.47 -37.87
C ALA D 289 42.27 -17.64 -37.48
N LEU D 290 42.48 -17.80 -36.18
CA LEU D 290 43.31 -18.88 -35.64
C LEU D 290 42.70 -20.25 -35.86
N ASN D 291 41.80 -20.35 -36.84
CA ASN D 291 41.15 -21.60 -37.16
C ASN D 291 40.82 -21.70 -38.64
N ARG D 292 40.08 -20.73 -39.17
CA ARG D 292 39.74 -20.74 -40.59
C ARG D 292 41.02 -20.51 -41.39
N LEU D 293 42.10 -20.23 -40.68
CA LEU D 293 43.40 -20.01 -41.29
C LEU D 293 44.33 -21.08 -40.71
N SER D 294 45.34 -21.50 -41.48
CA SER D 294 46.24 -22.54 -41.01
C SER D 294 47.70 -22.15 -40.78
N GLN D 295 48.42 -23.01 -40.08
CA GLN D 295 49.83 -22.83 -39.76
C GLN D 295 50.62 -22.31 -40.97
N THR D 296 50.28 -22.83 -42.15
CA THR D 296 50.95 -22.49 -43.39
C THR D 296 50.95 -21.01 -43.79
N GLN D 297 49.95 -20.61 -44.58
CA GLN D 297 49.84 -19.23 -45.05
C GLN D 297 50.22 -18.27 -43.94
N LEU D 298 49.51 -18.37 -42.82
CA LEU D 298 49.73 -17.53 -41.65
C LEU D 298 51.19 -17.13 -41.52
N ARG D 299 52.08 -18.04 -41.91
CA ARG D 299 53.53 -17.78 -41.85
C ARG D 299 54.06 -17.14 -43.13
N GLN D 300 53.75 -17.74 -44.27
CA GLN D 300 54.22 -17.20 -45.54
C GLN D 300 53.58 -15.84 -45.79
N ALA D 301 52.40 -15.65 -45.21
CA ALA D 301 51.71 -14.38 -45.35
C ALA D 301 52.65 -13.34 -44.77
N VAL D 302 53.22 -13.66 -43.61
CA VAL D 302 54.18 -12.78 -42.95
C VAL D 302 55.37 -12.62 -43.89
N GLN D 303 55.64 -13.66 -44.68
CA GLN D 303 56.74 -13.64 -45.64
C GLN D 303 56.42 -12.71 -46.79
N LEU D 304 55.28 -12.94 -47.45
CA LEU D 304 54.88 -12.12 -48.58
C LEU D 304 54.71 -10.69 -48.16
N LEU D 305 54.21 -10.50 -46.95
CA LEU D 305 54.01 -9.16 -46.43
C LEU D 305 55.38 -8.52 -46.28
N THR D 306 56.40 -9.35 -46.08
CA THR D 306 57.77 -8.87 -45.95
C THR D 306 58.38 -8.87 -47.34
N ARG D 307 57.76 -9.64 -48.23
CA ARG D 307 58.22 -9.75 -49.61
C ARG D 307 58.00 -8.45 -50.35
N THR D 308 57.14 -7.59 -49.79
CA THR D 308 56.85 -6.30 -50.40
C THR D 308 57.57 -5.15 -49.69
N GLU D 309 57.66 -5.24 -48.36
CA GLU D 309 58.36 -4.21 -47.59
C GLU D 309 59.75 -4.09 -48.17
N LEU D 310 60.29 -5.23 -48.61
CA LEU D 310 61.63 -5.27 -49.21
C LEU D 310 61.53 -4.60 -50.57
N THR D 311 60.53 -5.03 -51.33
CA THR D 311 60.27 -4.53 -52.68
C THR D 311 60.16 -3.01 -52.66
N LEU D 312 59.73 -2.48 -51.52
CA LEU D 312 59.60 -1.04 -51.36
C LEU D 312 60.99 -0.45 -51.21
N LYS D 313 61.99 -1.33 -51.11
CA LYS D 313 63.39 -0.94 -50.96
C LYS D 313 64.26 -1.39 -52.15
N GLN D 314 63.71 -2.23 -53.01
CA GLN D 314 64.46 -2.68 -54.18
C GLN D 314 63.68 -2.41 -55.46
N ASP D 315 62.36 -2.33 -55.29
CA ASP D 315 61.47 -2.05 -56.35
C ASP D 315 60.60 -0.84 -56.06
N TYR D 316 60.93 -0.18 -54.95
CA TYR D 316 60.17 0.95 -54.41
C TYR D 316 59.11 1.67 -55.22
N GLY D 317 58.15 2.12 -54.43
CA GLY D 317 56.99 2.91 -54.80
C GLY D 317 56.19 2.52 -56.02
N GLN D 318 55.79 1.27 -56.16
CA GLN D 318 55.03 0.93 -57.35
C GLN D 318 53.55 0.70 -57.00
N ALA D 322 47.73 -3.94 -55.97
CA ALA D 322 47.09 -5.13 -56.55
C ALA D 322 47.36 -6.34 -55.64
N GLU D 323 48.58 -6.37 -55.11
CA GLU D 323 49.06 -7.39 -54.19
C GLU D 323 48.32 -7.38 -52.88
N LEU D 324 48.10 -6.20 -52.31
CA LEU D 324 47.36 -6.08 -51.06
C LEU D 324 45.98 -6.62 -51.35
N GLU D 325 45.53 -6.38 -52.58
CA GLU D 325 44.24 -6.84 -53.04
C GLU D 325 44.27 -8.35 -53.20
N GLY D 326 45.41 -8.86 -53.68
CA GLY D 326 45.55 -10.29 -53.86
C GLY D 326 45.68 -10.98 -52.51
N LEU D 327 46.79 -10.71 -51.83
CA LEU D 327 47.07 -11.31 -50.52
C LEU D 327 45.90 -11.19 -49.56
N SER D 328 45.11 -10.12 -49.69
CA SER D 328 43.96 -9.94 -48.81
C SER D 328 42.93 -11.03 -49.11
N LEU D 329 42.71 -11.28 -50.39
CA LEU D 329 41.78 -12.32 -50.81
C LEU D 329 42.28 -13.67 -50.36
N LEU D 330 43.60 -13.82 -50.38
CA LEU D 330 44.28 -15.05 -49.98
C LEU D 330 44.02 -15.43 -48.52
N LEU D 331 43.66 -14.45 -47.71
CA LEU D 331 43.41 -14.68 -46.30
C LEU D 331 41.94 -14.99 -46.03
N CYS D 332 41.26 -15.50 -47.05
CA CYS D 332 39.84 -15.84 -46.95
C CYS D 332 39.51 -17.19 -47.59
N HIS D 333 40.38 -17.65 -48.48
CA HIS D 333 40.19 -18.94 -49.15
C HIS D 333 41.38 -19.87 -48.88
#